data_7M19
#
_entry.id   7M19
#
_cell.length_a   1.00
_cell.length_b   1.00
_cell.length_c   1.00
_cell.angle_alpha   90.00
_cell.angle_beta   90.00
_cell.angle_gamma   90.00
#
_symmetry.space_group_name_H-M   'P 1'
#
loop_
_entity.id
_entity.type
_entity.pdbx_description
1 polymer 'Volume-regulated anion channel subunit LRRC8A'
2 non-polymer 1,2-dioleoyl-sn-glycero-3-phosphoethanolamine
3 non-polymer '7-{[(2S)-2-butyl-6,7-dichloro-2-cyclopentyl-1-oxo-2,3-dihydro-1H-inden-5-yl]oxy}heptanoic acid'
#
_entity_poly.entity_id   1
_entity_poly.type   'polypeptide(L)'
_entity_poly.pdbx_seq_one_letter_code
;MIPVTELRYFADTQPAYRILKPWWDVFTDYISIVMLMIAVFGGTLQVTQDKMICLPCKWVTKDSCNDSFRGWAASSPEPT
YPNSTVLPTPDTGPTGIKYDLDRHQYNYVDAVCYENRLHWFAKYFPYLVLLHTLIFLACSNFWFKFPRTSSKLEHFVSIL
LKCFDSPWTTRALSETVVEESDPKPAFSKMNGSMDKKSSTVSEDVEATVPMLQRTKSRIEQGIVDRSETGVLDKKEGEQA
KALFEKVKKFRTHVEEGDIVYRLYMRQTIIKVIKFALIICYTVYYVHNIKFDVDCTVDIESLTGYRTYRCAHPLATLFKI
LASFYISLVIFYGLICMYTLWWMLRRSLKKYSFESIREESSYSDIPDVKNDFAFMLHLIDQYDPLYSKRFAVFLSEVSEN
KLRQLNLNNEWTLDKLRQRLTKNAQDKLELHLFMLSGIPDTVFDLVELEVLKLELIPDVTIPPSIAQLTGLKELWLYHTA
AKIEAPALAFLRENLRALHIKFTDIKEIPLWIYSLKTLEELHLTGNLSAENNRYIVIDGLRELKRLKVLRLKSNLSKLPQ
VVTDVGVHLQKLSINNEGTKLIVLNSLKKMVNLTELELIRCDLERIPHSIFSLHNLQEIDLKDNNLKTIEEIISFQHLHR
LTCLKLWYNHIAYIPIQIGNLTNLERLYLNRNKIEKIPTQLFYCRKLRYLDLSHNNLTFLPADIGLLQNLQNLAVTANRI
EALPPELFQCRKLRALHLGNNVLQSLPSRVGELTNLTQIELRGNRLECLPVELGECPLLKRSGLVVEEDLFSTLPPEVKE
RLWRADKEQASNSLEVLFQ
;
_entity_poly.pdbx_strand_id   A,B,C,D,E,F
#
# COMPACT_ATOMS: atom_id res chain seq x y z
N PRO A 15 10.83 -3.44 16.31
CA PRO A 15 10.80 -4.74 16.97
C PRO A 15 10.63 -4.65 18.49
N ALA A 16 11.66 -5.04 19.23
CA ALA A 16 11.61 -5.10 20.69
C ALA A 16 12.27 -3.88 21.33
N TYR A 17 12.19 -2.73 20.66
CA TYR A 17 12.74 -1.49 21.19
C TYR A 17 11.71 -0.67 21.96
N ARG A 18 10.47 -1.17 22.08
CA ARG A 18 9.45 -0.45 22.84
C ARG A 18 9.77 -0.39 24.33
N ILE A 19 10.63 -1.29 24.82
CA ILE A 19 11.09 -1.21 26.20
C ILE A 19 11.98 0.02 26.38
N LEU A 20 12.75 0.36 25.36
CA LEU A 20 13.77 1.40 25.44
C LEU A 20 13.21 2.82 25.26
N LYS A 21 11.89 2.99 25.21
CA LYS A 21 11.29 4.31 25.05
C LYS A 21 10.42 4.63 26.25
N PRO A 22 10.70 5.71 27.00
CA PRO A 22 9.80 6.10 28.09
C PRO A 22 8.51 6.70 27.59
N TRP A 23 7.66 7.15 28.50
CA TRP A 23 6.38 7.74 28.09
C TRP A 23 6.58 9.09 27.43
N TRP A 24 7.66 9.80 27.75
CA TRP A 24 7.88 11.10 27.12
C TRP A 24 8.47 10.98 25.72
N ASP A 25 8.80 9.78 25.27
CA ASP A 25 9.33 9.59 23.92
C ASP A 25 8.32 8.95 22.97
N VAL A 26 7.09 8.72 23.41
CA VAL A 26 6.01 8.35 22.51
C VAL A 26 5.03 9.51 22.30
N PHE A 27 4.90 10.37 23.31
CA PHE A 27 4.21 11.65 23.13
C PHE A 27 4.93 12.48 22.08
N THR A 28 6.27 12.49 22.14
CA THR A 28 7.09 13.15 21.13
C THR A 28 6.82 12.61 19.74
N ASP A 29 6.73 11.28 19.61
CA ASP A 29 6.50 10.67 18.31
C ASP A 29 5.12 11.02 17.77
N TYR A 30 4.08 10.92 18.61
CA TYR A 30 2.73 11.22 18.16
C TYR A 30 2.57 12.69 17.80
N ILE A 31 3.20 13.58 18.59
CA ILE A 31 3.20 15.00 18.28
C ILE A 31 3.90 15.24 16.95
N SER A 32 5.02 14.57 16.71
CA SER A 32 5.73 14.74 15.45
C SER A 32 4.90 14.28 14.26
N ILE A 33 4.13 13.20 14.43
CA ILE A 33 3.24 12.75 13.37
C ILE A 33 2.17 13.79 13.07
N VAL A 34 1.58 14.39 14.11
CA VAL A 34 0.51 15.34 13.81
C VAL A 34 1.07 16.67 13.27
N MET A 35 2.28 17.07 13.68
CA MET A 35 2.95 18.19 13.02
C MET A 35 3.21 17.91 11.56
N LEU A 36 3.62 16.68 11.24
CA LEU A 36 3.87 16.34 9.85
C LEU A 36 2.57 16.35 9.04
N MET A 37 1.46 15.89 9.63
CA MET A 37 0.19 15.92 8.90
C MET A 37 -0.28 17.34 8.65
N ILE A 38 -0.19 18.23 9.65
CA ILE A 38 -0.63 19.60 9.39
C ILE A 38 0.33 20.31 8.43
N ALA A 39 1.61 19.93 8.47
CA ALA A 39 2.58 20.48 7.52
C ALA A 39 2.25 20.07 6.09
N VAL A 40 1.95 18.80 5.87
CA VAL A 40 1.68 18.34 4.51
C VAL A 40 0.32 18.86 4.04
N PHE A 41 -0.63 19.08 4.95
CA PHE A 41 -1.91 19.66 4.55
C PHE A 41 -1.75 21.11 4.13
N GLY A 42 -1.01 21.90 4.91
CA GLY A 42 -0.72 23.27 4.50
C GLY A 42 0.08 23.34 3.21
N GLY A 43 1.01 22.40 3.03
CA GLY A 43 1.80 22.36 1.81
C GLY A 43 0.97 22.05 0.58
N THR A 44 0.08 21.06 0.68
CA THR A 44 -0.73 20.73 -0.49
C THR A 44 -1.77 21.81 -0.76
N LEU A 45 -2.23 22.53 0.27
CA LEU A 45 -3.11 23.67 0.04
C LEU A 45 -2.38 24.80 -0.69
N GLN A 46 -1.16 25.11 -0.25
CA GLN A 46 -0.37 26.17 -0.86
C GLN A 46 0.04 25.83 -2.28
N VAL A 47 0.29 24.55 -2.57
CA VAL A 47 0.51 24.14 -3.95
C VAL A 47 -0.79 24.22 -4.75
N THR A 48 -1.92 23.89 -4.12
CA THR A 48 -3.18 23.79 -4.84
C THR A 48 -3.67 25.15 -5.31
N GLN A 49 -3.88 26.11 -4.39
CA GLN A 49 -4.29 27.44 -4.85
C GLN A 49 -3.27 28.51 -4.52
N ASP A 50 -3.14 28.90 -3.24
CA ASP A 50 -2.37 30.05 -2.75
C ASP A 50 -2.37 31.25 -3.68
N LYS A 51 -3.54 31.65 -4.16
CA LYS A 51 -3.63 32.79 -5.06
C LYS A 51 -4.09 34.01 -4.30
N MET A 52 -4.15 35.15 -4.99
CA MET A 52 -4.73 36.33 -4.40
C MET A 52 -5.36 37.17 -5.50
N ILE A 53 -6.36 37.96 -5.13
CA ILE A 53 -7.16 38.75 -6.06
C ILE A 53 -6.87 40.22 -5.80
N CYS A 54 -6.47 40.93 -6.84
CA CYS A 54 -6.07 42.32 -6.70
C CYS A 54 -6.84 43.20 -7.67
N LEU A 55 -7.29 44.35 -7.19
CA LEU A 55 -8.01 45.34 -7.95
C LEU A 55 -7.34 46.70 -7.79
N PRO A 56 -7.37 47.54 -8.82
CA PRO A 56 -6.79 48.87 -8.71
C PRO A 56 -7.72 49.88 -8.06
N CYS A 57 -7.15 50.75 -7.24
CA CYS A 57 -7.89 51.85 -6.64
C CYS A 57 -7.82 53.05 -7.56
N LYS A 58 -9.00 53.54 -7.97
CA LYS A 58 -9.06 54.62 -8.95
C LYS A 58 -8.57 55.95 -8.37
N TRP A 59 -8.86 56.19 -7.09
CA TRP A 59 -8.44 57.41 -6.41
C TRP A 59 -7.41 57.06 -5.35
N VAL A 60 -6.26 57.73 -5.39
CA VAL A 60 -5.13 57.42 -4.53
C VAL A 60 -4.82 58.63 -3.66
N THR A 61 -4.64 58.40 -2.36
CA THR A 61 -4.23 59.42 -1.41
C THR A 61 -3.20 58.82 -0.47
N LYS A 62 -1.96 59.36 -0.53
CA LYS A 62 -0.86 58.96 0.35
C LYS A 62 -0.56 57.47 0.28
N ASP A 63 -0.50 56.96 -0.96
CA ASP A 63 -0.27 55.53 -1.27
C ASP A 63 -1.32 54.63 -0.62
N SER A 64 -2.53 55.16 -0.44
CA SER A 64 -3.63 54.40 0.13
C SER A 64 -4.90 54.75 -0.62
N CYS A 65 -5.87 53.84 -0.58
CA CYS A 65 -7.10 54.00 -1.33
C CYS A 65 -8.00 55.03 -0.65
N ASN A 66 -8.51 55.98 -1.43
CA ASN A 66 -9.17 57.15 -0.85
C ASN A 66 -10.52 56.84 -0.24
N ASP A 67 -11.16 55.73 -0.66
CA ASP A 67 -12.50 55.32 -0.20
C ASP A 67 -13.54 56.42 -0.48
N SER A 68 -13.68 56.73 -1.75
CA SER A 68 -14.63 57.74 -2.19
C SER A 68 -15.36 57.30 -3.46
N THR A 92 -29.67 56.99 -11.93
CA THR A 92 -29.82 57.20 -10.49
C THR A 92 -29.30 55.99 -9.72
N GLY A 93 -29.67 54.80 -10.19
CA GLY A 93 -29.27 53.57 -9.55
C GLY A 93 -27.79 53.31 -9.69
N PRO A 94 -27.24 52.50 -8.80
CA PRO A 94 -25.80 52.21 -8.86
C PRO A 94 -25.44 51.34 -10.05
N THR A 95 -24.23 51.57 -10.57
CA THR A 95 -23.69 50.79 -11.67
C THR A 95 -22.22 50.49 -11.37
N GLY A 96 -21.72 49.44 -12.01
CA GLY A 96 -20.36 49.01 -11.76
C GLY A 96 -19.33 49.99 -12.30
N ILE A 97 -18.13 49.89 -11.74
CA ILE A 97 -17.01 50.74 -12.12
C ILE A 97 -16.17 50.00 -13.14
N LYS A 98 -15.86 50.68 -14.25
CA LYS A 98 -15.05 50.10 -15.31
C LYS A 98 -13.58 50.41 -15.09
N TYR A 99 -12.71 49.52 -15.56
CA TYR A 99 -11.27 49.71 -15.47
C TYR A 99 -10.57 49.58 -16.81
N ASP A 100 -11.22 49.00 -17.82
CA ASP A 100 -10.64 48.75 -19.14
C ASP A 100 -9.36 47.90 -19.03
N LEU A 101 -9.50 46.77 -18.34
CA LEU A 101 -8.37 45.87 -18.11
C LEU A 101 -8.84 44.45 -18.38
N ASP A 102 -8.23 43.80 -19.37
CA ASP A 102 -8.59 42.42 -19.66
C ASP A 102 -7.94 41.47 -18.66
N ARG A 103 -8.32 40.20 -18.76
CA ARG A 103 -8.05 39.23 -17.68
C ARG A 103 -6.56 38.93 -17.52
N HIS A 104 -5.80 38.97 -18.60
CA HIS A 104 -4.43 38.49 -18.53
C HIS A 104 -3.54 39.45 -17.76
N GLN A 105 -3.82 40.74 -17.82
CA GLN A 105 -3.06 41.68 -17.02
C GLN A 105 -3.55 41.78 -15.58
N TYR A 106 -4.79 41.38 -15.30
CA TYR A 106 -5.12 40.97 -13.93
C TYR A 106 -4.25 39.83 -13.45
N ASN A 107 -4.01 38.81 -14.29
CA ASN A 107 -3.14 37.73 -13.88
C ASN A 107 -1.72 38.23 -13.63
N TYR A 108 -1.25 39.14 -14.47
CA TYR A 108 0.08 39.70 -14.31
C TYR A 108 0.19 40.51 -13.01
N VAL A 109 -0.79 41.37 -12.73
CA VAL A 109 -0.68 42.19 -11.52
C VAL A 109 -0.88 41.32 -10.27
N ASP A 110 -1.66 40.24 -10.38
CA ASP A 110 -1.79 39.29 -9.27
C ASP A 110 -0.45 38.64 -8.96
N ALA A 111 0.25 38.17 -10.00
CA ALA A 111 1.54 37.54 -9.79
C ALA A 111 2.57 38.52 -9.23
N VAL A 112 2.59 39.76 -9.74
CA VAL A 112 3.58 40.73 -9.30
C VAL A 112 3.34 41.15 -7.86
N CYS A 113 2.09 41.46 -7.51
CA CYS A 113 1.82 41.84 -6.13
C CYS A 113 1.85 40.66 -5.18
N TYR A 114 1.76 39.43 -5.69
CA TYR A 114 1.99 38.27 -4.84
C TYR A 114 3.47 38.10 -4.53
N GLU A 115 4.33 38.27 -5.52
CA GLU A 115 5.74 37.98 -5.30
C GLU A 115 6.45 39.13 -4.60
N ASN A 116 6.04 40.37 -4.86
CA ASN A 116 6.77 41.51 -4.29
C ASN A 116 6.27 41.86 -2.88
N ARG A 117 5.01 42.27 -2.77
CA ARG A 117 4.50 42.91 -1.57
C ARG A 117 3.71 41.97 -0.67
N LEU A 118 4.10 40.69 -0.59
CA LEU A 118 3.52 39.76 0.35
C LEU A 118 4.62 39.22 1.25
N HIS A 119 4.32 39.14 2.55
CA HIS A 119 5.31 38.70 3.51
C HIS A 119 5.66 37.23 3.29
N TRP A 120 6.96 36.94 3.36
CA TRP A 120 7.45 35.61 3.00
C TRP A 120 6.98 34.53 3.97
N PHE A 121 6.69 34.91 5.22
CA PHE A 121 6.21 33.92 6.18
C PHE A 121 4.83 33.42 5.79
N ALA A 122 4.03 34.24 5.11
CA ALA A 122 2.73 33.77 4.64
C ALA A 122 2.86 32.78 3.49
N LYS A 123 4.01 32.71 2.85
CA LYS A 123 4.17 31.86 1.67
C LYS A 123 4.82 30.52 2.00
N TYR A 124 5.80 30.50 2.88
CA TYR A 124 6.63 29.32 3.08
C TYR A 124 6.51 28.73 4.48
N PHE A 125 5.44 29.08 5.20
CA PHE A 125 5.18 28.49 6.50
C PHE A 125 5.01 26.97 6.49
N PRO A 126 4.25 26.33 5.57
CA PRO A 126 4.20 24.86 5.58
C PRO A 126 5.55 24.20 5.29
N TYR A 127 6.34 24.75 4.39
CA TYR A 127 7.66 24.20 4.13
C TYR A 127 8.57 24.36 5.34
N LEU A 128 8.44 25.49 6.04
CA LEU A 128 9.22 25.70 7.25
C LEU A 128 8.88 24.67 8.32
N VAL A 129 7.58 24.44 8.56
CA VAL A 129 7.22 23.51 9.64
C VAL A 129 7.51 22.07 9.22
N LEU A 130 7.45 21.76 7.93
CA LEU A 130 7.89 20.44 7.48
C LEU A 130 9.38 20.24 7.70
N LEU A 131 10.18 21.27 7.41
CA LEU A 131 11.61 21.18 7.67
C LEU A 131 11.87 20.98 9.15
N HIS A 132 11.16 21.71 10.00
CA HIS A 132 11.36 21.59 11.45
C HIS A 132 10.96 20.21 11.97
N THR A 133 9.88 19.63 11.44
CA THR A 133 9.48 18.32 11.95
C THR A 133 10.38 17.20 11.44
N LEU A 134 10.95 17.32 10.23
CA LEU A 134 11.96 16.32 9.86
C LEU A 134 13.27 16.50 10.62
N ILE A 135 13.65 17.73 10.99
CA ILE A 135 14.80 17.89 11.89
C ILE A 135 14.53 17.24 13.23
N PHE A 136 13.30 17.40 13.76
CA PHE A 136 12.95 16.77 15.03
C PHE A 136 12.98 15.25 14.93
N LEU A 137 12.46 14.68 13.83
CA LEU A 137 12.49 13.23 13.65
C LEU A 137 13.92 12.71 13.52
N ALA A 138 14.76 13.40 12.75
CA ALA A 138 16.14 12.97 12.57
C ALA A 138 16.90 13.05 13.88
N CYS A 139 16.65 14.09 14.68
CA CYS A 139 17.30 14.19 15.98
C CYS A 139 16.81 13.10 16.93
N SER A 140 15.52 12.76 16.88
CA SER A 140 14.99 11.74 17.77
C SER A 140 15.37 10.32 17.36
N ASN A 141 15.78 10.10 16.11
CA ASN A 141 16.18 8.77 15.68
C ASN A 141 17.68 8.61 15.42
N PHE A 142 18.46 9.70 15.51
CA PHE A 142 19.91 9.58 15.42
C PHE A 142 20.50 8.81 16.61
N TRP A 143 19.76 8.74 17.72
CA TRP A 143 20.18 7.92 18.85
C TRP A 143 20.26 6.44 18.47
N PHE A 144 19.29 5.96 17.69
CA PHE A 144 19.24 4.56 17.30
C PHE A 144 19.99 4.28 16.01
N LYS A 145 20.03 5.22 15.08
CA LYS A 145 20.64 4.94 13.78
C LYS A 145 22.15 5.02 13.79
N PHE A 146 22.75 5.63 14.80
CA PHE A 146 24.20 5.61 14.93
C PHE A 146 24.66 4.21 15.33
N PRO A 147 25.54 3.57 14.57
CA PRO A 147 25.87 2.15 14.85
C PRO A 147 26.64 1.94 16.14
N ARG A 148 27.48 2.91 16.54
CA ARG A 148 28.32 2.75 17.71
C ARG A 148 27.51 2.62 18.99
N THR A 149 26.31 3.19 19.02
CA THR A 149 25.39 2.95 20.12
C THR A 149 24.31 1.93 19.78
N SER A 150 24.00 1.76 18.49
CA SER A 150 23.00 0.78 18.09
C SER A 150 23.43 -0.63 18.46
N SER A 151 24.73 -0.93 18.30
CA SER A 151 25.26 -2.23 18.69
C SER A 151 25.11 -2.46 20.19
N LYS A 152 25.43 -1.44 21.00
CA LYS A 152 25.34 -1.59 22.45
C LYS A 152 23.90 -1.80 22.89
N LEU A 153 22.95 -1.01 22.36
CA LEU A 153 21.55 -1.21 22.74
C LEU A 153 20.99 -2.54 22.25
N GLU A 154 21.35 -3.00 21.03
CA GLU A 154 20.79 -4.27 20.58
C GLU A 154 21.37 -5.43 21.38
N HIS A 155 22.65 -5.36 21.75
CA HIS A 155 23.21 -6.43 22.57
C HIS A 155 22.67 -6.38 23.98
N PHE A 156 22.38 -5.20 24.50
CA PHE A 156 21.75 -5.06 25.81
C PHE A 156 20.34 -5.63 25.80
N VAL A 157 19.60 -5.42 24.71
CA VAL A 157 18.26 -5.98 24.56
C VAL A 157 18.33 -7.50 24.51
N SER A 158 19.31 -8.05 23.78
CA SER A 158 19.47 -9.49 23.72
C SER A 158 19.79 -10.07 25.10
N ILE A 159 20.69 -9.41 25.84
CA ILE A 159 21.05 -9.87 27.18
C ILE A 159 19.85 -9.81 28.11
N LEU A 160 19.05 -8.74 28.03
CA LEU A 160 17.90 -8.61 28.91
C LEU A 160 16.79 -9.59 28.56
N LEU A 161 16.59 -9.90 27.27
CA LEU A 161 15.57 -10.90 26.95
C LEU A 161 16.03 -12.30 27.37
N LYS A 162 17.34 -12.57 27.26
CA LYS A 162 17.85 -13.84 27.78
C LYS A 162 17.69 -13.94 29.28
N CYS A 163 17.92 -12.83 30.00
CA CYS A 163 17.74 -12.82 31.45
C CYS A 163 16.28 -12.97 31.83
N PHE A 164 15.38 -12.32 31.09
CA PHE A 164 13.96 -12.39 31.39
C PHE A 164 13.39 -13.77 31.10
N ASP A 165 13.84 -14.40 30.01
CA ASP A 165 13.30 -15.71 29.63
C ASP A 165 13.93 -16.85 30.41
N SER A 166 14.89 -16.58 31.28
CA SER A 166 15.55 -17.63 32.03
C SER A 166 14.62 -18.20 33.09
N PRO A 167 14.39 -19.52 33.12
CA PRO A 167 13.54 -20.10 34.17
C PRO A 167 14.21 -20.15 35.53
N TRP A 168 15.53 -19.97 35.62
CA TRP A 168 16.23 -20.10 36.88
C TRP A 168 15.97 -18.95 37.83
N THR A 169 15.57 -17.79 37.31
CA THR A 169 15.26 -16.65 38.18
C THR A 169 14.03 -16.90 39.04
N THR A 170 13.12 -17.75 38.57
CA THR A 170 11.97 -18.14 39.39
C THR A 170 12.44 -18.89 40.65
N ARG A 171 13.43 -19.76 40.50
CA ARG A 171 14.03 -20.41 41.66
C ARG A 171 14.83 -19.42 42.49
N ALA A 172 15.54 -18.50 41.83
CA ALA A 172 16.46 -17.62 42.53
C ALA A 172 15.72 -16.60 43.40
N LEU A 173 14.59 -16.08 42.92
CA LEU A 173 13.86 -15.07 43.67
C LEU A 173 13.12 -15.66 44.87
N SER A 174 12.94 -16.98 44.89
CA SER A 174 12.24 -17.63 45.99
C SER A 174 13.15 -17.80 47.20
N ASP A 233 18.07 -30.49 35.93
CA ASP A 233 18.56 -29.45 36.83
C ASP A 233 20.08 -29.30 36.68
N LYS A 234 20.64 -29.96 35.68
CA LYS A 234 22.07 -29.89 35.38
C LYS A 234 22.35 -29.17 34.07
N LYS A 235 21.64 -29.53 33.00
CA LYS A 235 21.75 -28.79 31.74
C LYS A 235 21.24 -27.37 31.89
N GLU A 236 20.15 -27.20 32.65
CA GLU A 236 19.65 -25.86 32.96
C GLU A 236 20.68 -25.08 33.76
N GLY A 237 21.35 -25.73 34.71
CA GLY A 237 22.40 -25.07 35.45
C GLY A 237 23.59 -24.67 34.60
N GLU A 238 23.96 -25.50 33.63
CA GLU A 238 25.06 -25.16 32.74
C GLU A 238 24.69 -24.00 31.81
N GLN A 239 23.44 -23.99 31.32
CA GLN A 239 22.95 -22.88 30.53
C GLN A 239 22.93 -21.59 31.34
N ALA A 240 22.50 -21.67 32.60
CA ALA A 240 22.50 -20.51 33.48
C ALA A 240 23.91 -20.04 33.77
N LYS A 241 24.87 -20.96 33.89
CA LYS A 241 26.26 -20.57 34.11
C LYS A 241 26.84 -19.88 32.88
N ALA A 242 26.47 -20.35 31.69
CA ALA A 242 26.85 -19.65 30.47
C ALA A 242 26.25 -18.25 30.44
N LEU A 243 25.01 -18.11 30.89
CA LEU A 243 24.38 -16.80 31.03
C LEU A 243 25.15 -15.92 32.01
N PHE A 244 25.58 -16.50 33.13
CA PHE A 244 26.33 -15.75 34.14
C PHE A 244 27.65 -15.24 33.57
N GLU A 245 28.37 -16.09 32.85
CA GLU A 245 29.65 -15.67 32.30
C GLU A 245 29.46 -14.66 31.18
N LYS A 246 28.42 -14.80 30.37
CA LYS A 246 28.22 -13.85 29.29
C LYS A 246 27.76 -12.49 29.81
N VAL A 247 26.95 -12.45 30.87
CA VAL A 247 26.58 -11.14 31.42
C VAL A 247 27.77 -10.54 32.16
N LYS A 248 28.66 -11.38 32.71
CA LYS A 248 29.88 -10.87 33.33
C LYS A 248 30.78 -10.19 32.30
N LYS A 249 30.99 -10.85 31.15
CA LYS A 249 31.87 -10.22 30.15
C LYS A 249 31.17 -9.06 29.44
N PHE A 250 29.84 -9.08 29.36
CA PHE A 250 29.11 -7.94 28.82
C PHE A 250 29.24 -6.72 29.73
N ARG A 251 29.16 -6.96 31.05
CA ARG A 251 29.41 -5.89 32.02
C ARG A 251 30.83 -5.38 31.91
N THR A 252 31.80 -6.27 31.73
CA THR A 252 33.19 -5.85 31.55
C THR A 252 33.35 -5.02 30.29
N HIS A 253 32.66 -5.39 29.21
CA HIS A 253 32.68 -4.64 27.97
C HIS A 253 32.11 -3.24 28.10
N VAL A 254 30.81 -3.13 28.40
CA VAL A 254 30.13 -1.85 28.23
C VAL A 254 30.36 -0.86 29.35
N GLU A 255 31.13 -1.23 30.38
CA GLU A 255 31.42 -0.27 31.43
C GLU A 255 32.47 0.75 31.01
N GLU A 256 33.28 0.44 29.98
CA GLU A 256 34.33 1.37 29.58
C GLU A 256 33.80 2.56 28.79
N GLY A 257 32.65 2.41 28.15
CA GLY A 257 32.12 3.47 27.30
C GLY A 257 31.42 4.56 28.09
N ASP A 258 31.14 5.66 27.39
CA ASP A 258 30.30 6.72 27.93
C ASP A 258 29.45 7.38 26.84
N ILE A 259 29.20 6.67 25.74
CA ILE A 259 28.73 7.33 24.52
C ILE A 259 27.22 7.56 24.55
N VAL A 260 26.45 6.62 25.12
CA VAL A 260 24.99 6.70 25.05
C VAL A 260 24.48 7.88 25.86
N TYR A 261 25.00 8.05 27.08
CA TYR A 261 24.55 9.13 27.96
C TYR A 261 24.87 10.50 27.37
N ARG A 262 26.08 10.66 26.81
CA ARG A 262 26.44 11.97 26.25
C ARG A 262 25.68 12.24 24.95
N LEU A 263 25.40 11.21 24.15
CA LEU A 263 24.57 11.43 22.96
C LEU A 263 23.15 11.82 23.35
N TYR A 264 22.60 11.23 24.40
CA TYR A 264 21.23 11.58 24.79
C TYR A 264 21.19 12.98 25.40
N MET A 265 22.25 13.36 26.13
CA MET A 265 22.48 14.74 26.55
C MET A 265 22.43 15.72 25.38
N ARG A 266 23.33 15.52 24.41
CA ARG A 266 23.46 16.43 23.28
C ARG A 266 22.29 16.31 22.29
N GLN A 267 21.44 15.31 22.47
CA GLN A 267 20.21 15.21 21.70
C GLN A 267 19.09 16.05 22.30
N THR A 268 18.84 15.85 23.61
CA THR A 268 17.77 16.58 24.26
C THR A 268 18.07 18.07 24.36
N ILE A 269 19.34 18.45 24.54
CA ILE A 269 19.63 19.88 24.69
C ILE A 269 19.42 20.62 23.37
N ILE A 270 19.72 19.98 22.24
CA ILE A 270 19.47 20.66 20.97
C ILE A 270 17.99 20.61 20.61
N LYS A 271 17.25 19.60 21.08
CA LYS A 271 15.80 19.65 20.91
C LYS A 271 15.20 20.83 21.69
N VAL A 272 15.67 21.06 22.91
CA VAL A 272 15.16 22.18 23.70
C VAL A 272 15.53 23.52 23.07
N ILE A 273 16.76 23.67 22.58
CA ILE A 273 17.12 24.95 21.98
C ILE A 273 16.40 25.16 20.66
N LYS A 274 16.10 24.08 19.91
CA LYS A 274 15.28 24.20 18.71
C LYS A 274 13.88 24.69 19.05
N PHE A 275 13.27 24.12 20.10
CA PHE A 275 11.98 24.60 20.57
C PHE A 275 12.03 26.09 20.94
N ALA A 276 13.08 26.50 21.65
CA ALA A 276 13.20 27.88 22.07
C ALA A 276 13.29 28.82 20.88
N LEU A 277 14.07 28.47 19.87
CA LEU A 277 14.20 29.34 18.70
C LEU A 277 12.92 29.38 17.87
N ILE A 278 12.23 28.24 17.75
CA ILE A 278 10.96 28.20 17.02
C ILE A 278 9.94 29.13 17.65
N ILE A 279 9.79 29.04 18.98
CA ILE A 279 8.85 29.92 19.67
C ILE A 279 9.34 31.35 19.65
N CYS A 280 10.66 31.56 19.61
CA CYS A 280 11.21 32.91 19.55
C CYS A 280 10.80 33.62 18.26
N TYR A 281 10.80 32.92 17.13
CA TYR A 281 10.54 33.66 15.88
C TYR A 281 9.10 33.53 15.36
N THR A 282 8.43 32.39 15.56
CA THR A 282 7.16 32.21 14.87
C THR A 282 6.04 33.03 15.50
N VAL A 283 6.15 33.37 16.80
CA VAL A 283 5.14 34.23 17.39
C VAL A 283 5.43 35.68 17.06
N TYR A 284 6.68 35.99 16.71
CA TYR A 284 6.99 37.34 16.23
C TYR A 284 6.46 37.55 14.82
N TYR A 285 6.52 36.51 13.99
CA TYR A 285 6.11 36.66 12.60
C TYR A 285 4.68 36.21 12.32
N VAL A 286 3.98 35.62 13.29
CA VAL A 286 2.64 35.10 13.02
C VAL A 286 1.62 36.21 12.85
N HIS A 287 1.91 37.42 13.36
CA HIS A 287 0.98 38.54 13.22
C HIS A 287 0.97 39.13 11.82
N ASN A 288 1.90 38.73 10.96
CA ASN A 288 2.14 39.40 9.69
C ASN A 288 1.37 38.78 8.54
N ILE A 289 0.48 37.82 8.81
CA ILE A 289 -0.40 37.28 7.80
C ILE A 289 -1.80 37.82 8.06
N LYS A 290 -2.48 38.23 7.00
CA LYS A 290 -3.77 38.89 7.11
C LYS A 290 -4.48 38.82 5.77
N PHE A 291 -5.75 39.20 5.76
CA PHE A 291 -6.58 38.98 4.58
C PHE A 291 -6.26 39.98 3.49
N ASP A 292 -6.50 41.26 3.75
CA ASP A 292 -6.37 42.29 2.73
C ASP A 292 -5.07 43.07 2.89
N VAL A 293 -4.39 43.30 1.77
CA VAL A 293 -3.09 43.92 1.77
C VAL A 293 -3.02 44.91 0.61
N ASP A 294 -2.37 46.04 0.85
CA ASP A 294 -2.21 47.08 -0.16
C ASP A 294 -0.82 46.96 -0.76
N CYS A 295 -0.75 46.83 -2.08
CA CYS A 295 0.51 46.68 -2.78
C CYS A 295 0.75 47.85 -3.72
N THR A 296 2.02 48.18 -3.91
CA THR A 296 2.42 49.27 -4.80
C THR A 296 3.71 48.83 -5.46
N VAL A 297 3.65 48.48 -6.73
CA VAL A 297 4.75 47.78 -7.40
C VAL A 297 5.35 48.58 -8.54
N ASP A 298 4.80 49.74 -8.88
CA ASP A 298 5.30 50.64 -9.92
C ASP A 298 5.35 49.93 -11.28
N ILE A 299 4.18 49.56 -11.77
CA ILE A 299 4.01 49.13 -13.15
C ILE A 299 2.90 49.93 -13.82
N GLU A 300 3.28 51.04 -14.44
CA GLU A 300 2.31 51.88 -15.14
C GLU A 300 2.39 51.72 -16.64
N SER A 301 3.51 51.25 -17.17
CA SER A 301 3.66 51.04 -18.61
C SER A 301 2.88 49.83 -19.10
N LEU A 302 2.33 49.03 -18.20
CA LEU A 302 1.66 47.79 -18.58
C LEU A 302 0.18 47.78 -18.23
N THR A 303 -0.19 48.27 -17.04
CA THR A 303 -1.60 48.37 -16.66
C THR A 303 -2.12 49.79 -16.80
N GLY A 304 -1.50 50.74 -16.10
CA GLY A 304 -1.97 52.11 -16.13
C GLY A 304 -2.20 52.68 -14.75
N TYR A 305 -2.44 51.82 -13.77
CA TYR A 305 -2.65 52.23 -12.40
C TYR A 305 -1.38 52.01 -11.58
N ARG A 306 -1.35 52.63 -10.40
CA ARG A 306 -0.16 52.60 -9.55
C ARG A 306 -0.33 51.73 -8.31
N THR A 307 -1.40 51.91 -7.56
CA THR A 307 -1.63 51.16 -6.34
C THR A 307 -2.81 50.22 -6.51
N TYR A 308 -2.77 49.12 -5.75
CA TYR A 308 -3.80 48.09 -5.83
C TYR A 308 -4.15 47.65 -4.42
N ARG A 309 -5.39 47.20 -4.25
CA ARG A 309 -5.85 46.63 -2.99
C ARG A 309 -6.15 45.16 -3.23
N CYS A 310 -5.49 44.30 -2.46
CA CYS A 310 -5.52 42.87 -2.71
C CYS A 310 -6.27 42.14 -1.60
N ALA A 311 -6.40 40.83 -1.77
CA ALA A 311 -7.12 39.99 -0.82
C ALA A 311 -6.54 38.59 -0.84
N HIS A 312 -6.20 38.08 0.34
CA HIS A 312 -5.55 36.78 0.46
C HIS A 312 -6.52 35.80 1.11
N PRO A 313 -7.21 34.96 0.33
CA PRO A 313 -8.35 34.21 0.89
C PRO A 313 -7.97 33.08 1.83
N LEU A 314 -6.71 32.66 1.87
CA LEU A 314 -6.30 31.57 2.73
C LEU A 314 -5.74 32.03 4.06
N ALA A 315 -5.82 33.34 4.34
CA ALA A 315 -5.14 33.92 5.50
C ALA A 315 -5.72 33.40 6.80
N THR A 316 -7.05 33.30 6.88
CA THR A 316 -7.69 32.85 8.11
C THR A 316 -7.33 31.41 8.44
N LEU A 317 -7.34 30.54 7.43
CA LEU A 317 -7.02 29.15 7.68
C LEU A 317 -5.54 28.94 7.95
N PHE A 318 -4.67 29.73 7.31
CA PHE A 318 -3.25 29.65 7.65
C PHE A 318 -2.98 30.17 9.06
N LYS A 319 -3.72 31.18 9.50
CA LYS A 319 -3.57 31.65 10.88
C LYS A 319 -4.05 30.60 11.88
N ILE A 320 -5.12 29.90 11.54
CA ILE A 320 -5.61 28.80 12.38
C ILE A 320 -4.54 27.71 12.50
N LEU A 321 -3.97 27.30 11.36
CA LEU A 321 -2.94 26.27 11.37
C LEU A 321 -1.70 26.72 12.11
N ALA A 322 -1.32 27.99 11.96
CA ALA A 322 -0.14 28.50 12.64
C ALA A 322 -0.34 28.54 14.14
N SER A 323 -1.52 28.97 14.60
CA SER A 323 -1.79 28.99 16.04
C SER A 323 -1.80 27.59 16.63
N PHE A 324 -2.38 26.64 15.91
CA PHE A 324 -2.37 25.25 16.33
C PHE A 324 -0.94 24.73 16.43
N TYR A 325 -0.11 25.07 15.44
CA TYR A 325 1.28 24.63 15.44
C TYR A 325 2.06 25.24 16.60
N ILE A 326 1.81 26.51 16.93
CA ILE A 326 2.49 27.15 18.06
C ILE A 326 2.13 26.47 19.36
N SER A 327 0.83 26.19 19.57
CA SER A 327 0.42 25.51 20.80
C SER A 327 1.04 24.11 20.89
N LEU A 328 1.11 23.41 19.76
CA LEU A 328 1.71 22.08 19.74
C LEU A 328 3.21 22.13 20.06
N VAL A 329 3.91 23.14 19.53
CA VAL A 329 5.33 23.32 19.81
C VAL A 329 5.53 23.65 21.29
N ILE A 330 4.62 24.42 21.88
CA ILE A 330 4.68 24.72 23.31
C ILE A 330 4.59 23.44 24.14
N PHE A 331 3.62 22.58 23.83
CA PHE A 331 3.47 21.36 24.61
C PHE A 331 4.68 20.43 24.45
N TYR A 332 5.20 20.34 23.22
CA TYR A 332 6.43 19.60 22.94
C TYR A 332 7.60 20.14 23.76
N GLY A 333 7.71 21.47 23.83
CA GLY A 333 8.82 22.07 24.56
C GLY A 333 8.72 21.85 26.06
N LEU A 334 7.51 21.91 26.62
CA LEU A 334 7.34 21.59 28.03
C LEU A 334 7.73 20.15 28.33
N ILE A 335 7.38 19.22 27.44
CA ILE A 335 7.80 17.82 27.61
C ILE A 335 9.33 17.70 27.59
N CYS A 336 9.98 18.39 26.64
CA CYS A 336 11.43 18.29 26.54
C CYS A 336 12.14 18.94 27.72
N MET A 337 11.62 20.07 28.21
CA MET A 337 12.21 20.67 29.41
C MET A 337 12.03 19.79 30.63
N TYR A 338 10.89 19.09 30.72
CA TYR A 338 10.69 18.17 31.84
C TYR A 338 11.71 17.04 31.81
N THR A 339 11.91 16.43 30.64
CA THR A 339 12.85 15.30 30.59
C THR A 339 14.29 15.77 30.75
N LEU A 340 14.62 16.98 30.29
CA LEU A 340 15.95 17.53 30.53
C LEU A 340 16.18 17.80 32.02
N TRP A 341 15.16 18.32 32.72
CA TRP A 341 15.30 18.55 34.16
C TRP A 341 15.44 17.23 34.91
N TRP A 342 14.68 16.21 34.51
CA TRP A 342 14.79 14.90 35.13
C TRP A 342 16.20 14.32 34.96
N MET A 343 16.75 14.44 33.75
CA MET A 343 18.06 13.86 33.49
C MET A 343 19.18 14.69 34.11
N LEU A 344 19.00 15.99 34.28
CA LEU A 344 20.01 16.79 34.97
C LEU A 344 19.87 16.75 36.50
N ARG A 345 18.75 16.25 37.02
CA ARG A 345 18.57 16.18 38.46
C ARG A 345 18.86 14.80 39.05
N ARG A 346 18.43 13.72 38.39
CA ARG A 346 18.49 12.40 39.02
C ARG A 346 19.90 11.82 39.11
N SER A 347 20.90 12.45 38.49
CA SER A 347 22.29 11.98 38.46
C SER A 347 22.38 10.57 37.88
N LEU A 348 22.07 10.50 36.58
CA LEU A 348 21.80 9.26 35.86
C LEU A 348 22.99 8.32 35.78
N LYS A 349 24.21 8.79 36.06
CA LYS A 349 25.40 8.00 35.79
C LYS A 349 25.53 6.79 36.72
N LYS A 350 25.28 6.97 38.01
CA LYS A 350 25.44 5.91 38.99
C LYS A 350 24.10 5.24 39.27
N TYR A 351 24.16 4.01 39.79
CA TYR A 351 22.99 3.26 40.21
C TYR A 351 23.01 3.04 41.72
N SER A 352 21.86 3.22 42.35
CA SER A 352 21.64 2.84 43.74
C SER A 352 20.82 1.56 43.72
N PHE A 353 21.39 0.47 44.22
CA PHE A 353 20.81 -0.86 44.08
C PHE A 353 20.54 -1.50 45.43
N GLU A 354 20.87 -0.80 46.52
CA GLU A 354 20.64 -1.30 47.87
C GLU A 354 19.16 -1.43 48.16
N SER A 355 18.33 -0.61 47.52
CA SER A 355 16.88 -0.64 47.73
C SER A 355 16.27 -1.99 47.36
N ILE A 356 16.88 -2.73 46.45
CA ILE A 356 16.48 -4.11 46.19
C ILE A 356 17.43 -5.12 46.81
N ARG A 357 18.68 -4.74 47.11
CA ARG A 357 19.58 -5.64 47.83
C ARG A 357 19.01 -6.02 49.20
N GLU A 358 18.45 -5.02 49.90
CA GLU A 358 17.98 -5.21 51.27
C GLU A 358 16.76 -6.13 51.35
N GLU A 359 15.95 -6.23 50.30
CA GLU A 359 14.80 -7.12 50.36
C GLU A 359 15.07 -8.45 49.66
N SER A 360 15.96 -8.47 48.67
CA SER A 360 16.28 -9.72 47.99
C SER A 360 17.33 -10.53 48.72
N SER A 361 17.96 -9.95 49.76
CA SER A 361 18.90 -10.65 50.65
C SER A 361 20.10 -11.21 49.88
N TYR A 362 20.59 -10.44 48.92
CA TYR A 362 21.83 -10.73 48.21
C TYR A 362 22.76 -9.56 48.52
N SER A 363 23.45 -9.65 49.65
CA SER A 363 24.22 -8.54 50.20
C SER A 363 25.48 -8.22 49.41
N ASP A 364 25.77 -8.96 48.35
CA ASP A 364 26.98 -8.80 47.54
C ASP A 364 26.57 -8.50 46.09
N ILE A 365 26.35 -7.22 45.82
CA ILE A 365 25.99 -6.75 44.48
C ILE A 365 26.81 -5.48 44.25
N PRO A 366 27.30 -5.21 43.04
CA PRO A 366 28.12 -4.02 42.82
C PRO A 366 27.31 -2.82 42.36
N ASP A 367 27.96 -1.66 42.41
CA ASP A 367 27.38 -0.40 41.94
C ASP A 367 27.99 -0.06 40.58
N VAL A 368 27.12 0.13 39.59
CA VAL A 368 27.55 0.35 38.22
C VAL A 368 28.05 1.78 38.06
N LYS A 369 29.13 1.96 37.31
CA LYS A 369 29.80 3.25 37.23
C LYS A 369 29.11 4.21 36.26
N ASN A 370 29.09 3.87 34.97
CA ASN A 370 28.54 4.78 33.97
C ASN A 370 28.20 4.01 32.69
N ASP A 371 27.29 4.59 31.92
CA ASP A 371 26.83 4.17 30.59
C ASP A 371 26.06 2.85 30.59
N PHE A 372 25.94 2.20 31.74
CA PHE A 372 25.17 0.99 31.91
C PHE A 372 24.10 1.16 32.97
N ALA A 373 24.43 1.90 34.04
CA ALA A 373 23.44 2.28 35.03
C ALA A 373 22.42 3.25 34.46
N PHE A 374 22.82 4.09 33.49
CA PHE A 374 21.85 4.96 32.83
C PHE A 374 20.82 4.14 32.06
N MET A 375 21.27 3.12 31.32
CA MET A 375 20.34 2.27 30.60
C MET A 375 19.48 1.45 31.55
N LEU A 376 20.04 1.03 32.68
CA LEU A 376 19.24 0.34 33.69
C LEU A 376 18.19 1.27 34.30
N HIS A 377 18.54 2.54 34.52
CA HIS A 377 17.55 3.53 34.95
C HIS A 377 16.44 3.70 33.92
N LEU A 378 16.80 3.67 32.63
CA LEU A 378 15.79 3.82 31.59
C LEU A 378 14.84 2.63 31.56
N ILE A 379 15.38 1.41 31.71
CA ILE A 379 14.51 0.24 31.78
C ILE A 379 13.68 0.26 33.06
N ASP A 380 14.23 0.77 34.16
CA ASP A 380 13.45 0.95 35.38
C ASP A 380 12.33 1.96 35.19
N GLN A 381 12.60 3.01 34.42
CA GLN A 381 11.56 3.99 34.10
C GLN A 381 10.46 3.38 33.24
N TYR A 382 10.81 2.41 32.39
CA TYR A 382 9.77 1.59 31.76
C TYR A 382 8.97 0.82 32.82
N ASP A 383 9.64 -0.09 33.54
CA ASP A 383 9.02 -0.80 34.65
C ASP A 383 10.12 -1.34 35.55
N PRO A 384 9.87 -1.49 36.85
CA PRO A 384 10.93 -1.96 37.74
C PRO A 384 11.18 -3.46 37.69
N LEU A 385 10.29 -4.25 37.07
CA LEU A 385 10.37 -5.70 37.20
C LEU A 385 11.53 -6.28 36.40
N TYR A 386 11.88 -5.66 35.27
CA TYR A 386 13.05 -6.10 34.52
C TYR A 386 14.34 -5.85 35.31
N SER A 387 14.36 -4.79 36.13
CA SER A 387 15.48 -4.59 37.04
C SER A 387 15.40 -5.54 38.23
N LYS A 388 14.18 -5.96 38.61
CA LYS A 388 14.03 -6.96 39.67
C LYS A 388 14.69 -8.27 39.26
N ARG A 389 14.46 -8.68 38.01
CA ARG A 389 14.99 -9.96 37.53
C ARG A 389 16.46 -9.89 37.14
N PHE A 390 17.04 -8.70 37.02
CA PHE A 390 18.46 -8.55 36.74
C PHE A 390 19.31 -8.53 37.99
N ALA A 391 18.70 -8.61 39.18
CA ALA A 391 19.44 -8.51 40.42
C ALA A 391 20.29 -9.75 40.66
N VAL A 392 19.70 -10.94 40.47
CA VAL A 392 20.36 -12.19 40.87
C VAL A 392 21.46 -12.61 39.92
N PHE A 393 21.59 -11.98 38.76
CA PHE A 393 22.56 -12.41 37.76
C PHE A 393 23.96 -11.82 37.97
N LEU A 394 24.15 -10.98 38.99
CA LEU A 394 25.43 -10.32 39.20
C LEU A 394 25.98 -10.53 40.60
N SER A 395 25.67 -11.64 41.25
CA SER A 395 26.07 -11.85 42.64
C SER A 395 26.85 -13.15 42.79
N GLU A 396 28.04 -13.04 43.40
CA GLU A 396 28.92 -14.20 43.54
C GLU A 396 28.31 -15.27 44.43
N VAL A 397 27.42 -14.90 45.35
CA VAL A 397 26.68 -15.92 46.09
C VAL A 397 25.75 -16.68 45.14
N SER A 398 25.27 -16.02 44.08
CA SER A 398 24.40 -16.71 43.13
C SER A 398 25.21 -17.65 42.23
N GLU A 399 26.41 -17.24 41.79
CA GLU A 399 27.26 -18.21 41.09
C GLU A 399 27.68 -19.36 42.02
N ASN A 400 27.88 -19.08 43.32
CA ASN A 400 28.21 -20.16 44.25
C ASN A 400 27.05 -21.13 44.42
N LYS A 401 25.81 -20.61 44.49
CA LYS A 401 24.64 -21.49 44.58
C LYS A 401 24.49 -22.32 43.32
N LEU A 402 24.72 -21.72 42.16
CA LEU A 402 24.67 -22.49 40.92
C LEU A 402 25.80 -23.52 40.84
N ARG A 403 26.97 -23.19 41.38
CA ARG A 403 28.08 -24.15 41.43
C ARG A 403 27.74 -25.33 42.33
N GLN A 404 27.11 -25.06 43.48
CA GLN A 404 26.67 -26.14 44.37
C GLN A 404 25.63 -27.02 43.68
N LEU A 405 24.69 -26.39 42.95
CA LEU A 405 23.66 -27.17 42.25
C LEU A 405 24.27 -27.98 41.11
N ASN A 406 25.29 -27.45 40.44
CA ASN A 406 25.96 -28.18 39.37
C ASN A 406 26.79 -29.32 39.93
N LEU A 407 27.38 -29.14 41.12
CA LEU A 407 28.08 -30.23 41.78
C LEU A 407 27.12 -31.33 42.18
N ASN A 408 25.93 -30.96 42.67
CA ASN A 408 24.89 -31.93 42.96
C ASN A 408 24.00 -32.14 41.75
N PRO B 15 17.87 -8.19 4.18
CA PRO B 15 18.41 -9.16 5.13
C PRO B 15 19.10 -8.50 6.33
N ALA B 16 20.16 -9.12 6.83
CA ALA B 16 20.92 -8.62 7.97
C ALA B 16 22.16 -7.86 7.54
N TYR B 17 22.10 -7.16 6.42
CA TYR B 17 23.25 -6.42 5.88
C TYR B 17 23.44 -5.07 6.55
N ARG B 18 22.57 -4.71 7.50
CA ARG B 18 22.71 -3.45 8.22
C ARG B 18 23.98 -3.38 9.04
N ILE B 19 24.53 -4.53 9.44
CA ILE B 19 25.83 -4.56 10.10
C ILE B 19 26.99 -4.40 9.13
N LEU B 20 26.71 -4.40 7.82
CA LEU B 20 27.73 -4.35 6.79
C LEU B 20 27.80 -2.98 6.12
N LYS B 21 27.18 -1.97 6.72
CA LYS B 21 27.21 -0.60 6.19
C LYS B 21 27.69 0.34 7.27
N PRO B 22 28.77 1.10 7.04
CA PRO B 22 29.25 2.03 8.07
C PRO B 22 28.33 3.24 8.26
N TRP B 23 28.67 4.10 9.21
CA TRP B 23 27.82 5.27 9.48
C TRP B 23 27.86 6.26 8.32
N TRP B 24 28.95 6.30 7.56
CA TRP B 24 29.03 7.18 6.40
C TRP B 24 28.31 6.60 5.17
N ASP B 25 27.62 5.47 5.31
CA ASP B 25 26.73 4.97 4.28
C ASP B 25 25.28 4.94 4.73
N VAL B 26 24.98 5.52 5.89
CA VAL B 26 23.60 5.73 6.32
C VAL B 26 23.19 7.18 6.15
N PHE B 27 24.10 8.11 6.49
CA PHE B 27 23.87 9.53 6.22
C PHE B 27 23.74 9.77 4.72
N THR B 28 24.56 9.07 3.94
CA THR B 28 24.41 9.08 2.49
C THR B 28 23.05 8.55 2.06
N ASP B 29 22.60 7.46 2.69
CA ASP B 29 21.32 6.86 2.33
C ASP B 29 20.13 7.74 2.70
N TYR B 30 20.29 8.64 3.68
CA TYR B 30 19.21 9.56 4.00
C TYR B 30 19.26 10.83 3.17
N ILE B 31 20.47 11.33 2.89
CA ILE B 31 20.60 12.50 2.03
C ILE B 31 20.11 12.17 0.62
N SER B 32 20.42 10.97 0.14
CA SER B 32 20.00 10.57 -1.20
C SER B 32 18.56 10.07 -1.26
N ILE B 33 17.75 10.29 -0.22
CA ILE B 33 16.31 10.08 -0.36
C ILE B 33 15.63 11.41 -0.09
N VAL B 34 16.27 12.28 0.69
CA VAL B 34 15.79 13.66 0.79
C VAL B 34 15.93 14.35 -0.57
N MET B 35 17.02 14.07 -1.28
CA MET B 35 17.21 14.61 -2.63
C MET B 35 16.11 14.14 -3.57
N LEU B 36 15.75 12.85 -3.50
CA LEU B 36 14.68 12.35 -4.36
C LEU B 36 13.32 12.95 -3.98
N MET B 37 13.12 13.20 -2.68
CA MET B 37 11.87 13.84 -2.25
C MET B 37 11.74 15.25 -2.82
N ILE B 38 12.81 16.05 -2.73
CA ILE B 38 12.71 17.40 -3.29
C ILE B 38 12.70 17.36 -4.81
N ALA B 39 13.28 16.32 -5.42
CA ALA B 39 13.25 16.17 -6.86
C ALA B 39 11.83 15.91 -7.34
N VAL B 40 11.12 14.97 -6.69
CA VAL B 40 9.76 14.67 -7.13
C VAL B 40 8.83 15.81 -6.79
N PHE B 41 9.09 16.56 -5.71
CA PHE B 41 8.27 17.73 -5.40
C PHE B 41 8.43 18.81 -6.46
N GLY B 42 9.67 19.11 -6.84
CA GLY B 42 9.90 20.08 -7.91
C GLY B 42 9.31 19.62 -9.24
N GLY B 43 9.40 18.30 -9.51
CA GLY B 43 8.84 17.78 -10.74
C GLY B 43 7.33 17.90 -10.81
N THR B 44 6.63 17.57 -9.72
CA THR B 44 5.18 17.68 -9.76
C THR B 44 4.74 19.13 -9.77
N LEU B 45 5.49 20.03 -9.11
CA LEU B 45 5.19 21.45 -9.19
C LEU B 45 5.35 21.98 -10.62
N GLN B 46 6.44 21.59 -11.28
CA GLN B 46 6.70 22.06 -12.64
C GLN B 46 5.70 21.50 -13.63
N VAL B 47 5.29 20.24 -13.48
CA VAL B 47 4.31 19.69 -14.40
C VAL B 47 2.90 20.18 -14.08
N THR B 48 2.65 20.63 -12.85
CA THR B 48 1.32 21.11 -12.51
C THR B 48 1.12 22.55 -12.97
N GLN B 49 2.05 23.46 -12.67
CA GLN B 49 1.82 24.88 -12.96
C GLN B 49 2.28 25.24 -14.36
N ASP B 50 3.60 25.16 -14.61
CA ASP B 50 4.22 25.32 -15.94
C ASP B 50 3.76 26.59 -16.65
N LYS B 51 3.68 27.69 -15.93
CA LYS B 51 3.11 28.92 -16.47
C LYS B 51 4.08 30.07 -16.37
N MET B 52 3.89 31.03 -17.27
CA MET B 52 4.51 32.34 -17.16
C MET B 52 3.64 33.33 -17.91
N ILE B 53 3.46 34.51 -17.32
CA ILE B 53 2.50 35.50 -17.79
C ILE B 53 3.25 36.61 -18.48
N CYS B 54 2.83 36.95 -19.70
CA CYS B 54 3.55 37.91 -20.52
C CYS B 54 2.62 38.99 -21.02
N LEU B 55 3.12 40.22 -21.07
CA LEU B 55 2.41 41.38 -21.57
C LEU B 55 3.29 42.12 -22.58
N PRO B 56 2.70 42.80 -23.54
CA PRO B 56 3.49 43.58 -24.50
C PRO B 56 3.78 44.99 -24.02
N CYS B 57 4.95 45.48 -24.40
CA CYS B 57 5.37 46.84 -24.09
C CYS B 57 5.15 47.71 -25.31
N LYS B 58 4.38 48.79 -25.15
CA LYS B 58 3.99 49.63 -26.27
C LYS B 58 5.14 50.50 -26.75
N TRP B 59 5.94 51.02 -25.83
CA TRP B 59 7.07 51.88 -26.16
C TRP B 59 8.37 51.14 -25.84
N VAL B 60 9.23 50.99 -26.84
CA VAL B 60 10.44 50.19 -26.72
C VAL B 60 11.66 51.06 -26.99
N THR B 61 12.69 50.89 -26.17
CA THR B 61 14.01 51.46 -26.39
C THR B 61 15.04 50.38 -26.13
N LYS B 62 15.99 50.22 -27.07
CA LYS B 62 17.07 49.22 -27.08
C LYS B 62 16.63 47.83 -26.62
N ASP B 63 15.47 47.38 -27.12
CA ASP B 63 14.84 46.11 -26.73
C ASP B 63 14.59 46.03 -25.23
N SER B 64 14.16 47.16 -24.65
CA SER B 64 13.68 47.22 -23.29
C SER B 64 12.49 48.17 -23.26
N CYS B 65 11.61 47.95 -22.29
CA CYS B 65 10.41 48.77 -22.19
C CYS B 65 10.77 50.17 -21.70
N ASN B 66 10.18 51.18 -22.35
CA ASN B 66 10.63 52.57 -22.18
C ASN B 66 10.31 53.14 -20.81
N ASP B 67 9.41 52.49 -20.05
CA ASP B 67 8.99 52.93 -18.72
C ASP B 67 8.40 54.33 -18.75
N SER B 68 7.46 54.56 -19.66
CA SER B 68 6.79 55.86 -19.78
C SER B 68 5.50 55.88 -18.98
N THR B 92 -9.75 62.20 -16.92
CA THR B 92 -8.94 62.84 -15.89
C THR B 92 -8.29 61.82 -14.98
N GLY B 93 -9.09 60.91 -14.44
CA GLY B 93 -8.60 59.86 -13.59
C GLY B 93 -7.79 58.84 -14.37
N PRO B 94 -7.00 58.03 -13.66
CA PRO B 94 -6.22 56.99 -14.33
C PRO B 94 -7.13 55.94 -14.97
N THR B 95 -6.71 55.45 -16.13
CA THR B 95 -7.47 54.50 -16.90
C THR B 95 -6.55 53.39 -17.40
N GLY B 96 -7.16 52.23 -17.67
CA GLY B 96 -6.39 51.09 -18.11
C GLY B 96 -5.85 51.26 -19.52
N ILE B 97 -4.93 50.37 -19.87
CA ILE B 97 -4.30 50.37 -21.19
C ILE B 97 -4.86 49.21 -21.98
N LYS B 98 -5.41 49.50 -23.16
CA LYS B 98 -6.06 48.50 -23.98
C LYS B 98 -5.09 48.01 -25.05
N TYR B 99 -4.79 46.71 -25.03
CA TYR B 99 -3.90 46.11 -26.00
C TYR B 99 -4.63 45.48 -27.17
N ASP B 100 -5.94 45.29 -27.06
CA ASP B 100 -6.78 44.68 -28.10
C ASP B 100 -6.29 43.29 -28.48
N LEU B 101 -6.07 42.45 -27.46
CA LEU B 101 -5.72 41.06 -27.67
C LEU B 101 -6.72 40.17 -26.94
N ASP B 102 -7.12 39.09 -27.59
CA ASP B 102 -7.95 38.10 -26.92
C ASP B 102 -7.08 37.16 -26.10
N ARG B 103 -7.72 36.20 -25.44
CA ARG B 103 -7.02 35.33 -24.50
C ARG B 103 -6.09 34.36 -25.22
N HIS B 104 -6.47 33.95 -26.43
CA HIS B 104 -5.75 32.88 -27.10
C HIS B 104 -4.42 33.36 -27.66
N GLN B 105 -4.37 34.63 -28.09
CA GLN B 105 -3.10 35.23 -28.47
C GLN B 105 -2.16 35.33 -27.28
N TYR B 106 -2.71 35.63 -26.10
CA TYR B 106 -1.92 35.62 -24.88
C TYR B 106 -1.36 34.24 -24.59
N ASN B 107 -2.17 33.19 -24.80
CA ASN B 107 -1.66 31.83 -24.61
C ASN B 107 -0.55 31.52 -25.60
N TYR B 108 -0.69 31.95 -26.85
CA TYR B 108 0.34 31.67 -27.86
C TYR B 108 1.64 32.38 -27.52
N VAL B 109 1.58 33.65 -27.15
CA VAL B 109 2.81 34.36 -26.84
C VAL B 109 3.42 33.84 -25.55
N ASP B 110 2.59 33.35 -24.61
CA ASP B 110 3.13 32.71 -23.41
C ASP B 110 3.91 31.45 -23.76
N ALA B 111 3.38 30.61 -24.64
CA ALA B 111 4.10 29.41 -25.04
C ALA B 111 5.40 29.75 -25.77
N VAL B 112 5.35 30.73 -26.67
CA VAL B 112 6.53 31.06 -27.47
C VAL B 112 7.64 31.65 -26.59
N CYS B 113 7.29 32.59 -25.71
CA CYS B 113 8.29 33.13 -24.80
C CYS B 113 8.61 32.17 -23.66
N TYR B 114 7.84 31.11 -23.48
CA TYR B 114 8.21 30.08 -22.51
C TYR B 114 9.30 29.18 -23.06
N GLU B 115 9.27 28.89 -24.35
CA GLU B 115 10.31 28.01 -24.85
C GLU B 115 11.53 28.79 -25.35
N ASN B 116 11.30 29.81 -26.18
CA ASN B 116 12.42 30.40 -26.91
C ASN B 116 13.31 31.27 -26.04
N ARG B 117 12.77 31.87 -24.98
CA ARG B 117 13.53 32.85 -24.21
C ARG B 117 13.56 32.57 -22.71
N LEU B 118 13.18 31.37 -22.29
CA LEU B 118 13.36 30.95 -20.91
C LEU B 118 14.48 29.91 -20.86
N HIS B 119 15.41 30.09 -19.93
CA HIS B 119 16.58 29.24 -19.86
C HIS B 119 16.21 27.81 -19.50
N TRP B 120 16.99 26.86 -20.04
CA TRP B 120 16.68 25.45 -19.87
C TRP B 120 16.86 24.99 -18.43
N PHE B 121 17.75 25.63 -17.69
CA PHE B 121 17.92 25.27 -16.29
C PHE B 121 16.72 25.66 -15.43
N ALA B 122 15.93 26.63 -15.88
CA ALA B 122 14.73 27.02 -15.15
C ALA B 122 13.61 26.00 -15.30
N LYS B 123 13.70 25.10 -16.27
CA LYS B 123 12.60 24.19 -16.60
C LYS B 123 12.89 22.74 -16.24
N TYR B 124 14.09 22.24 -16.51
CA TYR B 124 14.40 20.82 -16.36
C TYR B 124 15.28 20.52 -15.15
N PHE B 125 15.43 21.49 -14.25
CA PHE B 125 16.18 21.26 -13.02
C PHE B 125 15.64 20.12 -12.14
N PRO B 126 14.32 19.97 -11.90
CA PRO B 126 13.87 18.78 -11.14
C PRO B 126 14.20 17.46 -11.82
N TYR B 127 14.13 17.40 -13.15
CA TYR B 127 14.49 16.16 -13.84
C TYR B 127 15.98 15.90 -13.76
N LEU B 128 16.79 16.96 -13.80
CA LEU B 128 18.24 16.80 -13.63
C LEU B 128 18.58 16.26 -12.25
N VAL B 129 17.95 16.81 -11.20
CA VAL B 129 18.31 16.35 -9.86
C VAL B 129 17.73 14.96 -9.59
N LEU B 130 16.60 14.63 -10.21
CA LEU B 130 16.10 13.26 -10.13
C LEU B 130 17.06 12.27 -10.77
N LEU B 131 17.60 12.63 -11.94
CA LEU B 131 18.59 11.77 -12.60
C LEU B 131 19.84 11.60 -11.75
N HIS B 132 20.32 12.71 -11.15
CA HIS B 132 21.51 12.63 -10.30
C HIS B 132 21.27 11.78 -9.07
N THR B 133 20.08 11.89 -8.47
CA THR B 133 19.76 11.07 -7.30
C THR B 133 19.69 9.59 -7.67
N LEU B 134 19.08 9.27 -8.82
CA LEU B 134 19.00 7.87 -9.23
C LEU B 134 20.37 7.29 -9.53
N ILE B 135 21.25 8.07 -10.16
CA ILE B 135 22.60 7.56 -10.46
C ILE B 135 23.39 7.41 -9.16
N PHE B 136 23.19 8.31 -8.20
CA PHE B 136 23.84 8.16 -6.90
C PHE B 136 23.40 6.90 -6.18
N LEU B 137 22.09 6.62 -6.18
CA LEU B 137 21.59 5.40 -5.53
C LEU B 137 22.08 4.15 -6.24
N ALA B 138 22.12 4.17 -7.58
CA ALA B 138 22.61 3.02 -8.33
C ALA B 138 24.10 2.79 -8.05
N CYS B 139 24.88 3.87 -7.97
CA CYS B 139 26.30 3.74 -7.64
C CYS B 139 26.49 3.25 -6.21
N SER B 140 25.55 3.57 -5.31
CA SER B 140 25.67 3.09 -3.93
C SER B 140 25.35 1.61 -3.83
N ASN B 141 24.33 1.14 -4.54
CA ASN B 141 23.85 -0.24 -4.38
C ASN B 141 24.34 -1.20 -5.45
N PHE B 142 25.14 -0.74 -6.41
CA PHE B 142 25.72 -1.66 -7.40
C PHE B 142 26.69 -2.63 -6.75
N TRP B 143 27.34 -2.21 -5.66
CA TRP B 143 28.21 -3.09 -4.89
C TRP B 143 27.44 -4.27 -4.29
N PHE B 144 26.25 -4.02 -3.76
CA PHE B 144 25.44 -5.09 -3.21
C PHE B 144 24.83 -5.95 -4.30
N LYS B 145 24.26 -5.33 -5.33
CA LYS B 145 23.46 -6.08 -6.30
C LYS B 145 24.28 -6.88 -7.29
N PHE B 146 25.57 -6.58 -7.42
CA PHE B 146 26.44 -7.37 -8.30
C PHE B 146 26.63 -8.75 -7.70
N PRO B 147 26.35 -9.83 -8.43
CA PRO B 147 26.36 -11.16 -7.80
C PRO B 147 27.75 -11.67 -7.45
N ARG B 148 28.77 -11.32 -8.23
CA ARG B 148 30.12 -11.83 -8.01
C ARG B 148 30.68 -11.41 -6.67
N THR B 149 30.27 -10.25 -6.16
CA THR B 149 30.61 -9.85 -4.80
C THR B 149 29.48 -10.11 -3.81
N SER B 150 28.24 -10.19 -4.29
CA SER B 150 27.11 -10.46 -3.41
C SER B 150 27.24 -11.84 -2.77
N SER B 151 27.73 -12.82 -3.54
CA SER B 151 27.94 -14.16 -3.00
C SER B 151 28.96 -14.14 -1.86
N LYS B 152 30.08 -13.45 -2.08
CA LYS B 152 31.12 -13.36 -1.06
C LYS B 152 30.61 -12.66 0.19
N LEU B 153 29.88 -11.54 0.01
CA LEU B 153 29.35 -10.81 1.15
C LEU B 153 28.32 -11.63 1.93
N GLU B 154 27.42 -12.33 1.25
CA GLU B 154 26.40 -13.08 1.99
C GLU B 154 27.00 -14.29 2.69
N HIS B 155 27.97 -14.96 2.07
CA HIS B 155 28.50 -16.14 2.72
C HIS B 155 29.46 -15.74 3.85
N PHE B 156 30.13 -14.59 3.69
CA PHE B 156 30.85 -13.93 4.78
C PHE B 156 29.95 -13.61 5.97
N VAL B 157 28.81 -12.96 5.72
CA VAL B 157 27.98 -12.57 6.85
C VAL B 157 27.33 -13.78 7.50
N SER B 158 27.08 -14.85 6.72
CA SER B 158 26.59 -16.09 7.32
C SER B 158 27.62 -16.72 8.24
N ILE B 159 28.90 -16.77 7.82
CA ILE B 159 29.87 -17.42 8.71
C ILE B 159 30.17 -16.54 9.92
N LEU B 160 30.11 -15.21 9.78
CA LEU B 160 30.25 -14.36 10.97
C LEU B 160 29.07 -14.51 11.93
N LEU B 161 27.85 -14.64 11.42
CA LEU B 161 26.72 -14.86 12.31
C LEU B 161 26.82 -16.22 13.00
N LYS B 162 27.29 -17.24 12.27
CA LYS B 162 27.47 -18.57 12.85
C LYS B 162 28.56 -18.57 13.91
N CYS B 163 29.67 -17.86 13.66
CA CYS B 163 30.73 -17.74 14.67
C CYS B 163 30.27 -16.92 15.86
N PHE B 164 29.37 -15.96 15.63
CA PHE B 164 28.80 -15.19 16.75
C PHE B 164 27.92 -16.08 17.62
N ASP B 165 27.07 -16.91 17.01
CA ASP B 165 26.06 -17.63 17.77
C ASP B 165 26.57 -18.94 18.36
N SER B 166 27.79 -19.36 18.06
CA SER B 166 28.30 -20.61 18.60
C SER B 166 28.62 -20.46 20.08
N PRO B 167 28.27 -21.45 20.91
CA PRO B 167 28.48 -21.32 22.35
C PRO B 167 29.89 -21.64 22.82
N TRP B 168 30.73 -22.23 21.97
CA TRP B 168 32.08 -22.59 22.38
C TRP B 168 32.97 -21.36 22.55
N THR B 169 32.57 -20.23 21.96
CA THR B 169 33.37 -19.01 22.01
C THR B 169 33.51 -18.49 23.44
N THR B 170 32.45 -18.59 24.24
CA THR B 170 32.52 -18.15 25.63
C THR B 170 33.51 -18.99 26.44
N ARG B 171 33.48 -20.31 26.23
CA ARG B 171 34.43 -21.20 26.89
C ARG B 171 35.85 -20.91 26.44
N ALA B 172 36.03 -20.63 25.15
CA ALA B 172 37.37 -20.40 24.63
C ALA B 172 37.93 -19.05 25.08
N LEU B 173 37.08 -18.03 25.21
CA LEU B 173 37.52 -16.74 25.73
C LEU B 173 37.63 -16.72 27.25
N SER B 174 37.05 -17.70 27.93
CA SER B 174 37.20 -17.79 29.38
C SER B 174 38.51 -18.50 29.74
N ASP B 233 29.54 -33.00 25.35
CA ASP B 233 30.56 -31.97 25.21
C ASP B 233 31.52 -32.30 24.07
N LYS B 234 31.20 -33.36 23.33
CA LYS B 234 31.98 -33.77 22.17
C LYS B 234 31.24 -33.54 20.86
N LYS B 235 29.91 -33.61 20.88
CA LYS B 235 29.12 -33.23 19.71
C LYS B 235 29.34 -31.75 19.38
N GLU B 236 29.32 -30.88 20.39
CA GLU B 236 29.62 -29.48 20.19
C GLU B 236 31.03 -29.29 19.65
N GLY B 237 31.96 -30.15 20.10
CA GLY B 237 33.28 -30.18 19.49
C GLY B 237 33.25 -30.58 18.03
N GLU B 238 32.29 -31.43 17.64
CA GLU B 238 32.17 -31.82 16.24
C GLU B 238 31.70 -30.65 15.38
N GLN B 239 30.68 -29.91 15.83
CA GLN B 239 30.33 -28.71 15.05
C GLN B 239 31.43 -27.65 15.10
N ALA B 240 32.18 -27.58 16.21
CA ALA B 240 33.30 -26.64 16.26
C ALA B 240 34.40 -27.01 15.27
N LYS B 241 34.70 -28.31 15.13
CA LYS B 241 35.68 -28.76 14.15
C LYS B 241 35.20 -28.51 12.72
N ALA B 242 33.91 -28.75 12.46
CA ALA B 242 33.36 -28.46 11.14
C ALA B 242 33.44 -26.97 10.83
N LEU B 243 33.18 -26.13 11.83
CA LEU B 243 33.23 -24.69 11.60
C LEU B 243 34.68 -24.22 11.43
N PHE B 244 35.63 -24.84 12.13
CA PHE B 244 37.05 -24.56 11.89
C PHE B 244 37.44 -24.91 10.46
N GLU B 245 36.98 -26.07 9.98
CA GLU B 245 37.31 -26.48 8.62
C GLU B 245 36.70 -25.53 7.59
N LYS B 246 35.45 -25.10 7.80
CA LYS B 246 34.85 -24.20 6.83
C LYS B 246 35.42 -22.79 6.92
N VAL B 247 35.92 -22.38 8.09
CA VAL B 247 36.61 -21.09 8.21
C VAL B 247 37.95 -21.15 7.49
N LYS B 248 38.66 -22.28 7.60
CA LYS B 248 39.90 -22.46 6.84
C LYS B 248 39.63 -22.47 5.33
N LYS B 249 38.52 -23.10 4.92
CA LYS B 249 38.11 -23.08 3.52
C LYS B 249 37.80 -21.67 3.05
N PHE B 250 37.13 -20.88 3.89
CA PHE B 250 36.87 -19.47 3.57
C PHE B 250 38.16 -18.68 3.44
N ARG B 251 39.11 -18.89 4.36
CA ARG B 251 40.36 -18.14 4.33
C ARG B 251 41.15 -18.46 3.07
N THR B 252 41.14 -19.73 2.66
CA THR B 252 41.76 -20.09 1.38
C THR B 252 40.97 -19.53 0.21
N HIS B 253 39.65 -19.41 0.34
CA HIS B 253 38.80 -19.00 -0.77
C HIS B 253 38.94 -17.51 -1.10
N VAL B 254 38.93 -16.65 -0.08
CA VAL B 254 38.77 -15.22 -0.32
C VAL B 254 40.09 -14.45 -0.21
N GLU B 255 41.21 -15.14 0.03
CA GLU B 255 42.47 -14.44 0.22
C GLU B 255 43.09 -13.94 -1.07
N GLU B 256 42.76 -14.55 -2.21
CA GLU B 256 43.43 -14.21 -3.46
C GLU B 256 42.71 -13.15 -4.28
N GLY B 257 41.45 -12.87 -3.97
CA GLY B 257 40.70 -11.91 -4.76
C GLY B 257 41.01 -10.47 -4.40
N ASP B 258 40.45 -9.55 -5.20
CA ASP B 258 40.47 -8.14 -4.84
C ASP B 258 39.21 -7.40 -5.29
N ILE B 259 38.19 -8.11 -5.75
CA ILE B 259 37.10 -7.49 -6.50
C ILE B 259 36.23 -6.61 -5.60
N VAL B 260 36.00 -7.03 -4.35
CA VAL B 260 35.17 -6.25 -3.45
C VAL B 260 35.84 -4.93 -3.09
N TYR B 261 37.14 -4.97 -2.78
CA TYR B 261 37.88 -3.76 -2.47
C TYR B 261 37.96 -2.84 -3.68
N ARG B 262 38.20 -3.41 -4.87
CA ARG B 262 38.27 -2.60 -6.09
C ARG B 262 36.95 -1.91 -6.38
N LEU B 263 35.84 -2.64 -6.26
CA LEU B 263 34.53 -2.04 -6.51
C LEU B 263 34.19 -0.97 -5.48
N TYR B 264 34.47 -1.24 -4.20
CA TYR B 264 34.11 -0.27 -3.17
C TYR B 264 35.04 0.93 -3.14
N MET B 265 36.20 0.86 -3.79
CA MET B 265 36.98 2.08 -3.98
C MET B 265 36.56 2.84 -5.22
N ARG B 266 36.24 2.13 -6.30
CA ARG B 266 35.86 2.79 -7.55
C ARG B 266 34.52 3.51 -7.43
N GLN B 267 33.58 2.91 -6.67
CA GLN B 267 32.29 3.55 -6.47
C GLN B 267 32.44 4.88 -5.74
N THR B 268 33.29 4.92 -4.70
CA THR B 268 33.48 6.15 -3.96
C THR B 268 34.21 7.20 -4.78
N ILE B 269 35.19 6.79 -5.59
CA ILE B 269 35.90 7.81 -6.37
C ILE B 269 35.01 8.38 -7.47
N ILE B 270 34.15 7.56 -8.08
CA ILE B 270 33.26 8.16 -9.08
C ILE B 270 32.14 8.95 -8.41
N LYS B 271 31.76 8.62 -7.17
CA LYS B 271 30.83 9.47 -6.44
C LYS B 271 31.44 10.84 -6.16
N VAL B 272 32.73 10.87 -5.81
CA VAL B 272 33.43 12.13 -5.56
C VAL B 272 33.50 12.97 -6.83
N ILE B 273 33.83 12.34 -7.96
CA ILE B 273 33.92 13.12 -9.20
C ILE B 273 32.54 13.57 -9.66
N LYS B 274 31.48 12.79 -9.37
CA LYS B 274 30.12 13.24 -9.66
C LYS B 274 29.76 14.46 -8.83
N PHE B 275 30.07 14.43 -7.53
CA PHE B 275 29.84 15.58 -6.67
C PHE B 275 30.56 16.83 -7.17
N ALA B 276 31.81 16.65 -7.61
CA ALA B 276 32.57 17.78 -8.16
C ALA B 276 31.89 18.36 -9.40
N LEU B 277 31.43 17.49 -10.32
CA LEU B 277 30.75 17.97 -11.51
C LEU B 277 29.45 18.71 -11.17
N ILE B 278 28.67 18.16 -10.25
CA ILE B 278 27.38 18.76 -9.87
C ILE B 278 27.59 20.15 -9.30
N ILE B 279 28.57 20.29 -8.40
CA ILE B 279 28.81 21.61 -7.81
C ILE B 279 29.40 22.56 -8.84
N CYS B 280 30.28 22.08 -9.72
CA CYS B 280 30.90 22.99 -10.67
C CYS B 280 29.96 23.45 -11.78
N TYR B 281 28.79 22.83 -11.98
CA TYR B 281 27.88 23.49 -12.92
C TYR B 281 26.67 24.13 -12.26
N THR B 282 26.16 23.56 -11.15
CA THR B 282 24.89 24.02 -10.60
C THR B 282 25.00 25.42 -10.01
N VAL B 283 26.08 25.69 -9.27
CA VAL B 283 26.26 27.03 -8.70
C VAL B 283 26.59 28.03 -9.80
N TYR B 284 27.10 27.58 -10.94
CA TYR B 284 27.33 28.49 -12.05
C TYR B 284 26.02 28.88 -12.72
N TYR B 285 25.10 27.94 -12.88
CA TYR B 285 23.85 28.22 -13.58
C TYR B 285 22.70 28.61 -12.66
N VAL B 286 22.90 28.63 -11.35
CA VAL B 286 21.78 28.88 -10.45
C VAL B 286 21.35 30.35 -10.45
N HIS B 287 22.24 31.28 -10.80
CA HIS B 287 21.90 32.69 -10.82
C HIS B 287 20.97 33.06 -11.97
N ASN B 288 20.77 32.16 -12.93
CA ASN B 288 20.15 32.53 -14.20
C ASN B 288 18.63 32.53 -14.10
N ILE B 289 18.06 31.89 -13.08
CA ILE B 289 16.61 31.91 -12.91
C ILE B 289 16.22 33.17 -12.14
N LYS B 290 15.13 33.81 -12.57
CA LYS B 290 14.71 35.08 -11.98
C LYS B 290 13.24 35.29 -12.28
N PHE B 291 12.64 36.20 -11.52
CA PHE B 291 11.21 36.47 -11.68
C PHE B 291 10.95 37.25 -12.96
N ASP B 292 11.74 38.29 -13.22
CA ASP B 292 11.53 39.15 -14.38
C ASP B 292 12.38 38.66 -15.54
N VAL B 293 11.73 38.38 -16.67
CA VAL B 293 12.42 38.01 -17.90
C VAL B 293 11.84 38.81 -19.05
N ASP B 294 12.71 39.23 -19.98
CA ASP B 294 12.30 39.93 -21.17
C ASP B 294 12.50 39.04 -22.38
N CYS B 295 11.47 38.92 -23.21
CA CYS B 295 11.55 38.08 -24.39
C CYS B 295 11.31 38.93 -25.64
N THR B 296 12.01 38.57 -26.71
CA THR B 296 11.87 39.20 -28.01
C THR B 296 11.97 38.09 -29.05
N VAL B 297 10.83 37.73 -29.65
CA VAL B 297 10.72 36.49 -30.41
C VAL B 297 10.40 36.71 -31.87
N ASP B 298 10.13 37.94 -32.30
CA ASP B 298 9.86 38.31 -33.69
C ASP B 298 8.65 37.55 -34.24
N ILE B 299 7.50 37.83 -33.63
CA ILE B 299 6.22 37.45 -34.21
C ILE B 299 5.33 38.69 -34.33
N GLU B 300 5.45 39.37 -35.47
CA GLU B 300 4.63 40.53 -35.74
C GLU B 300 3.39 40.18 -36.54
N SER B 301 3.47 39.14 -37.37
CA SER B 301 2.37 38.79 -38.25
C SER B 301 1.21 38.14 -37.53
N LEU B 302 1.36 37.80 -36.25
CA LEU B 302 0.33 37.08 -35.52
C LEU B 302 -0.34 37.91 -34.44
N THR B 303 0.43 38.65 -33.65
CA THR B 303 -0.13 39.51 -32.62
C THR B 303 -0.09 40.98 -33.00
N GLY B 304 1.08 41.48 -33.40
CA GLY B 304 1.26 42.87 -33.77
C GLY B 304 2.34 43.59 -32.99
N TYR B 305 2.68 43.11 -31.81
CA TYR B 305 3.72 43.71 -30.98
C TYR B 305 5.05 43.02 -31.24
N ARG B 306 6.12 43.62 -30.73
CA ARG B 306 7.47 43.16 -31.01
C ARG B 306 8.15 42.53 -29.80
N THR B 307 8.26 43.25 -28.70
CA THR B 307 8.90 42.74 -27.50
C THR B 307 7.88 42.65 -26.37
N TYR B 308 8.10 41.70 -25.48
CA TYR B 308 7.16 41.43 -24.41
C TYR B 308 7.89 41.37 -23.07
N ARG B 309 7.26 41.93 -22.05
CA ARG B 309 7.73 41.77 -20.67
C ARG B 309 6.94 40.65 -20.03
N CYS B 310 7.64 39.74 -19.36
CA CYS B 310 7.05 38.51 -18.87
C CYS B 310 7.22 38.40 -17.36
N ALA B 311 6.78 37.26 -16.82
CA ALA B 311 6.86 37.01 -15.38
C ALA B 311 6.75 35.50 -15.15
N HIS B 312 7.73 34.92 -14.47
CA HIS B 312 7.74 33.50 -14.17
C HIS B 312 7.48 33.32 -12.69
N PRO B 313 6.26 32.92 -12.27
CA PRO B 313 5.92 32.97 -10.84
C PRO B 313 6.59 31.89 -10.00
N LEU B 314 7.15 30.84 -10.58
CA LEU B 314 7.76 29.77 -9.80
C LEU B 314 9.25 30.00 -9.54
N ALA B 315 9.77 31.17 -9.91
CA ALA B 315 11.21 31.40 -9.89
C ALA B 315 11.77 31.41 -8.47
N THR B 316 11.07 32.05 -7.54
CA THR B 316 11.60 32.15 -6.18
C THR B 316 11.61 30.80 -5.48
N LEU B 317 10.53 30.03 -5.65
CA LEU B 317 10.49 28.69 -5.05
C LEU B 317 11.52 27.76 -5.68
N PHE B 318 11.73 27.86 -6.99
CA PHE B 318 12.76 27.04 -7.63
C PHE B 318 14.15 27.46 -7.18
N LYS B 319 14.38 28.75 -6.94
CA LYS B 319 15.68 29.20 -6.43
C LYS B 319 15.92 28.68 -5.02
N ILE B 320 14.87 28.69 -4.19
CA ILE B 320 14.98 28.16 -2.82
C ILE B 320 15.33 26.68 -2.87
N LEU B 321 14.61 25.92 -3.72
CA LEU B 321 14.88 24.49 -3.84
C LEU B 321 16.27 24.22 -4.37
N ALA B 322 16.74 25.04 -5.33
CA ALA B 322 18.08 24.86 -5.87
C ALA B 322 19.15 25.13 -4.82
N SER B 323 18.98 26.18 -4.02
CA SER B 323 19.97 26.47 -2.98
C SER B 323 20.01 25.37 -1.92
N PHE B 324 18.83 24.87 -1.55
CA PHE B 324 18.76 23.75 -0.61
C PHE B 324 19.47 22.52 -1.17
N TYR B 325 19.25 22.24 -2.46
CA TYR B 325 19.90 21.11 -3.11
C TYR B 325 21.42 21.27 -3.14
N ILE B 326 21.90 22.49 -3.41
CA ILE B 326 23.35 22.73 -3.44
C ILE B 326 23.97 22.48 -2.08
N SER B 327 23.34 22.98 -1.01
CA SER B 327 23.87 22.75 0.33
C SER B 327 23.88 21.26 0.68
N LEU B 328 22.81 20.55 0.30
CA LEU B 328 22.71 19.14 0.64
C LEU B 328 23.75 18.30 -0.13
N VAL B 329 23.98 18.63 -1.40
CA VAL B 329 25.03 17.96 -2.17
C VAL B 329 26.42 18.30 -1.62
N ILE B 330 26.61 19.52 -1.09
CA ILE B 330 27.88 19.86 -0.44
C ILE B 330 28.13 18.95 0.76
N PHE B 331 27.09 18.73 1.58
CA PHE B 331 27.26 17.83 2.72
C PHE B 331 27.55 16.40 2.28
N TYR B 332 26.86 15.93 1.24
CA TYR B 332 27.11 14.61 0.66
C TYR B 332 28.56 14.48 0.19
N GLY B 333 29.05 15.49 -0.51
CA GLY B 333 30.42 15.46 -1.02
C GLY B 333 31.45 15.50 0.08
N LEU B 334 31.16 16.23 1.17
CA LEU B 334 32.08 16.22 2.31
C LEU B 334 32.17 14.83 2.93
N ILE B 335 31.03 14.14 3.06
CA ILE B 335 31.05 12.76 3.58
C ILE B 335 31.86 11.85 2.67
N CYS B 336 31.66 11.97 1.35
CA CYS B 336 32.39 11.11 0.41
C CYS B 336 33.88 11.41 0.41
N MET B 337 34.26 12.69 0.53
CA MET B 337 35.66 13.05 0.62
C MET B 337 36.29 12.48 1.89
N TYR B 338 35.55 12.50 3.00
CA TYR B 338 36.06 11.93 4.25
C TYR B 338 36.32 10.43 4.10
N THR B 339 35.37 9.70 3.53
CA THR B 339 35.57 8.25 3.44
C THR B 339 36.65 7.89 2.42
N LEU B 340 36.80 8.68 1.36
CA LEU B 340 37.88 8.42 0.40
C LEU B 340 39.24 8.70 1.03
N TRP B 341 39.34 9.77 1.83
CA TRP B 341 40.58 10.05 2.56
C TRP B 341 40.87 8.94 3.57
N TRP B 342 39.83 8.39 4.20
CA TRP B 342 40.02 7.29 5.13
C TRP B 342 40.61 6.07 4.42
N MET B 343 40.07 5.75 3.24
CA MET B 343 40.55 4.58 2.49
C MET B 343 41.98 4.75 2.01
N LEU B 344 42.33 5.95 1.53
CA LEU B 344 43.72 6.17 1.13
C LEU B 344 44.65 6.46 2.30
N ARG B 345 44.13 6.64 3.51
CA ARG B 345 45.01 6.84 4.66
C ARG B 345 45.35 5.54 5.37
N ARG B 346 44.35 4.74 5.74
CA ARG B 346 44.62 3.65 6.68
C ARG B 346 45.30 2.44 6.06
N SER B 347 45.45 2.39 4.73
CA SER B 347 46.09 1.29 4.00
C SER B 347 45.41 -0.05 4.30
N LEU B 348 44.16 -0.15 3.84
CA LEU B 348 43.24 -1.23 4.18
C LEU B 348 43.57 -2.56 3.52
N LYS B 349 44.69 -2.78 2.83
CA LYS B 349 44.91 -4.07 2.19
C LYS B 349 45.13 -5.18 3.22
N LYS B 350 46.03 -4.95 4.18
CA LYS B 350 46.34 -5.91 5.21
C LYS B 350 45.88 -5.40 6.57
N TYR B 351 45.70 -6.35 7.50
CA TYR B 351 45.22 -6.05 8.84
C TYR B 351 46.20 -6.64 9.84
N SER B 352 46.87 -5.76 10.60
CA SER B 352 47.65 -6.22 11.74
C SER B 352 46.71 -6.48 12.91
N PHE B 353 46.86 -7.65 13.54
CA PHE B 353 45.83 -8.19 14.40
C PHE B 353 46.42 -8.40 15.81
N GLU B 354 47.25 -7.45 16.25
CA GLU B 354 48.08 -7.62 17.43
C GLU B 354 47.30 -7.46 18.73
N SER B 355 46.34 -6.53 18.78
CA SER B 355 45.75 -6.11 20.04
C SER B 355 44.92 -7.23 20.69
N ILE B 356 44.10 -7.91 19.88
CA ILE B 356 43.26 -8.98 20.43
C ILE B 356 44.10 -10.17 20.85
N ARG B 357 45.16 -10.50 20.10
CA ARG B 357 46.04 -11.59 20.49
C ARG B 357 46.80 -11.25 21.76
N GLU B 358 47.14 -9.97 21.96
CA GLU B 358 47.84 -9.58 23.19
C GLU B 358 46.90 -9.59 24.38
N GLU B 359 45.65 -9.18 24.18
CA GLU B 359 44.68 -9.18 25.27
C GLU B 359 44.31 -10.61 25.68
N SER B 360 44.10 -11.49 24.70
CA SER B 360 43.66 -12.85 24.99
C SER B 360 44.80 -13.82 25.25
N SER B 361 46.05 -13.40 25.04
CA SER B 361 47.24 -14.25 25.17
C SER B 361 47.16 -15.48 24.28
N TYR B 362 46.68 -15.28 23.05
CA TYR B 362 46.74 -16.29 22.00
C TYR B 362 47.76 -15.79 20.99
N SER B 363 49.04 -16.08 21.25
CA SER B 363 50.12 -15.43 20.52
C SER B 363 50.29 -15.98 19.11
N ASP B 364 49.70 -17.14 18.80
CA ASP B 364 49.87 -17.77 17.50
C ASP B 364 48.66 -17.46 16.61
N ILE B 365 48.67 -16.26 16.04
CA ILE B 365 47.64 -15.86 15.10
C ILE B 365 48.33 -15.20 13.92
N PRO B 366 47.91 -15.44 12.68
CA PRO B 366 48.51 -14.73 11.55
C PRO B 366 47.75 -13.50 11.09
N ASP B 367 48.31 -12.77 10.14
CA ASP B 367 47.68 -11.59 9.58
C ASP B 367 47.05 -11.92 8.24
N VAL B 368 46.05 -11.15 7.86
CA VAL B 368 45.24 -11.41 6.68
C VAL B 368 45.80 -10.62 5.50
N LYS B 369 45.89 -11.27 4.32
CA LYS B 369 46.59 -10.68 3.19
C LYS B 369 45.78 -9.57 2.52
N ASN B 370 44.65 -9.92 1.89
CA ASN B 370 43.76 -8.95 1.25
C ASN B 370 42.41 -9.59 0.95
N ASP B 371 41.41 -8.73 0.73
CA ASP B 371 40.01 -9.00 0.38
C ASP B 371 39.23 -9.67 1.49
N PHE B 372 39.88 -10.03 2.58
CA PHE B 372 39.27 -10.44 3.83
C PHE B 372 39.53 -9.44 4.94
N ALA B 373 40.70 -8.80 4.91
CA ALA B 373 40.98 -7.70 5.81
C ALA B 373 40.08 -6.50 5.52
N PHE B 374 39.62 -6.34 4.29
CA PHE B 374 38.72 -5.22 3.97
C PHE B 374 37.38 -5.37 4.68
N MET B 375 36.71 -6.51 4.52
CA MET B 375 35.45 -6.71 5.21
C MET B 375 35.66 -6.83 6.72
N LEU B 376 36.82 -7.30 7.15
CA LEU B 376 37.06 -7.38 8.59
C LEU B 376 37.28 -5.99 9.18
N HIS B 377 37.94 -5.09 8.42
CA HIS B 377 38.03 -3.68 8.80
C HIS B 377 36.66 -3.04 8.85
N LEU B 378 35.79 -3.37 7.89
CA LEU B 378 34.45 -2.80 7.85
C LEU B 378 33.63 -3.25 9.06
N ILE B 379 33.68 -4.55 9.38
CA ILE B 379 32.94 -5.01 10.55
C ILE B 379 33.58 -4.52 11.85
N ASP B 380 34.89 -4.23 11.85
CA ASP B 380 35.51 -3.57 12.99
C ASP B 380 35.02 -2.15 13.15
N GLN B 381 34.83 -1.43 12.04
CA GLN B 381 34.23 -0.10 12.08
C GLN B 381 32.78 -0.15 12.52
N TYR B 382 32.10 -1.28 12.31
CA TYR B 382 30.79 -1.45 12.92
C TYR B 382 30.92 -1.64 14.44
N ASP B 383 31.60 -2.69 14.87
CA ASP B 383 31.97 -2.86 16.28
C ASP B 383 33.13 -3.84 16.38
N PRO B 384 34.07 -3.62 17.31
CA PRO B 384 35.24 -4.50 17.38
C PRO B 384 34.97 -5.89 17.92
N LEU B 385 33.82 -6.14 18.55
CA LEU B 385 33.59 -7.41 19.22
C LEU B 385 33.34 -8.55 18.24
N TYR B 386 32.80 -8.24 17.05
CA TYR B 386 32.62 -9.27 16.04
C TYR B 386 33.95 -9.80 15.55
N SER B 387 34.95 -8.93 15.42
CA SER B 387 36.30 -9.38 15.09
C SER B 387 37.00 -10.02 16.28
N LYS B 388 36.75 -9.50 17.49
CA LYS B 388 37.40 -10.01 18.69
C LYS B 388 36.96 -11.44 19.00
N ARG B 389 35.69 -11.75 18.79
CA ARG B 389 35.20 -13.10 18.96
C ARG B 389 35.38 -13.95 17.71
N PHE B 390 35.94 -13.38 16.64
CA PHE B 390 36.40 -14.12 15.48
C PHE B 390 37.86 -14.54 15.59
N ALA B 391 38.55 -14.08 16.64
CA ALA B 391 39.97 -14.38 16.80
C ALA B 391 40.21 -15.86 17.07
N VAL B 392 39.27 -16.52 17.75
CA VAL B 392 39.52 -17.87 18.25
C VAL B 392 39.55 -18.89 17.11
N PHE B 393 38.75 -18.70 16.06
CA PHE B 393 38.63 -19.72 15.03
C PHE B 393 39.77 -19.70 14.02
N LEU B 394 40.88 -19.05 14.33
CA LEU B 394 42.03 -19.01 13.45
C LEU B 394 43.31 -19.48 14.15
N SER B 395 43.25 -19.75 15.45
CA SER B 395 44.43 -20.02 16.25
C SER B 395 44.68 -21.52 16.34
N GLU B 396 45.94 -21.92 16.10
CA GLU B 396 46.28 -23.34 16.17
C GLU B 396 46.29 -23.86 17.60
N VAL B 397 46.56 -23.03 18.60
CA VAL B 397 46.41 -23.49 19.98
C VAL B 397 44.93 -23.67 20.31
N SER B 398 44.05 -22.87 19.69
CA SER B 398 42.63 -23.10 19.82
C SER B 398 42.21 -24.41 19.16
N GLU B 399 42.82 -24.72 18.01
CA GLU B 399 42.60 -26.03 17.39
C GLU B 399 43.07 -27.17 18.29
N ASN B 400 44.23 -26.97 18.94
CA ASN B 400 44.77 -27.98 19.84
C ASN B 400 43.85 -28.20 21.03
N LYS B 401 43.32 -27.12 21.60
CA LYS B 401 42.39 -27.25 22.72
C LYS B 401 41.10 -27.91 22.29
N LEU B 402 40.63 -27.61 21.07
CA LEU B 402 39.42 -28.26 20.57
C LEU B 402 39.62 -29.76 20.39
N ARG B 403 40.74 -30.17 19.77
CA ARG B 403 40.95 -31.60 19.57
C ARG B 403 41.23 -32.30 20.90
N GLN B 404 41.83 -31.60 21.86
CA GLN B 404 42.03 -32.18 23.18
C GLN B 404 40.70 -32.42 23.90
N LEU B 405 39.79 -31.44 23.85
CA LEU B 405 38.48 -31.62 24.46
C LEU B 405 37.66 -32.67 23.71
N ASN B 406 37.90 -32.82 22.40
CA ASN B 406 37.31 -33.95 21.68
C ASN B 406 37.87 -35.27 22.16
N LEU B 407 39.18 -35.32 22.46
CA LEU B 407 39.81 -36.58 22.82
C LEU B 407 39.40 -37.03 24.21
N ASN B 408 39.40 -36.13 25.19
CA ASN B 408 38.98 -36.53 26.53
C ASN B 408 37.46 -36.52 26.64
N PRO C 15 10.23 -16.23 -4.99
CA PRO C 15 10.97 -17.19 -4.17
C PRO C 15 12.45 -16.84 -4.07
N ALA C 16 13.31 -17.87 -4.11
CA ALA C 16 14.75 -17.72 -3.98
C ALA C 16 15.46 -17.86 -5.32
N TYR C 17 14.84 -17.33 -6.38
CA TYR C 17 15.37 -17.49 -7.74
C TYR C 17 16.51 -16.52 -8.06
N ARG C 18 17.03 -15.79 -7.06
CA ARG C 18 18.16 -14.89 -7.33
C ARG C 18 19.44 -15.63 -7.65
N ILE C 19 19.52 -16.92 -7.32
CA ILE C 19 20.66 -17.74 -7.76
C ILE C 19 20.58 -17.95 -9.27
N LEU C 20 19.38 -18.14 -9.81
CA LEU C 20 19.18 -18.49 -11.20
C LEU C 20 19.10 -17.29 -12.13
N LYS C 21 19.74 -16.17 -11.76
CA LYS C 21 19.79 -14.99 -12.62
C LYS C 21 21.24 -14.56 -12.78
N PRO C 22 21.76 -14.48 -14.00
CA PRO C 22 23.11 -13.92 -14.18
C PRO C 22 23.11 -12.41 -13.99
N TRP C 23 24.29 -11.79 -14.05
CA TRP C 23 24.37 -10.36 -13.79
C TRP C 23 23.74 -9.53 -14.89
N TRP C 24 23.69 -10.06 -16.12
CA TRP C 24 23.09 -9.32 -17.22
C TRP C 24 21.56 -9.35 -17.18
N ASP C 25 20.96 -10.15 -16.30
CA ASP C 25 19.51 -10.15 -16.12
C ASP C 25 19.06 -9.24 -15.00
N VAL C 26 19.99 -8.56 -14.32
CA VAL C 26 19.65 -7.56 -13.32
C VAL C 26 19.68 -6.17 -13.92
N PHE C 27 20.68 -5.90 -14.76
CA PHE C 27 20.72 -4.65 -15.52
C PHE C 27 19.50 -4.54 -16.43
N THR C 28 19.13 -5.66 -17.08
CA THR C 28 17.89 -5.74 -17.83
C THR C 28 16.69 -5.46 -16.94
N ASP C 29 16.66 -6.04 -15.74
CA ASP C 29 15.51 -5.90 -14.87
C ASP C 29 15.40 -4.50 -14.26
N TYR C 30 16.45 -3.70 -14.33
CA TYR C 30 16.35 -2.32 -13.86
C TYR C 30 16.14 -1.32 -15.00
N ILE C 31 16.71 -1.61 -16.16
CA ILE C 31 16.44 -0.80 -17.35
C ILE C 31 14.96 -0.91 -17.72
N SER C 32 14.38 -2.12 -17.59
CA SER C 32 12.95 -2.29 -17.84
C SER C 32 12.09 -1.57 -16.80
N ILE C 33 12.64 -1.25 -15.63
CA ILE C 33 11.88 -0.49 -14.65
C ILE C 33 11.92 1.00 -14.98
N VAL C 34 13.11 1.53 -15.28
CA VAL C 34 13.18 2.97 -15.59
C VAL C 34 12.51 3.27 -16.92
N MET C 35 12.48 2.30 -17.85
CA MET C 35 11.70 2.45 -19.07
C MET C 35 10.22 2.57 -18.76
N LEU C 36 9.73 1.74 -17.85
CA LEU C 36 8.34 1.82 -17.42
C LEU C 36 8.05 3.15 -16.74
N MET C 37 9.01 3.66 -15.97
CA MET C 37 8.83 4.93 -15.27
C MET C 37 8.72 6.10 -16.25
N ILE C 38 9.61 6.15 -17.25
CA ILE C 38 9.50 7.25 -18.21
C ILE C 38 8.27 7.06 -19.09
N ALA C 39 7.86 5.81 -19.34
CA ALA C 39 6.64 5.56 -20.10
C ALA C 39 5.41 6.07 -19.36
N VAL C 40 5.29 5.77 -18.07
CA VAL C 40 4.11 6.20 -17.33
C VAL C 40 4.15 7.71 -17.09
N PHE C 41 5.35 8.30 -16.96
CA PHE C 41 5.44 9.75 -16.80
C PHE C 41 5.01 10.47 -18.07
N GLY C 42 5.51 10.04 -19.23
CA GLY C 42 5.06 10.61 -20.48
C GLY C 42 3.59 10.38 -20.73
N GLY C 43 3.09 9.22 -20.31
CA GLY C 43 1.67 8.93 -20.46
C GLY C 43 0.79 9.84 -19.65
N THR C 44 1.12 10.05 -18.37
CA THR C 44 0.26 10.90 -17.56
C THR C 44 0.39 12.36 -17.97
N LEU C 45 1.56 12.79 -18.43
CA LEU C 45 1.69 14.16 -18.93
C LEU C 45 0.89 14.36 -20.21
N GLN C 46 0.90 13.37 -21.11
CA GLN C 46 0.15 13.46 -22.35
C GLN C 46 -1.36 13.42 -22.10
N VAL C 47 -1.81 12.58 -21.18
CA VAL C 47 -3.23 12.56 -20.83
C VAL C 47 -3.63 13.87 -20.17
N THR C 48 -2.73 14.46 -19.37
CA THR C 48 -3.08 15.70 -18.69
C THR C 48 -3.18 16.87 -19.67
N GLN C 49 -2.07 17.28 -20.28
CA GLN C 49 -2.23 18.45 -21.15
C GLN C 49 -2.38 18.11 -22.63
N ASP C 50 -1.26 17.75 -23.27
CA ASP C 50 -1.11 17.55 -24.71
C ASP C 50 -1.95 18.49 -25.58
N LYS C 51 -1.95 19.77 -25.27
CA LYS C 51 -2.74 20.72 -26.04
C LYS C 51 -1.88 21.31 -27.13
N MET C 52 -2.50 22.12 -27.98
CA MET C 52 -1.75 22.88 -28.96
C MET C 52 -2.55 24.13 -29.33
N ILE C 53 -1.84 25.26 -29.41
CA ILE C 53 -2.45 26.57 -29.57
C ILE C 53 -2.27 27.00 -31.02
N CYS C 54 -3.38 27.30 -31.69
CA CYS C 54 -3.36 27.64 -33.10
C CYS C 54 -3.94 29.03 -33.32
N LEU C 55 -3.34 29.76 -34.25
CA LEU C 55 -3.75 31.09 -34.64
C LEU C 55 -3.86 31.16 -36.16
N PRO C 56 -4.73 32.00 -36.69
CA PRO C 56 -4.85 32.10 -38.15
C PRO C 56 -3.89 33.11 -38.75
N CYS C 57 -3.37 32.76 -39.92
CA CYS C 57 -2.48 33.65 -40.66
C CYS C 57 -3.31 34.49 -41.62
N LYS C 58 -3.20 35.81 -41.50
CA LYS C 58 -4.04 36.70 -42.30
C LYS C 58 -3.56 36.75 -43.75
N TRP C 59 -2.25 36.81 -43.95
CA TRP C 59 -1.66 36.91 -45.29
C TRP C 59 -0.92 35.62 -45.59
N VAL C 60 -1.45 34.83 -46.52
CA VAL C 60 -0.89 33.53 -46.87
C VAL C 60 -0.48 33.55 -48.33
N THR C 61 0.73 33.03 -48.60
CA THR C 61 1.22 32.82 -49.96
C THR C 61 1.77 31.40 -50.04
N LYS C 62 1.47 30.72 -51.15
CA LYS C 62 1.84 29.32 -51.44
C LYS C 62 1.66 28.41 -50.22
N ASP C 63 0.48 28.56 -49.58
CA ASP C 63 0.07 27.78 -48.40
C ASP C 63 1.04 27.95 -47.23
N SER C 64 1.66 29.13 -47.12
CA SER C 64 2.53 29.46 -46.01
C SER C 64 2.30 30.90 -45.60
N CYS C 65 2.55 31.19 -44.33
CA CYS C 65 2.35 32.53 -43.82
C CYS C 65 3.43 33.45 -44.36
N ASN C 66 3.01 34.45 -45.15
CA ASN C 66 3.93 35.26 -45.94
C ASN C 66 4.78 36.19 -45.09
N ASP C 67 4.37 36.46 -43.84
CA ASP C 67 4.99 37.46 -42.97
C ASP C 67 5.02 38.84 -43.65
N SER C 68 3.93 39.18 -44.33
CA SER C 68 3.82 40.44 -45.03
C SER C 68 3.23 41.53 -44.13
N THR C 92 0.19 55.78 -33.86
CA THR C 92 1.61 55.71 -34.14
C THR C 92 2.22 54.43 -33.56
N GLY C 93 1.88 54.14 -32.30
CA GLY C 93 2.38 52.96 -31.63
C GLY C 93 1.77 51.69 -32.17
N PRO C 94 2.37 50.55 -31.84
CA PRO C 94 1.83 49.26 -32.30
C PRO C 94 0.51 48.94 -31.63
N THR C 95 -0.34 48.21 -32.36
CA THR C 95 -1.63 47.77 -31.86
C THR C 95 -1.83 46.31 -32.22
N GLY C 96 -2.74 45.67 -31.51
CA GLY C 96 -2.97 44.26 -31.73
C GLY C 96 -3.71 43.98 -33.03
N ILE C 97 -3.68 42.71 -33.42
CA ILE C 97 -4.34 42.24 -34.62
C ILE C 97 -5.63 41.54 -34.23
N LYS C 98 -6.74 41.97 -34.81
CA LYS C 98 -8.06 41.47 -34.43
C LYS C 98 -8.52 40.44 -35.45
N TYR C 99 -8.87 39.25 -34.98
CA TYR C 99 -9.36 38.18 -35.85
C TYR C 99 -10.88 38.01 -35.78
N ASP C 100 -11.53 38.60 -34.79
CA ASP C 100 -12.99 38.51 -34.59
C ASP C 100 -13.44 37.06 -34.46
N LEU C 101 -12.77 36.31 -33.60
CA LEU C 101 -13.11 34.93 -33.32
C LEU C 101 -13.36 34.76 -31.85
N ASP C 102 -14.40 34.02 -31.50
CA ASP C 102 -14.66 33.70 -30.11
C ASP C 102 -13.89 32.45 -29.71
N ARG C 103 -13.87 32.20 -28.39
CA ARG C 103 -13.00 31.18 -27.83
C ARG C 103 -13.35 29.78 -28.29
N HIS C 104 -14.63 29.51 -28.52
CA HIS C 104 -15.04 28.14 -28.72
C HIS C 104 -14.67 27.68 -30.13
N GLN C 105 -14.64 28.61 -31.10
CA GLN C 105 -14.04 28.36 -32.40
C GLN C 105 -12.54 28.08 -32.32
N TYR C 106 -11.83 28.81 -31.46
CA TYR C 106 -10.42 28.50 -31.22
C TYR C 106 -10.25 27.08 -30.71
N ASN C 107 -11.12 26.64 -29.80
CA ASN C 107 -11.06 25.28 -29.32
C ASN C 107 -11.34 24.28 -30.44
N TYR C 108 -12.30 24.59 -31.32
CA TYR C 108 -12.60 23.72 -32.44
C TYR C 108 -11.41 23.59 -33.39
N VAL C 109 -10.79 24.71 -33.72
CA VAL C 109 -9.68 24.65 -34.68
C VAL C 109 -8.46 24.00 -34.06
N ASP C 110 -8.28 24.15 -32.73
CA ASP C 110 -7.22 23.42 -32.04
C ASP C 110 -7.45 21.91 -32.13
N ALA C 111 -8.69 21.48 -31.90
CA ALA C 111 -9.00 20.05 -31.98
C ALA C 111 -8.80 19.50 -33.38
N VAL C 112 -9.21 20.27 -34.39
CA VAL C 112 -9.10 19.79 -35.77
C VAL C 112 -7.63 19.70 -36.20
N CYS C 113 -6.87 20.76 -35.95
CA CYS C 113 -5.46 20.73 -36.34
C CYS C 113 -4.64 19.80 -35.47
N TYR C 114 -5.14 19.43 -34.29
CA TYR C 114 -4.50 18.37 -33.52
C TYR C 114 -4.77 17.00 -34.10
N GLU C 115 -6.02 16.74 -34.49
CA GLU C 115 -6.36 15.38 -34.90
C GLU C 115 -5.87 15.08 -36.31
N ASN C 116 -5.82 16.08 -37.20
CA ASN C 116 -5.44 15.80 -38.59
C ASN C 116 -3.96 16.02 -38.85
N ARG C 117 -3.44 17.23 -38.63
CA ARG C 117 -2.13 17.62 -39.11
C ARG C 117 -1.06 17.56 -38.02
N LEU C 118 -1.19 16.64 -37.07
CA LEU C 118 -0.13 16.35 -36.12
C LEU C 118 0.30 14.90 -36.32
N HIS C 119 1.60 14.69 -36.44
CA HIS C 119 2.11 13.36 -36.77
C HIS C 119 1.93 12.41 -35.59
N TRP C 120 1.53 11.18 -35.90
CA TRP C 120 1.08 10.22 -34.89
C TRP C 120 2.16 9.85 -33.89
N PHE C 121 3.44 10.00 -34.25
CA PHE C 121 4.50 9.68 -33.31
C PHE C 121 4.53 10.64 -32.14
N ALA C 122 4.05 11.88 -32.34
CA ALA C 122 4.00 12.82 -31.24
C ALA C 122 2.91 12.45 -30.24
N LYS C 123 1.86 11.77 -30.69
CA LYS C 123 0.70 11.58 -29.83
C LYS C 123 0.76 10.27 -29.05
N TYR C 124 1.28 9.21 -29.66
CA TYR C 124 1.16 7.86 -29.10
C TYR C 124 2.50 7.27 -28.69
N PHE C 125 3.54 8.10 -28.57
CA PHE C 125 4.85 7.63 -28.15
C PHE C 125 4.87 7.03 -26.74
N PRO C 126 4.26 7.64 -25.70
CA PRO C 126 4.24 6.96 -24.40
C PRO C 126 3.51 5.63 -24.40
N TYR C 127 2.41 5.52 -25.16
CA TYR C 127 1.72 4.24 -25.24
C TYR C 127 2.53 3.19 -25.98
N LEU C 128 3.26 3.61 -27.02
CA LEU C 128 4.14 2.68 -27.72
C LEU C 128 5.24 2.16 -26.81
N VAL C 129 5.89 3.04 -26.05
CA VAL C 129 6.98 2.56 -25.21
C VAL C 129 6.45 1.77 -24.02
N LEU C 130 5.21 2.07 -23.56
CA LEU C 130 4.57 1.24 -22.54
C LEU C 130 4.34 -0.18 -23.04
N LEU C 131 3.80 -0.30 -24.26
CA LEU C 131 3.59 -1.62 -24.85
C LEU C 131 4.92 -2.35 -25.02
N HIS C 132 5.96 -1.62 -25.46
CA HIS C 132 7.26 -2.26 -25.66
C HIS C 132 7.85 -2.78 -24.36
N THR C 133 7.83 -1.98 -23.30
CA THR C 133 8.44 -2.46 -22.05
C THR C 133 7.60 -3.57 -21.41
N LEU C 134 6.29 -3.59 -21.63
CA LEU C 134 5.52 -4.76 -21.19
C LEU C 134 5.91 -6.00 -21.96
N ILE C 135 6.20 -5.87 -23.27
CA ILE C 135 6.63 -7.05 -24.02
C ILE C 135 8.01 -7.51 -23.56
N PHE C 136 8.91 -6.56 -23.21
CA PHE C 136 10.19 -6.98 -22.60
C PHE C 136 9.98 -7.72 -21.28
N LEU C 137 9.08 -7.23 -20.41
CA LEU C 137 8.86 -7.90 -19.14
C LEU C 137 8.27 -9.29 -19.32
N ALA C 138 7.33 -9.42 -20.25
CA ALA C 138 6.73 -10.73 -20.54
C ALA C 138 7.76 -11.68 -21.14
N CYS C 139 8.62 -11.19 -22.03
CA CYS C 139 9.68 -12.01 -22.60
C CYS C 139 10.71 -12.40 -21.54
N SER C 140 10.91 -11.56 -20.54
CA SER C 140 11.87 -11.91 -19.47
C SER C 140 11.29 -12.97 -18.54
N ASN C 141 10.01 -12.88 -18.21
CA ASN C 141 9.43 -13.76 -17.20
C ASN C 141 8.67 -14.95 -17.76
N PHE C 142 8.59 -15.09 -19.10
CA PHE C 142 7.96 -16.27 -19.68
C PHE C 142 8.77 -17.52 -19.40
N TRP C 143 10.08 -17.38 -19.25
CA TRP C 143 10.95 -18.51 -18.92
C TRP C 143 10.69 -19.05 -17.52
N PHE C 144 10.14 -18.23 -16.63
CA PHE C 144 9.78 -18.66 -15.28
C PHE C 144 8.33 -19.08 -15.15
N LYS C 145 7.41 -18.37 -15.83
CA LYS C 145 5.99 -18.66 -15.63
C LYS C 145 5.51 -19.86 -16.44
N PHE C 146 6.26 -20.31 -17.43
CA PHE C 146 5.90 -21.52 -18.16
C PHE C 146 6.09 -22.73 -17.24
N PRO C 147 5.06 -23.56 -17.04
CA PRO C 147 5.16 -24.58 -15.98
C PRO C 147 6.07 -25.75 -16.32
N ARG C 148 6.14 -26.13 -17.60
CA ARG C 148 6.93 -27.29 -18.00
C ARG C 148 8.41 -27.10 -17.70
N THR C 149 8.90 -25.87 -17.73
CA THR C 149 10.26 -25.58 -17.29
C THR C 149 10.31 -25.05 -15.86
N SER C 150 9.24 -24.44 -15.37
CA SER C 150 9.20 -23.93 -14.01
C SER C 150 9.37 -25.06 -13.00
N SER C 151 8.75 -26.21 -13.27
CA SER C 151 8.91 -27.38 -12.40
C SER C 151 10.35 -27.83 -12.34
N LYS C 152 11.02 -27.89 -13.49
CA LYS C 152 12.42 -28.31 -13.53
C LYS C 152 13.31 -27.33 -12.78
N LEU C 153 13.10 -26.02 -12.99
CA LEU C 153 13.88 -25.03 -12.26
C LEU C 153 13.68 -25.10 -10.76
N GLU C 154 12.42 -25.22 -10.29
CA GLU C 154 12.21 -25.22 -8.85
C GLU C 154 12.74 -26.49 -8.20
N HIS C 155 12.60 -27.64 -8.88
CA HIS C 155 13.07 -28.89 -8.29
C HIS C 155 14.60 -28.96 -8.33
N PHE C 156 15.19 -28.41 -9.40
CA PHE C 156 16.63 -28.28 -9.51
C PHE C 156 17.20 -27.41 -8.39
N VAL C 157 16.59 -26.24 -8.16
CA VAL C 157 17.13 -25.35 -7.15
C VAL C 157 16.92 -25.91 -5.75
N SER C 158 15.84 -26.69 -5.54
CA SER C 158 15.69 -27.38 -4.26
C SER C 158 16.82 -28.38 -4.04
N ILE C 159 17.17 -29.16 -5.07
CA ILE C 159 18.25 -30.13 -4.95
C ILE C 159 19.58 -29.43 -4.69
N LEU C 160 19.84 -28.31 -5.36
CA LEU C 160 21.09 -27.57 -5.12
C LEU C 160 21.16 -26.98 -3.72
N LEU C 161 20.05 -26.47 -3.18
CA LEU C 161 20.09 -26.02 -1.79
C LEU C 161 20.31 -27.18 -0.80
N LYS C 162 19.69 -28.34 -1.04
CA LYS C 162 19.96 -29.47 -0.14
C LYS C 162 21.40 -29.97 -0.24
N CYS C 163 21.96 -30.01 -1.46
CA CYS C 163 23.33 -30.47 -1.62
C CYS C 163 24.32 -29.45 -1.08
N PHE C 164 23.99 -28.16 -1.18
CA PHE C 164 24.83 -27.12 -0.60
C PHE C 164 24.77 -27.14 0.92
N ASP C 165 23.63 -27.50 1.49
CA ASP C 165 23.43 -27.46 2.93
C ASP C 165 23.66 -28.84 3.58
N SER C 166 24.62 -29.60 3.07
CA SER C 166 24.99 -30.86 3.69
C SER C 166 26.37 -30.76 4.32
N PRO C 167 26.57 -31.33 5.51
CA PRO C 167 27.91 -31.32 6.11
C PRO C 167 28.82 -32.41 5.57
N TRP C 168 28.30 -33.35 4.78
CA TRP C 168 29.10 -34.47 4.31
C TRP C 168 30.09 -34.05 3.22
N THR C 169 29.82 -32.96 2.50
CA THR C 169 30.74 -32.50 1.47
C THR C 169 32.04 -31.98 2.04
N THR C 170 32.05 -31.52 3.31
CA THR C 170 33.28 -31.14 3.96
C THR C 170 34.21 -32.34 4.12
N ARG C 171 33.65 -33.48 4.56
CA ARG C 171 34.43 -34.70 4.66
C ARG C 171 34.80 -35.23 3.28
N ALA C 172 33.91 -35.06 2.30
CA ALA C 172 34.21 -35.50 0.93
C ALA C 172 35.38 -34.73 0.35
N LEU C 173 35.45 -33.42 0.58
CA LEU C 173 36.59 -32.63 0.11
C LEU C 173 37.84 -32.93 0.93
N SER C 174 37.70 -33.06 2.25
CA SER C 174 38.84 -33.38 3.11
C SER C 174 39.06 -34.89 3.18
N ASP C 233 26.55 -40.81 13.26
CA ASP C 233 27.55 -41.08 12.23
C ASP C 233 27.00 -42.01 11.16
N LYS C 234 25.94 -42.75 11.51
CA LYS C 234 25.30 -43.66 10.57
C LYS C 234 24.03 -43.09 9.96
N LYS C 235 23.24 -42.36 10.75
CA LYS C 235 22.04 -41.72 10.21
C LYS C 235 22.38 -40.61 9.23
N GLU C 236 23.48 -39.89 9.47
CA GLU C 236 23.95 -38.93 8.48
C GLU C 236 24.37 -39.62 7.19
N GLY C 237 24.97 -40.81 7.29
CA GLY C 237 25.26 -41.59 6.10
C GLY C 237 23.99 -42.04 5.39
N GLU C 238 22.95 -42.35 6.15
CA GLU C 238 21.68 -42.76 5.54
C GLU C 238 21.01 -41.61 4.80
N GLN C 239 20.99 -40.40 5.39
CA GLN C 239 20.38 -39.29 4.67
C GLN C 239 21.24 -38.85 3.50
N ALA C 240 22.57 -39.01 3.60
CA ALA C 240 23.44 -38.78 2.46
C ALA C 240 23.15 -39.77 1.34
N LYS C 241 22.88 -41.03 1.70
CA LYS C 241 22.51 -42.02 0.69
C LYS C 241 21.18 -41.67 0.03
N ALA C 242 20.22 -41.17 0.81
CA ALA C 242 18.94 -40.74 0.24
C ALA C 242 19.12 -39.57 -0.71
N LEU C 243 19.97 -38.61 -0.34
CA LEU C 243 20.28 -37.49 -1.24
C LEU C 243 21.00 -37.97 -2.49
N PHE C 244 21.86 -38.99 -2.34
CA PHE C 244 22.53 -39.58 -3.50
C PHE C 244 21.53 -40.21 -4.46
N GLU C 245 20.54 -40.92 -3.92
CA GLU C 245 19.51 -41.52 -4.75
C GLU C 245 18.67 -40.46 -5.46
N LYS C 246 18.36 -39.36 -4.74
CA LYS C 246 17.64 -38.26 -5.37
C LYS C 246 18.44 -37.61 -6.49
N VAL C 247 19.75 -37.43 -6.29
CA VAL C 247 20.60 -36.86 -7.33
C VAL C 247 20.67 -37.78 -8.55
N LYS C 248 20.78 -39.09 -8.31
CA LYS C 248 20.77 -40.05 -9.42
C LYS C 248 19.45 -40.01 -10.18
N LYS C 249 18.33 -39.92 -9.47
CA LYS C 249 17.03 -39.84 -10.12
C LYS C 249 16.89 -38.57 -10.95
N PHE C 250 17.36 -37.44 -10.40
CA PHE C 250 17.32 -36.17 -11.13
C PHE C 250 18.18 -36.22 -12.38
N ARG C 251 19.38 -36.81 -12.27
CA ARG C 251 20.27 -36.91 -13.41
C ARG C 251 19.68 -37.81 -14.50
N THR C 252 19.05 -38.92 -14.10
CA THR C 252 18.41 -39.77 -15.09
C THR C 252 17.15 -39.14 -15.67
N HIS C 253 16.52 -38.23 -14.93
CA HIS C 253 15.28 -37.63 -15.41
C HIS C 253 15.55 -36.50 -16.41
N VAL C 254 16.32 -35.49 -16.00
CA VAL C 254 16.45 -34.29 -16.82
C VAL C 254 17.44 -34.43 -17.97
N GLU C 255 18.09 -35.58 -18.11
CA GLU C 255 19.03 -35.78 -19.21
C GLU C 255 18.33 -35.96 -20.56
N GLU C 256 17.00 -36.08 -20.58
CA GLU C 256 16.27 -36.34 -21.81
C GLU C 256 15.88 -35.08 -22.55
N GLY C 257 15.74 -33.95 -21.85
CA GLY C 257 15.16 -32.76 -22.44
C GLY C 257 16.16 -31.82 -23.09
N ASP C 258 15.62 -30.77 -23.71
CA ASP C 258 16.40 -29.63 -24.18
C ASP C 258 15.63 -28.32 -24.02
N ILE C 259 14.54 -28.33 -23.25
CA ILE C 259 13.54 -27.28 -23.35
C ILE C 259 13.99 -25.97 -22.71
N VAL C 260 14.81 -26.02 -21.67
CA VAL C 260 15.25 -24.79 -21.01
C VAL C 260 16.20 -24.01 -21.93
N TYR C 261 17.18 -24.70 -22.51
CA TYR C 261 18.08 -24.07 -23.47
C TYR C 261 17.33 -23.59 -24.70
N ARG C 262 16.35 -24.39 -25.15
CA ARG C 262 15.53 -24.00 -26.30
C ARG C 262 14.76 -22.72 -26.03
N LEU C 263 14.13 -22.62 -24.86
CA LEU C 263 13.37 -21.43 -24.52
C LEU C 263 14.27 -20.22 -24.33
N TYR C 264 15.49 -20.43 -23.84
CA TYR C 264 16.37 -19.29 -23.64
C TYR C 264 16.88 -18.74 -24.97
N MET C 265 17.14 -19.64 -25.94
CA MET C 265 17.31 -19.23 -27.33
C MET C 265 16.13 -18.41 -27.83
N ARG C 266 14.92 -18.94 -27.66
CA ARG C 266 13.73 -18.32 -28.25
C ARG C 266 13.38 -17.01 -27.56
N GLN C 267 13.91 -16.77 -26.37
CA GLN C 267 13.70 -15.50 -25.70
C GLN C 267 14.74 -14.46 -26.12
N THR C 268 16.03 -14.83 -26.06
CA THR C 268 17.06 -13.86 -26.37
C THR C 268 17.06 -13.45 -27.85
N ILE C 269 16.74 -14.37 -28.75
CA ILE C 269 16.76 -14.01 -30.16
C ILE C 269 15.63 -13.02 -30.50
N ILE C 270 14.46 -13.16 -29.85
CA ILE C 270 13.40 -12.20 -30.13
C ILE C 270 13.64 -10.89 -29.39
N LYS C 271 14.38 -10.91 -28.28
CA LYS C 271 14.79 -9.64 -27.68
C LYS C 271 15.73 -8.88 -28.62
N VAL C 272 16.65 -9.59 -29.28
CA VAL C 272 17.55 -8.95 -30.24
C VAL C 272 16.78 -8.40 -31.45
N ILE C 273 15.82 -9.18 -31.97
CA ILE C 273 15.02 -8.71 -33.10
C ILE C 273 14.19 -7.49 -32.72
N LYS C 274 13.65 -7.47 -31.50
CA LYS C 274 12.87 -6.32 -31.06
C LYS C 274 13.74 -5.07 -30.92
N PHE C 275 14.97 -5.23 -30.40
CA PHE C 275 15.97 -4.16 -30.49
C PHE C 275 16.15 -3.63 -31.90
N ALA C 276 16.33 -4.54 -32.86
CA ALA C 276 16.54 -4.12 -34.24
C ALA C 276 15.36 -3.31 -34.77
N LEU C 277 14.14 -3.75 -34.45
CA LEU C 277 12.95 -3.04 -34.92
C LEU C 277 12.81 -1.66 -34.29
N ILE C 278 13.01 -1.58 -32.95
CA ILE C 278 12.85 -0.32 -32.24
C ILE C 278 13.85 0.72 -32.74
N ILE C 279 15.13 0.33 -32.83
CA ILE C 279 16.13 1.25 -33.31
C ILE C 279 15.93 1.54 -34.81
N CYS C 280 15.31 0.62 -35.54
CA CYS C 280 15.02 0.86 -36.95
C CYS C 280 14.02 2.00 -37.13
N TYR C 281 12.94 2.04 -36.35
CA TYR C 281 11.98 3.09 -36.68
C TYR C 281 12.07 4.33 -35.80
N THR C 282 12.48 4.20 -34.53
CA THR C 282 12.32 5.32 -33.60
C THR C 282 13.29 6.45 -33.90
N VAL C 283 14.55 6.14 -34.24
CA VAL C 283 15.48 7.20 -34.57
C VAL C 283 15.14 7.82 -35.92
N TYR C 284 14.43 7.09 -36.78
CA TYR C 284 13.96 7.69 -38.02
C TYR C 284 12.83 8.68 -37.75
N TYR C 285 11.92 8.34 -36.86
CA TYR C 285 10.74 9.18 -36.64
C TYR C 285 10.91 10.22 -35.55
N VAL C 286 12.02 10.23 -34.82
CA VAL C 286 12.16 11.11 -33.67
C VAL C 286 12.31 12.58 -34.08
N HIS C 287 12.80 12.84 -35.30
CA HIS C 287 12.93 14.22 -35.76
C HIS C 287 11.59 14.87 -36.02
N ASN C 288 10.53 14.07 -36.18
CA ASN C 288 9.26 14.60 -36.66
C ASN C 288 8.54 15.42 -35.60
N ILE C 289 8.74 15.13 -34.32
CA ILE C 289 8.11 15.94 -33.31
C ILE C 289 8.83 17.27 -33.20
N LYS C 290 8.07 18.35 -33.18
CA LYS C 290 8.63 19.69 -33.18
C LYS C 290 7.57 20.66 -32.67
N PHE C 291 8.01 21.86 -32.34
CA PHE C 291 7.15 22.87 -31.73
C PHE C 291 6.32 23.62 -32.76
N ASP C 292 6.98 24.32 -33.68
CA ASP C 292 6.25 25.06 -34.70
C ASP C 292 5.69 24.08 -35.73
N VAL C 293 4.37 24.12 -35.89
CA VAL C 293 3.68 23.21 -36.79
C VAL C 293 2.61 23.99 -37.54
N ASP C 294 2.49 23.74 -38.84
CA ASP C 294 1.51 24.38 -39.68
C ASP C 294 0.41 23.40 -40.03
N CYS C 295 -0.81 23.92 -40.21
CA CYS C 295 -1.90 23.07 -40.66
C CYS C 295 -2.73 23.84 -41.69
N THR C 296 -3.33 23.08 -42.60
CA THR C 296 -4.25 23.63 -43.59
C THR C 296 -5.36 22.60 -43.74
N VAL C 297 -6.45 22.80 -43.02
CA VAL C 297 -7.42 21.74 -42.78
C VAL C 297 -8.72 21.94 -43.54
N ASP C 298 -8.83 23.02 -44.32
CA ASP C 298 -10.00 23.32 -45.17
C ASP C 298 -11.29 23.39 -44.33
N ILE C 299 -11.31 24.37 -43.42
CA ILE C 299 -12.53 24.75 -42.70
C ILE C 299 -12.72 26.26 -42.87
N GLU C 300 -13.46 26.65 -43.89
CA GLU C 300 -13.78 28.05 -44.12
C GLU C 300 -15.21 28.39 -43.75
N SER C 301 -16.14 27.44 -43.89
CA SER C 301 -17.53 27.71 -43.59
C SER C 301 -17.78 27.85 -42.09
N LEU C 302 -16.84 27.45 -41.26
CA LEU C 302 -17.02 27.50 -39.82
C LEU C 302 -16.24 28.62 -39.15
N THR C 303 -15.05 28.96 -39.67
CA THR C 303 -14.26 30.05 -39.14
C THR C 303 -14.14 31.21 -40.12
N GLY C 304 -13.68 30.95 -41.33
CA GLY C 304 -13.48 32.00 -42.30
C GLY C 304 -12.08 31.97 -42.90
N TYR C 305 -11.10 31.60 -42.10
CA TYR C 305 -9.73 31.47 -42.56
C TYR C 305 -9.50 30.09 -43.15
N ARG C 306 -8.37 29.95 -43.85
CA ARG C 306 -8.00 28.68 -44.46
C ARG C 306 -6.81 28.02 -43.78
N THR C 307 -5.70 28.72 -43.66
CA THR C 307 -4.51 28.16 -43.04
C THR C 307 -4.35 28.69 -41.62
N TYR C 308 -3.53 27.99 -40.85
CA TYR C 308 -3.28 28.37 -39.46
C TYR C 308 -1.83 28.09 -39.11
N ARG C 309 -1.32 28.80 -38.13
CA ARG C 309 -0.01 28.55 -37.56
C ARG C 309 -0.20 28.13 -36.10
N CYS C 310 0.49 27.08 -35.69
CA CYS C 310 0.22 26.46 -34.41
C CYS C 310 1.50 26.29 -33.60
N ALA C 311 1.32 25.92 -32.34
CA ALA C 311 2.42 25.72 -31.41
C ALA C 311 2.07 24.53 -30.52
N HIS C 312 3.08 23.72 -30.19
CA HIS C 312 2.87 22.49 -29.42
C HIS C 312 3.83 22.49 -28.24
N PRO C 313 3.39 22.97 -27.06
CA PRO C 313 4.33 23.36 -26.01
C PRO C 313 4.99 22.22 -25.25
N LEU C 314 4.72 20.96 -25.59
CA LEU C 314 5.36 19.84 -24.92
C LEU C 314 6.40 19.15 -25.80
N ALA C 315 6.69 19.72 -26.98
CA ALA C 315 7.52 19.05 -27.96
C ALA C 315 8.95 18.86 -27.48
N THR C 316 9.52 19.87 -26.83
CA THR C 316 10.88 19.76 -26.36
C THR C 316 11.02 18.70 -25.28
N LEU C 317 10.05 18.65 -24.36
CA LEU C 317 10.07 17.64 -23.32
C LEU C 317 9.89 16.25 -23.90
N PHE C 318 9.02 16.11 -24.90
CA PHE C 318 8.85 14.80 -25.53
C PHE C 318 10.09 14.39 -26.30
N LYS C 319 10.80 15.35 -26.90
CA LYS C 319 12.06 15.04 -27.58
C LYS C 319 13.12 14.57 -26.60
N ILE C 320 13.17 15.21 -25.42
CA ILE C 320 14.11 14.80 -24.38
C ILE C 320 13.80 13.38 -23.91
N LEU C 321 12.51 13.09 -23.67
CA LEU C 321 12.11 11.76 -23.23
C LEU C 321 12.39 10.71 -24.30
N ALA C 322 12.18 11.05 -25.57
CA ALA C 322 12.46 10.12 -26.65
C ALA C 322 13.94 9.82 -26.77
N SER C 323 14.79 10.84 -26.60
CA SER C 323 16.24 10.62 -26.64
C SER C 323 16.69 9.76 -25.48
N PHE C 324 16.13 9.99 -24.29
CA PHE C 324 16.46 9.16 -23.13
C PHE C 324 16.04 7.70 -23.35
N TYR C 325 14.85 7.49 -23.91
CA TYR C 325 14.39 6.15 -24.21
C TYR C 325 15.28 5.48 -25.26
N ILE C 326 15.75 6.26 -26.24
CA ILE C 326 16.65 5.72 -27.27
C ILE C 326 17.94 5.23 -26.64
N SER C 327 18.52 6.04 -25.74
CA SER C 327 19.76 5.63 -25.06
C SER C 327 19.55 4.38 -24.21
N LEU C 328 18.40 4.30 -23.53
CA LEU C 328 18.09 3.10 -22.75
C LEU C 328 17.97 1.86 -23.64
N VAL C 329 17.34 2.02 -24.82
CA VAL C 329 17.23 0.91 -25.75
C VAL C 329 18.60 0.46 -26.23
N ILE C 330 19.50 1.42 -26.52
CA ILE C 330 20.87 1.08 -26.95
C ILE C 330 21.59 0.27 -25.88
N PHE C 331 21.49 0.69 -24.62
CA PHE C 331 22.18 -0.05 -23.55
C PHE C 331 21.60 -1.45 -23.39
N TYR C 332 20.27 -1.57 -23.44
CA TYR C 332 19.60 -2.86 -23.34
C TYR C 332 20.03 -3.79 -24.48
N GLY C 333 20.09 -3.25 -25.70
CA GLY C 333 20.47 -4.06 -26.84
C GLY C 333 21.91 -4.48 -26.84
N LEU C 334 22.81 -3.61 -26.33
CA LEU C 334 24.21 -4.01 -26.21
C LEU C 334 24.35 -5.16 -25.22
N ILE C 335 23.62 -5.10 -24.10
CA ILE C 335 23.65 -6.19 -23.13
C ILE C 335 23.12 -7.48 -23.74
N CYS C 336 22.00 -7.39 -24.48
CA CYS C 336 21.40 -8.58 -25.09
C CYS C 336 22.30 -9.17 -26.17
N MET C 337 22.94 -8.32 -26.97
CA MET C 337 23.87 -8.79 -27.98
C MET C 337 25.05 -9.51 -27.33
N TYR C 338 25.56 -8.95 -26.23
CA TYR C 338 26.68 -9.59 -25.54
C TYR C 338 26.31 -10.96 -25.00
N THR C 339 25.15 -11.07 -24.34
CA THR C 339 24.81 -12.36 -23.76
C THR C 339 24.45 -13.39 -24.82
N LEU C 340 23.83 -12.97 -25.93
CA LEU C 340 23.57 -13.89 -27.03
C LEU C 340 24.87 -14.38 -27.65
N TRP C 341 25.83 -13.47 -27.86
CA TRP C 341 27.12 -13.87 -28.43
C TRP C 341 27.87 -14.82 -27.51
N TRP C 342 27.90 -14.51 -26.21
CA TRP C 342 28.58 -15.36 -25.24
C TRP C 342 27.98 -16.75 -25.21
N MET C 343 26.66 -16.84 -25.18
CA MET C 343 26.03 -18.14 -25.08
C MET C 343 26.04 -18.90 -26.41
N LEU C 344 26.19 -18.20 -27.53
CA LEU C 344 26.38 -18.90 -28.79
C LEU C 344 27.82 -19.36 -29.01
N ARG C 345 28.80 -18.73 -28.35
CA ARG C 345 30.18 -19.17 -28.50
C ARG C 345 30.63 -20.18 -27.45
N ARG C 346 30.03 -20.17 -26.25
CA ARG C 346 30.48 -21.11 -25.21
C ARG C 346 30.06 -22.55 -25.47
N SER C 347 29.00 -22.77 -26.27
CA SER C 347 28.45 -24.09 -26.58
C SER C 347 28.02 -24.82 -25.30
N LEU C 348 27.04 -24.22 -24.63
CA LEU C 348 26.49 -24.63 -23.33
C LEU C 348 25.70 -25.92 -23.37
N LYS C 349 25.64 -26.72 -24.44
CA LYS C 349 24.86 -27.95 -24.40
C LYS C 349 25.49 -28.96 -23.45
N LYS C 350 26.78 -29.22 -23.59
CA LYS C 350 27.50 -30.15 -22.73
C LYS C 350 28.52 -29.39 -21.90
N TYR C 351 28.90 -29.99 -20.77
CA TYR C 351 29.96 -29.45 -19.92
C TYR C 351 31.09 -30.46 -19.86
N SER C 352 32.29 -30.03 -20.20
CA SER C 352 33.50 -30.77 -19.89
C SER C 352 33.87 -30.48 -18.44
N PHE C 353 33.72 -31.48 -17.58
CA PHE C 353 33.86 -31.32 -16.14
C PHE C 353 35.30 -31.58 -15.67
N GLU C 354 36.27 -31.48 -16.58
CA GLU C 354 37.63 -31.94 -16.31
C GLU C 354 38.36 -31.03 -15.34
N SER C 355 38.15 -29.72 -15.47
CA SER C 355 39.01 -28.73 -14.83
C SER C 355 38.81 -28.64 -13.33
N ILE C 356 37.80 -29.29 -12.76
CA ILE C 356 37.58 -29.19 -11.33
C ILE C 356 37.96 -30.50 -10.63
N ARG C 357 37.73 -31.65 -11.28
CA ARG C 357 38.15 -32.87 -10.63
C ARG C 357 39.62 -33.18 -10.90
N GLU C 358 40.24 -32.49 -11.87
CA GLU C 358 41.69 -32.58 -12.01
C GLU C 358 42.43 -32.04 -10.80
N GLU C 359 41.79 -31.17 -10.01
CA GLU C 359 42.37 -30.69 -8.76
C GLU C 359 41.67 -31.20 -7.52
N SER C 360 40.42 -31.67 -7.62
CA SER C 360 39.76 -32.28 -6.48
C SER C 360 40.08 -33.77 -6.35
N SER C 361 40.74 -34.36 -7.35
CA SER C 361 41.24 -35.75 -7.31
C SER C 361 40.10 -36.76 -7.11
N TYR C 362 39.00 -36.55 -7.84
CA TYR C 362 37.88 -37.49 -7.91
C TYR C 362 37.70 -37.81 -9.39
N SER C 363 38.47 -38.78 -9.89
CA SER C 363 38.60 -38.98 -11.32
C SER C 363 37.39 -39.64 -11.98
N ASP C 364 36.42 -40.10 -11.18
CA ASP C 364 35.26 -40.81 -11.72
C ASP C 364 34.09 -39.84 -11.86
N ILE C 365 34.08 -39.11 -12.97
CA ILE C 365 32.99 -38.16 -13.23
C ILE C 365 32.64 -38.21 -14.71
N PRO C 366 31.36 -38.20 -15.06
CA PRO C 366 30.97 -38.12 -16.46
C PRO C 366 30.68 -36.70 -16.92
N ASP C 367 30.61 -36.49 -18.23
CA ASP C 367 30.24 -35.21 -18.79
C ASP C 367 28.75 -35.17 -19.08
N VAL C 368 28.08 -34.13 -18.61
CA VAL C 368 26.63 -34.01 -18.72
C VAL C 368 26.27 -33.72 -20.17
N LYS C 369 25.26 -34.43 -20.69
CA LYS C 369 24.93 -34.35 -22.10
C LYS C 369 24.20 -33.05 -22.44
N ASN C 370 23.00 -32.85 -21.91
CA ASN C 370 22.20 -31.68 -22.27
C ASN C 370 21.16 -31.38 -21.19
N ASP C 371 20.72 -30.11 -21.19
CA ASP C 371 19.64 -29.53 -20.39
C ASP C 371 19.98 -29.44 -18.90
N PHE C 372 21.10 -30.00 -18.48
CA PHE C 372 21.61 -29.91 -17.12
C PHE C 372 22.96 -29.26 -17.06
N ALA C 373 23.79 -29.46 -18.09
CA ALA C 373 25.05 -28.74 -18.22
C ALA C 373 24.81 -27.26 -18.42
N PHE C 374 23.77 -26.89 -19.18
CA PHE C 374 23.45 -25.47 -19.35
C PHE C 374 23.03 -24.83 -18.04
N MET C 375 22.19 -25.52 -17.27
CA MET C 375 21.76 -25.00 -15.97
C MET C 375 22.95 -24.91 -15.01
N LEU C 376 23.89 -25.84 -15.12
CA LEU C 376 25.06 -25.79 -14.27
C LEU C 376 26.02 -24.68 -14.69
N HIS C 377 26.11 -24.39 -16.00
CA HIS C 377 26.82 -23.17 -16.42
C HIS C 377 26.16 -21.91 -15.88
N LEU C 378 24.82 -21.90 -15.84
CA LEU C 378 24.11 -20.73 -15.33
C LEU C 378 24.43 -20.51 -13.85
N ILE C 379 24.39 -21.58 -13.06
CA ILE C 379 24.71 -21.41 -11.65
C ILE C 379 26.21 -21.17 -11.45
N ASP C 380 27.05 -21.61 -12.40
CA ASP C 380 28.47 -21.22 -12.39
C ASP C 380 28.63 -19.72 -12.61
N GLN C 381 27.90 -19.15 -13.56
CA GLN C 381 27.93 -17.71 -13.78
C GLN C 381 27.39 -16.95 -12.58
N TYR C 382 26.51 -17.56 -11.80
CA TYR C 382 26.27 -17.00 -10.46
C TYR C 382 27.55 -17.07 -9.63
N ASP C 383 28.03 -18.28 -9.33
CA ASP C 383 29.32 -18.49 -8.69
C ASP C 383 29.73 -19.94 -8.85
N PRO C 384 31.03 -20.24 -8.98
CA PRO C 384 31.44 -21.63 -9.23
C PRO C 384 31.41 -22.52 -7.99
N LEU C 385 31.32 -21.95 -6.78
CA LEU C 385 31.42 -22.77 -5.58
C LEU C 385 30.19 -23.65 -5.38
N TYR C 386 29.03 -23.23 -5.90
CA TYR C 386 27.84 -24.06 -5.81
C TYR C 386 27.96 -25.33 -6.63
N SER C 387 28.59 -25.24 -7.81
CA SER C 387 28.86 -26.44 -8.57
C SER C 387 30.07 -27.21 -8.03
N LYS C 388 30.95 -26.52 -7.32
CA LYS C 388 32.01 -27.23 -6.58
C LYS C 388 31.42 -28.13 -5.51
N ARG C 389 30.45 -27.64 -4.75
CA ARG C 389 29.86 -28.45 -3.70
C ARG C 389 28.84 -29.45 -4.21
N PHE C 390 28.46 -29.37 -5.48
CA PHE C 390 27.62 -30.38 -6.12
C PHE C 390 28.43 -31.48 -6.79
N ALA C 391 29.72 -31.25 -7.01
CA ALA C 391 30.54 -32.21 -7.75
C ALA C 391 30.81 -33.48 -6.95
N VAL C 392 30.92 -33.35 -5.63
CA VAL C 392 31.26 -34.50 -4.80
C VAL C 392 30.07 -35.44 -4.64
N PHE C 393 28.85 -34.98 -4.88
CA PHE C 393 27.66 -35.79 -4.69
C PHE C 393 27.32 -36.64 -5.92
N LEU C 394 28.28 -36.90 -6.80
CA LEU C 394 27.99 -37.68 -7.99
C LEU C 394 29.10 -38.68 -8.31
N SER C 395 30.13 -38.77 -7.48
CA SER C 395 31.32 -39.57 -7.78
C SER C 395 31.21 -40.97 -7.20
N GLU C 396 31.60 -41.97 -7.99
CA GLU C 396 31.46 -43.36 -7.58
C GLU C 396 32.34 -43.66 -6.36
N VAL C 397 33.53 -43.07 -6.30
CA VAL C 397 34.34 -43.18 -5.09
C VAL C 397 33.66 -42.52 -3.91
N SER C 398 32.82 -41.51 -4.15
CA SER C 398 32.10 -40.89 -3.05
C SER C 398 31.00 -41.80 -2.51
N GLU C 399 30.25 -42.49 -3.38
CA GLU C 399 29.33 -43.49 -2.81
C GLU C 399 30.09 -44.64 -2.16
N ASN C 400 31.27 -45.01 -2.69
CA ASN C 400 32.08 -46.06 -2.07
C ASN C 400 32.48 -45.66 -0.66
N LYS C 401 32.96 -44.43 -0.48
CA LYS C 401 33.34 -43.95 0.84
C LYS C 401 32.15 -43.84 1.77
N LEU C 402 31.00 -43.40 1.25
CA LEU C 402 29.80 -43.29 2.07
C LEU C 402 29.35 -44.66 2.56
N ARG C 403 29.33 -45.66 1.68
CA ARG C 403 28.85 -46.97 2.11
C ARG C 403 29.87 -47.74 2.94
N GLN C 404 31.18 -47.50 2.76
CA GLN C 404 32.12 -48.13 3.70
C GLN C 404 32.05 -47.48 5.07
N LEU C 405 31.78 -46.17 5.12
CA LEU C 405 31.55 -45.52 6.41
C LEU C 405 30.24 -46.02 7.03
N ASN C 406 29.26 -46.36 6.21
CA ASN C 406 28.04 -46.99 6.72
C ASN C 406 28.33 -48.39 7.26
N LEU C 407 29.22 -49.12 6.60
CA LEU C 407 29.59 -50.45 7.07
C LEU C 407 30.33 -50.38 8.41
N ASN C 408 31.29 -49.47 8.51
CA ASN C 408 32.00 -49.26 9.77
C ASN C 408 31.44 -48.04 10.50
N PRO D 15 -2.42 -20.07 -1.84
CA PRO D 15 -1.03 -20.32 -1.44
C PRO D 15 -0.30 -21.26 -2.39
N ALA D 16 -0.55 -22.57 -2.26
CA ALA D 16 0.06 -23.58 -3.11
C ALA D 16 -0.90 -24.12 -4.15
N TYR D 17 -1.87 -23.30 -4.56
CA TYR D 17 -2.86 -23.70 -5.55
C TYR D 17 -2.32 -23.65 -6.98
N ARG D 18 -1.11 -23.12 -7.16
CA ARG D 18 -0.56 -22.86 -8.49
C ARG D 18 -0.33 -24.14 -9.30
N ILE D 19 -0.13 -25.28 -8.65
CA ILE D 19 0.17 -26.50 -9.37
C ILE D 19 -1.05 -27.06 -10.09
N LEU D 20 -2.25 -26.65 -9.70
CA LEU D 20 -3.46 -27.12 -10.37
C LEU D 20 -3.73 -26.36 -11.67
N LYS D 21 -3.10 -25.21 -11.88
CA LYS D 21 -3.38 -24.39 -13.05
C LYS D 21 -2.57 -24.89 -14.24
N PRO D 22 -3.20 -25.21 -15.37
CA PRO D 22 -2.43 -25.56 -16.58
C PRO D 22 -1.75 -24.34 -17.19
N TRP D 23 -1.03 -24.53 -18.30
CA TRP D 23 -0.31 -23.42 -18.90
C TRP D 23 -1.27 -22.42 -19.54
N TRP D 24 -2.38 -22.90 -20.10
CA TRP D 24 -3.33 -22.01 -20.74
C TRP D 24 -4.17 -21.22 -19.73
N ASP D 25 -4.11 -21.57 -18.45
CA ASP D 25 -4.84 -20.83 -17.42
C ASP D 25 -4.01 -19.72 -16.80
N VAL D 26 -2.74 -19.59 -17.18
CA VAL D 26 -1.89 -18.50 -16.73
C VAL D 26 -1.88 -17.36 -17.73
N PHE D 27 -1.78 -17.70 -19.02
CA PHE D 27 -1.92 -16.72 -20.08
C PHE D 27 -3.30 -16.06 -20.02
N THR D 28 -4.32 -16.86 -19.69
CA THR D 28 -5.66 -16.33 -19.49
C THR D 28 -5.68 -15.31 -18.36
N ASP D 29 -4.97 -15.60 -17.26
CA ASP D 29 -4.95 -14.67 -16.13
C ASP D 29 -4.25 -13.36 -16.50
N TYR D 30 -3.11 -13.44 -17.18
CA TYR D 30 -2.41 -12.20 -17.54
C TYR D 30 -3.14 -11.40 -18.60
N ILE D 31 -3.82 -12.08 -19.54
CA ILE D 31 -4.67 -11.39 -20.49
C ILE D 31 -5.81 -10.69 -19.76
N SER D 32 -6.40 -11.35 -18.76
CA SER D 32 -7.45 -10.70 -17.98
C SER D 32 -6.93 -9.53 -17.16
N ILE D 33 -5.66 -9.53 -16.77
CA ILE D 33 -5.09 -8.35 -16.13
C ILE D 33 -4.95 -7.19 -17.12
N VAL D 34 -4.46 -7.48 -18.33
CA VAL D 34 -4.24 -6.36 -19.25
C VAL D 34 -5.57 -5.82 -19.80
N MET D 35 -6.59 -6.67 -19.92
CA MET D 35 -7.93 -6.18 -20.23
C MET D 35 -8.42 -5.21 -19.15
N LEU D 36 -8.18 -5.57 -17.89
CA LEU D 36 -8.59 -4.72 -16.78
C LEU D 36 -7.89 -3.38 -16.79
N MET D 37 -6.58 -3.35 -17.10
CA MET D 37 -5.89 -2.06 -17.04
C MET D 37 -6.26 -1.18 -18.23
N ILE D 38 -6.48 -1.78 -19.42
CA ILE D 38 -6.95 -0.92 -20.51
C ILE D 38 -8.39 -0.45 -20.26
N ALA D 39 -9.20 -1.27 -19.58
CA ALA D 39 -10.55 -0.84 -19.23
C ALA D 39 -10.52 0.33 -18.25
N VAL D 40 -9.67 0.25 -17.23
CA VAL D 40 -9.63 1.33 -16.24
C VAL D 40 -9.00 2.58 -16.85
N PHE D 41 -8.06 2.43 -17.80
CA PHE D 41 -7.50 3.61 -18.45
C PHE D 41 -8.53 4.31 -19.32
N GLY D 42 -9.29 3.54 -20.10
CA GLY D 42 -10.36 4.14 -20.89
C GLY D 42 -11.43 4.78 -20.01
N GLY D 43 -11.75 4.14 -18.89
CA GLY D 43 -12.74 4.69 -17.99
C GLY D 43 -12.30 5.98 -17.34
N THR D 44 -11.04 6.04 -16.88
CA THR D 44 -10.58 7.27 -16.26
C THR D 44 -10.42 8.39 -17.28
N LEU D 45 -10.06 8.07 -18.53
CA LEU D 45 -10.01 9.09 -19.57
C LEU D 45 -11.40 9.64 -19.87
N GLN D 46 -12.38 8.74 -19.99
CA GLN D 46 -13.74 9.16 -20.30
C GLN D 46 -14.37 9.98 -19.17
N VAL D 47 -14.12 9.60 -17.92
CA VAL D 47 -14.67 10.42 -16.84
C VAL D 47 -13.85 11.70 -16.70
N THR D 48 -12.61 11.73 -17.19
CA THR D 48 -11.81 12.94 -17.08
C THR D 48 -12.29 14.00 -18.06
N GLN D 49 -12.28 13.73 -19.37
CA GLN D 49 -12.76 14.75 -20.30
C GLN D 49 -14.00 14.32 -21.09
N ASP D 50 -13.87 13.40 -22.05
CA ASP D 50 -14.90 12.96 -22.99
C ASP D 50 -15.90 14.03 -23.43
N LYS D 51 -15.42 15.18 -23.90
CA LYS D 51 -16.33 16.22 -24.35
C LYS D 51 -16.42 16.21 -25.87
N MET D 52 -17.12 17.18 -26.43
CA MET D 52 -16.97 17.51 -27.84
C MET D 52 -17.20 19.00 -28.02
N ILE D 53 -16.71 19.50 -29.14
CA ILE D 53 -16.79 20.92 -29.47
C ILE D 53 -17.67 21.04 -30.70
N CYS D 54 -18.74 21.83 -30.59
CA CYS D 54 -19.75 21.93 -31.62
C CYS D 54 -19.89 23.37 -32.09
N LEU D 55 -19.99 23.55 -33.40
CA LEU D 55 -20.22 24.83 -34.02
C LEU D 55 -21.43 24.77 -34.93
N PRO D 56 -22.23 25.82 -35.00
CA PRO D 56 -23.29 25.88 -36.00
C PRO D 56 -22.74 26.32 -37.34
N CYS D 57 -23.37 25.83 -38.40
CA CYS D 57 -23.02 26.25 -39.75
C CYS D 57 -24.20 27.01 -40.34
N LYS D 58 -23.89 28.17 -40.96
CA LYS D 58 -24.93 29.11 -41.36
C LYS D 58 -25.74 28.60 -42.53
N TRP D 59 -25.08 28.09 -43.55
CA TRP D 59 -25.75 27.59 -44.74
C TRP D 59 -25.96 26.08 -44.62
N VAL D 60 -27.20 25.65 -44.82
CA VAL D 60 -27.58 24.26 -44.61
C VAL D 60 -28.25 23.72 -45.86
N THR D 61 -27.83 22.53 -46.28
CA THR D 61 -28.46 21.78 -47.36
C THR D 61 -28.61 20.34 -46.92
N LYS D 62 -29.81 19.78 -47.08
CA LYS D 62 -30.21 18.42 -46.69
C LYS D 62 -29.71 18.03 -45.29
N ASP D 63 -29.83 18.98 -44.35
CA ASP D 63 -29.33 18.85 -42.98
C ASP D 63 -27.84 18.54 -42.96
N SER D 64 -27.09 19.18 -43.87
CA SER D 64 -25.65 19.19 -43.86
C SER D 64 -25.20 20.60 -44.27
N CYS D 65 -23.92 20.89 -44.06
CA CYS D 65 -23.39 22.21 -44.38
C CYS D 65 -22.87 22.21 -45.81
N ASN D 66 -23.23 23.25 -46.56
CA ASN D 66 -23.06 23.24 -48.01
C ASN D 66 -21.63 23.46 -48.46
N ASP D 67 -20.75 23.91 -47.55
CA ASP D 67 -19.38 24.33 -47.89
C ASP D 67 -19.38 25.38 -48.99
N SER D 68 -20.27 26.36 -48.86
CA SER D 68 -20.41 27.41 -49.86
C SER D 68 -19.97 28.77 -49.31
N THR D 92 -10.89 43.38 -47.29
CA THR D 92 -10.42 42.64 -48.45
C THR D 92 -9.79 41.32 -48.01
N GLY D 93 -9.05 41.35 -46.91
CA GLY D 93 -8.44 40.17 -46.36
C GLY D 93 -9.47 39.28 -45.70
N PRO D 94 -9.07 38.05 -45.33
CA PRO D 94 -10.00 37.14 -44.67
C PRO D 94 -10.43 37.65 -43.30
N THR D 95 -11.70 37.42 -42.98
CA THR D 95 -12.28 37.88 -41.73
C THR D 95 -13.05 36.74 -41.08
N GLY D 96 -13.10 36.76 -39.75
CA GLY D 96 -13.77 35.71 -39.03
C GLY D 96 -15.28 35.79 -39.14
N ILE D 97 -15.92 34.66 -38.84
CA ILE D 97 -17.37 34.53 -38.89
C ILE D 97 -17.92 34.75 -37.50
N LYS D 98 -18.92 35.61 -37.38
CA LYS D 98 -19.50 35.96 -36.10
C LYS D 98 -20.83 35.24 -35.91
N TYR D 99 -21.00 34.60 -34.75
CA TYR D 99 -22.21 33.84 -34.45
C TYR D 99 -23.07 34.46 -33.37
N ASP D 100 -22.53 35.36 -32.55
CA ASP D 100 -23.24 36.04 -31.47
C ASP D 100 -23.81 35.06 -30.45
N LEU D 101 -23.05 34.00 -30.17
CA LEU D 101 -23.39 33.05 -29.12
C LEU D 101 -22.38 33.19 -28.00
N ASP D 102 -22.88 33.29 -26.76
CA ASP D 102 -22.00 33.32 -25.61
C ASP D 102 -21.51 31.91 -25.29
N ARG D 103 -20.64 31.81 -24.28
CA ARG D 103 -20.02 30.53 -23.96
C ARG D 103 -21.01 29.53 -23.39
N HIS D 104 -22.00 30.00 -22.65
CA HIS D 104 -22.88 29.08 -21.95
C HIS D 104 -23.86 28.42 -22.92
N GLN D 105 -24.24 29.13 -23.98
CA GLN D 105 -25.00 28.50 -25.06
C GLN D 105 -24.19 27.43 -25.75
N TYR D 106 -22.89 27.68 -25.96
CA TYR D 106 -22.02 26.68 -26.54
C TYR D 106 -21.93 25.44 -25.65
N ASN D 107 -21.85 25.65 -24.33
CA ASN D 107 -21.82 24.52 -23.42
C ASN D 107 -23.13 23.74 -23.46
N TYR D 108 -24.26 24.43 -23.55
CA TYR D 108 -25.55 23.76 -23.60
C TYR D 108 -25.69 22.92 -24.87
N VAL D 109 -25.31 23.48 -26.02
CA VAL D 109 -25.45 22.72 -27.25
C VAL D 109 -24.42 21.59 -27.30
N ASP D 110 -23.27 21.77 -26.64
CA ASP D 110 -22.32 20.67 -26.49
C ASP D 110 -22.93 19.53 -25.71
N ALA D 111 -23.61 19.84 -24.61
CA ALA D 111 -24.24 18.79 -23.82
C ALA D 111 -25.35 18.08 -24.59
N VAL D 112 -26.16 18.84 -25.32
CA VAL D 112 -27.28 18.25 -26.04
C VAL D 112 -26.80 17.36 -27.17
N CYS D 113 -25.85 17.84 -27.98
CA CYS D 113 -25.34 17.00 -29.05
C CYS D 113 -24.42 15.90 -28.55
N TYR D 114 -23.94 15.98 -27.30
CA TYR D 114 -23.23 14.85 -26.72
C TYR D 114 -24.19 13.75 -26.32
N GLU D 115 -25.35 14.12 -25.76
CA GLU D 115 -26.24 13.08 -25.27
C GLU D 115 -27.10 12.48 -26.37
N ASN D 116 -27.68 13.32 -27.22
CA ASN D 116 -28.74 12.85 -28.11
C ASN D 116 -28.26 12.33 -29.46
N ARG D 117 -27.06 12.70 -29.92
CA ARG D 117 -26.67 12.34 -31.27
C ARG D 117 -25.27 11.71 -31.32
N LEU D 118 -24.73 11.31 -30.18
CA LEU D 118 -23.52 10.52 -30.13
C LEU D 118 -23.89 9.07 -29.85
N HIS D 119 -23.29 8.15 -30.59
CA HIS D 119 -23.60 6.74 -30.43
C HIS D 119 -23.20 6.24 -29.05
N TRP D 120 -24.00 5.31 -28.52
CA TRP D 120 -23.79 4.81 -27.17
C TRP D 120 -22.52 4.00 -27.02
N PHE D 121 -22.00 3.44 -28.12
CA PHE D 121 -20.76 2.67 -28.02
C PHE D 121 -19.57 3.57 -27.72
N ALA D 122 -19.60 4.81 -28.18
CA ALA D 122 -18.52 5.75 -27.88
C ALA D 122 -18.49 6.18 -26.43
N LYS D 123 -19.58 6.00 -25.69
CA LYS D 123 -19.71 6.52 -24.34
C LYS D 123 -19.42 5.49 -23.26
N TYR D 124 -19.88 4.24 -23.45
CA TYR D 124 -19.88 3.26 -22.37
C TYR D 124 -19.02 2.03 -22.69
N PHE D 125 -18.16 2.14 -23.70
CA PHE D 125 -17.24 1.05 -24.02
C PHE D 125 -16.29 0.67 -22.88
N PRO D 126 -15.64 1.61 -22.15
CA PRO D 126 -14.80 1.15 -21.02
C PRO D 126 -15.55 0.45 -19.91
N TYR D 127 -16.73 0.94 -19.54
CA TYR D 127 -17.52 0.25 -18.52
C TYR D 127 -18.00 -1.10 -19.01
N LEU D 128 -18.33 -1.20 -20.29
CA LEU D 128 -18.76 -2.48 -20.85
C LEU D 128 -17.63 -3.51 -20.81
N VAL D 129 -16.42 -3.10 -21.19
CA VAL D 129 -15.33 -4.08 -21.18
C VAL D 129 -14.88 -4.37 -19.75
N LEU D 130 -15.07 -3.42 -18.83
CA LEU D 130 -14.82 -3.70 -17.41
C LEU D 130 -15.78 -4.77 -16.89
N LEU D 131 -17.06 -4.65 -17.25
CA LEU D 131 -18.03 -5.66 -16.86
C LEU D 131 -17.68 -7.03 -17.44
N HIS D 132 -17.26 -7.05 -18.71
CA HIS D 132 -16.89 -8.33 -19.32
C HIS D 132 -15.64 -8.93 -18.67
N THR D 133 -14.68 -8.09 -18.30
CA THR D 133 -13.48 -8.58 -17.62
C THR D 133 -13.81 -9.16 -16.25
N LEU D 134 -14.69 -8.48 -15.50
CA LEU D 134 -15.11 -9.02 -14.20
C LEU D 134 -15.88 -10.33 -14.36
N ILE D 135 -16.69 -10.43 -15.41
CA ILE D 135 -17.41 -11.68 -15.67
C ILE D 135 -16.44 -12.81 -15.99
N PHE D 136 -15.39 -12.52 -16.78
CA PHE D 136 -14.39 -13.54 -17.09
C PHE D 136 -13.63 -13.96 -15.84
N LEU D 137 -13.30 -13.01 -14.96
CA LEU D 137 -12.61 -13.35 -13.72
C LEU D 137 -13.49 -14.20 -12.80
N ALA D 138 -14.77 -13.87 -12.71
CA ALA D 138 -15.69 -14.68 -11.92
C ALA D 138 -15.84 -16.07 -12.50
N CYS D 139 -15.89 -16.18 -13.82
CA CYS D 139 -16.00 -17.49 -14.48
C CYS D 139 -14.71 -18.29 -14.31
N SER D 140 -13.58 -17.64 -14.09
CA SER D 140 -12.34 -18.37 -13.90
C SER D 140 -12.04 -18.68 -12.44
N ASN D 141 -12.71 -18.01 -11.49
CA ASN D 141 -12.44 -18.26 -10.08
C ASN D 141 -13.61 -18.87 -9.31
N PHE D 142 -14.77 -19.05 -9.95
CA PHE D 142 -15.88 -19.74 -9.29
C PHE D 142 -15.56 -21.20 -9.02
N TRP D 143 -14.70 -21.80 -9.84
CA TRP D 143 -14.24 -23.16 -9.62
C TRP D 143 -13.37 -23.29 -8.37
N PHE D 144 -12.77 -22.20 -7.91
CA PHE D 144 -12.00 -22.20 -6.67
C PHE D 144 -12.84 -21.78 -5.47
N LYS D 145 -13.68 -20.76 -5.61
CA LYS D 145 -14.38 -20.24 -4.45
C LYS D 145 -15.59 -21.08 -4.03
N PHE D 146 -16.03 -22.01 -4.86
CA PHE D 146 -17.14 -22.88 -4.46
C PHE D 146 -16.63 -23.91 -3.46
N PRO D 147 -17.33 -24.13 -2.34
CA PRO D 147 -16.76 -24.97 -1.28
C PRO D 147 -16.76 -26.45 -1.59
N ARG D 148 -17.80 -26.94 -2.29
CA ARG D 148 -17.93 -28.38 -2.55
C ARG D 148 -16.83 -28.91 -3.45
N THR D 149 -16.20 -28.04 -4.25
CA THR D 149 -15.02 -28.41 -5.01
C THR D 149 -13.73 -27.91 -4.39
N SER D 150 -13.80 -26.82 -3.62
CA SER D 150 -12.62 -26.31 -2.93
C SER D 150 -12.09 -27.31 -1.90
N SER D 151 -13.00 -27.96 -1.17
CA SER D 151 -12.59 -28.95 -0.19
C SER D 151 -11.92 -30.15 -0.86
N LYS D 152 -12.48 -30.61 -1.98
CA LYS D 152 -11.90 -31.74 -2.70
C LYS D 152 -10.53 -31.39 -3.28
N LEU D 153 -10.39 -30.17 -3.82
CA LEU D 153 -9.09 -29.74 -4.31
C LEU D 153 -8.07 -29.61 -3.19
N GLU D 154 -8.50 -29.13 -2.01
CA GLU D 154 -7.60 -29.04 -0.87
C GLU D 154 -7.14 -30.42 -0.41
N HIS D 155 -8.06 -31.38 -0.37
CA HIS D 155 -7.69 -32.75 0.01
C HIS D 155 -6.74 -33.36 -1.02
N PHE D 156 -6.99 -33.10 -2.31
CA PHE D 156 -6.13 -33.62 -3.36
C PHE D 156 -4.72 -33.05 -3.27
N VAL D 157 -4.61 -31.73 -3.08
CA VAL D 157 -3.28 -31.12 -3.03
C VAL D 157 -2.54 -31.51 -1.74
N SER D 158 -3.28 -31.68 -0.63
CA SER D 158 -2.62 -32.11 0.60
C SER D 158 -2.11 -33.55 0.48
N ILE D 159 -2.92 -34.45 -0.08
CA ILE D 159 -2.50 -35.84 -0.22
C ILE D 159 -1.35 -35.96 -1.21
N LEU D 160 -1.38 -35.18 -2.29
CA LEU D 160 -0.25 -35.20 -3.22
C LEU D 160 1.01 -34.58 -2.63
N LEU D 161 0.90 -33.60 -1.72
CA LEU D 161 2.14 -33.10 -1.13
C LEU D 161 2.71 -34.08 -0.10
N LYS D 162 1.87 -34.78 0.66
CA LYS D 162 2.39 -35.85 1.50
C LYS D 162 2.98 -36.98 0.67
N CYS D 163 2.37 -37.31 -0.46
CA CYS D 163 2.92 -38.35 -1.34
C CYS D 163 4.22 -37.90 -1.98
N PHE D 164 4.39 -36.60 -2.20
CA PHE D 164 5.65 -36.08 -2.70
C PHE D 164 6.73 -36.10 -1.63
N ASP D 165 6.36 -35.82 -0.38
CA ASP D 165 7.33 -35.72 0.69
C ASP D 165 7.53 -37.01 1.47
N SER D 166 6.85 -38.09 1.10
CA SER D 166 7.06 -39.35 1.82
C SER D 166 8.31 -40.06 1.30
N PRO D 167 9.17 -40.55 2.20
CA PRO D 167 10.45 -41.12 1.76
C PRO D 167 10.39 -42.55 1.28
N TRP D 168 9.26 -43.26 1.50
CA TRP D 168 9.17 -44.65 1.10
C TRP D 168 9.02 -44.83 -0.40
N THR D 169 8.69 -43.75 -1.12
CA THR D 169 8.51 -43.83 -2.57
C THR D 169 9.82 -44.17 -3.28
N THR D 170 10.93 -43.56 -2.85
CA THR D 170 12.23 -43.85 -3.45
C THR D 170 12.65 -45.30 -3.22
N ARG D 171 12.43 -45.80 -2.00
CA ARG D 171 12.74 -47.18 -1.69
C ARG D 171 11.85 -48.15 -2.47
N ALA D 172 10.59 -47.77 -2.70
CA ALA D 172 9.70 -48.61 -3.49
C ALA D 172 10.10 -48.63 -4.95
N LEU D 173 10.48 -47.48 -5.51
CA LEU D 173 10.75 -47.39 -6.94
C LEU D 173 12.15 -47.90 -7.28
N SER D 174 13.08 -47.86 -6.34
CA SER D 174 14.44 -48.33 -6.57
C SER D 174 14.50 -49.85 -6.71
N ASP D 233 12.74 -46.78 11.23
CA ASP D 233 12.36 -47.60 10.09
C ASP D 233 10.99 -48.24 10.30
N LYS D 234 10.75 -48.71 11.52
CA LYS D 234 9.45 -49.29 11.85
C LYS D 234 8.39 -48.21 12.00
N LYS D 235 8.72 -47.10 12.68
CA LYS D 235 7.80 -45.99 12.84
C LYS D 235 7.50 -45.32 11.49
N GLU D 236 8.52 -45.20 10.65
CA GLU D 236 8.33 -44.67 9.31
C GLU D 236 7.38 -45.55 8.50
N GLY D 237 7.56 -46.87 8.57
CA GLY D 237 6.63 -47.77 7.92
C GLY D 237 5.22 -47.70 8.48
N GLU D 238 5.10 -47.48 9.79
CA GLU D 238 3.77 -47.38 10.40
C GLU D 238 3.04 -46.12 9.96
N GLN D 239 3.74 -44.97 9.91
CA GLN D 239 3.09 -43.76 9.44
C GLN D 239 2.82 -43.82 7.95
N ALA D 240 3.66 -44.54 7.20
CA ALA D 240 3.37 -44.77 5.79
C ALA D 240 2.13 -45.66 5.62
N LYS D 241 1.95 -46.63 6.51
CA LYS D 241 0.72 -47.43 6.51
C LYS D 241 -0.50 -46.57 6.82
N ALA D 242 -0.35 -45.63 7.75
CA ALA D 242 -1.44 -44.70 8.05
C ALA D 242 -1.81 -43.87 6.84
N LEU D 243 -0.80 -43.36 6.12
CA LEU D 243 -1.05 -42.63 4.89
C LEU D 243 -1.63 -43.54 3.80
N PHE D 244 -1.25 -44.82 3.80
CA PHE D 244 -1.83 -45.78 2.87
C PHE D 244 -3.34 -45.92 3.08
N GLU D 245 -3.76 -46.08 4.34
CA GLU D 245 -5.19 -46.19 4.60
C GLU D 245 -5.92 -44.87 4.37
N LYS D 246 -5.25 -43.74 4.62
CA LYS D 246 -5.86 -42.45 4.29
C LYS D 246 -6.10 -42.30 2.80
N VAL D 247 -5.13 -42.70 1.98
CA VAL D 247 -5.28 -42.68 0.52
C VAL D 247 -6.37 -43.65 0.09
N LYS D 248 -6.45 -44.82 0.73
CA LYS D 248 -7.48 -45.79 0.39
C LYS D 248 -8.88 -45.27 0.68
N LYS D 249 -9.06 -44.56 1.81
CA LYS D 249 -10.37 -44.01 2.10
C LYS D 249 -10.68 -42.79 1.23
N PHE D 250 -9.65 -42.02 0.85
CA PHE D 250 -9.87 -40.90 -0.05
C PHE D 250 -10.31 -41.37 -1.44
N ARG D 251 -9.76 -42.53 -1.86
CA ARG D 251 -10.10 -43.07 -3.17
C ARG D 251 -11.59 -43.39 -3.28
N THR D 252 -12.16 -44.04 -2.26
CA THR D 252 -13.59 -44.29 -2.27
C THR D 252 -14.40 -43.06 -1.85
N HIS D 253 -13.74 -42.03 -1.30
CA HIS D 253 -14.44 -40.78 -1.04
C HIS D 253 -14.66 -39.97 -2.32
N VAL D 254 -13.76 -40.07 -3.29
CA VAL D 254 -13.86 -39.25 -4.50
C VAL D 254 -14.23 -40.03 -5.74
N GLU D 255 -14.37 -41.36 -5.67
CA GLU D 255 -14.63 -42.14 -6.88
C GLU D 255 -16.06 -42.04 -7.36
N GLU D 256 -16.97 -41.43 -6.59
CA GLU D 256 -18.37 -41.36 -6.96
C GLU D 256 -18.79 -39.98 -7.47
N GLY D 257 -17.97 -38.96 -7.30
CA GLY D 257 -18.34 -37.62 -7.70
C GLY D 257 -18.18 -37.38 -9.20
N ASP D 258 -18.75 -36.26 -9.64
CA ASP D 258 -18.49 -35.73 -10.98
C ASP D 258 -18.53 -34.21 -11.00
N ILE D 259 -18.62 -33.57 -9.82
CA ILE D 259 -18.93 -32.15 -9.74
C ILE D 259 -17.78 -31.29 -10.26
N VAL D 260 -16.54 -31.70 -9.98
CA VAL D 260 -15.39 -30.90 -10.40
C VAL D 260 -15.25 -30.89 -11.91
N TYR D 261 -15.38 -32.07 -12.53
CA TYR D 261 -15.34 -32.16 -13.99
C TYR D 261 -16.51 -31.43 -14.63
N ARG D 262 -17.69 -31.51 -14.01
CA ARG D 262 -18.86 -30.80 -14.53
C ARG D 262 -18.66 -29.29 -14.51
N LEU D 263 -18.16 -28.76 -13.39
CA LEU D 263 -17.92 -27.33 -13.28
C LEU D 263 -16.83 -26.87 -14.24
N TYR D 264 -15.76 -27.65 -14.38
CA TYR D 264 -14.68 -27.23 -15.26
C TYR D 264 -15.05 -27.37 -16.73
N MET D 265 -16.04 -28.21 -17.05
CA MET D 265 -16.61 -28.20 -18.39
C MET D 265 -17.47 -26.96 -18.61
N ARG D 266 -18.35 -26.65 -17.64
CA ARG D 266 -19.34 -25.59 -17.83
C ARG D 266 -18.68 -24.22 -17.89
N GLN D 267 -17.63 -24.00 -17.09
CA GLN D 267 -16.96 -22.71 -17.09
C GLN D 267 -16.33 -22.41 -18.45
N THR D 268 -15.64 -23.40 -19.03
CA THR D 268 -15.03 -23.17 -20.33
C THR D 268 -16.06 -23.02 -21.44
N ILE D 269 -17.17 -23.77 -21.37
CA ILE D 269 -18.13 -23.62 -22.46
C ILE D 269 -18.86 -22.27 -22.37
N ILE D 270 -19.11 -21.76 -21.16
CA ILE D 270 -19.74 -20.44 -21.11
C ILE D 270 -18.73 -19.33 -21.40
N LYS D 271 -17.42 -19.57 -21.18
CA LYS D 271 -16.43 -18.60 -21.63
C LYS D 271 -16.36 -18.53 -23.15
N VAL D 272 -16.49 -19.69 -23.81
CA VAL D 272 -16.57 -19.71 -25.28
C VAL D 272 -17.82 -18.97 -25.76
N ILE D 273 -18.94 -19.16 -25.05
CA ILE D 273 -20.18 -18.45 -25.38
C ILE D 273 -20.00 -16.93 -25.26
N LYS D 274 -19.34 -16.50 -24.18
CA LYS D 274 -19.12 -15.06 -23.98
C LYS D 274 -18.21 -14.48 -25.05
N PHE D 275 -17.15 -15.21 -25.42
CA PHE D 275 -16.34 -14.78 -26.58
C PHE D 275 -17.15 -14.67 -27.84
N ALA D 276 -18.05 -15.64 -28.08
CA ALA D 276 -18.87 -15.60 -29.28
C ALA D 276 -19.70 -14.32 -29.32
N LEU D 277 -20.37 -13.99 -28.21
CA LEU D 277 -21.19 -12.79 -28.16
C LEU D 277 -20.36 -11.52 -28.34
N ILE D 278 -19.18 -11.48 -27.70
CA ILE D 278 -18.30 -10.32 -27.81
C ILE D 278 -17.90 -10.08 -29.25
N ILE D 279 -17.49 -11.15 -29.95
CA ILE D 279 -17.05 -10.99 -31.34
C ILE D 279 -18.21 -10.62 -32.25
N CYS D 280 -19.42 -11.13 -32.00
CA CYS D 280 -20.55 -10.69 -32.82
C CYS D 280 -20.85 -9.21 -32.65
N TYR D 281 -20.79 -8.67 -31.42
CA TYR D 281 -21.28 -7.29 -31.38
C TYR D 281 -20.19 -6.23 -31.55
N THR D 282 -18.98 -6.46 -31.03
CA THR D 282 -18.04 -5.33 -30.95
C THR D 282 -17.42 -4.99 -32.31
N VAL D 283 -17.27 -5.96 -33.22
CA VAL D 283 -16.72 -5.62 -34.52
C VAL D 283 -17.79 -5.03 -35.42
N TYR D 284 -19.07 -5.33 -35.15
CA TYR D 284 -20.15 -4.69 -35.88
C TYR D 284 -20.37 -3.27 -35.41
N TYR D 285 -20.07 -2.98 -34.14
CA TYR D 285 -20.31 -1.64 -33.62
C TYR D 285 -19.06 -0.78 -33.55
N VAL D 286 -17.87 -1.32 -33.84
CA VAL D 286 -16.65 -0.54 -33.70
C VAL D 286 -16.53 0.56 -34.77
N HIS D 287 -17.26 0.44 -35.88
CA HIS D 287 -17.14 1.42 -36.95
C HIS D 287 -17.91 2.69 -36.68
N ASN D 288 -18.67 2.76 -35.59
CA ASN D 288 -19.59 3.86 -35.34
C ASN D 288 -18.99 4.98 -34.50
N ILE D 289 -17.67 5.10 -34.45
CA ILE D 289 -17.00 6.21 -33.79
C ILE D 289 -16.08 6.89 -34.80
N LYS D 290 -16.08 8.21 -34.79
CA LYS D 290 -15.28 8.99 -35.74
C LYS D 290 -15.17 10.41 -35.21
N PHE D 291 -14.31 11.19 -35.86
CA PHE D 291 -14.06 12.56 -35.43
C PHE D 291 -15.20 13.49 -35.76
N ASP D 292 -15.79 13.36 -36.95
CA ASP D 292 -16.84 14.26 -37.40
C ASP D 292 -18.21 13.63 -37.17
N VAL D 293 -19.06 14.34 -36.43
CA VAL D 293 -20.42 13.89 -36.18
C VAL D 293 -21.36 15.08 -36.31
N ASP D 294 -22.47 14.88 -37.02
CA ASP D 294 -23.46 15.92 -37.22
C ASP D 294 -24.61 15.72 -36.24
N CYS D 295 -25.21 16.83 -35.82
CA CYS D 295 -26.39 16.76 -34.97
C CYS D 295 -27.40 17.81 -35.40
N THR D 296 -28.66 17.41 -35.45
CA THR D 296 -29.79 18.28 -35.72
C THR D 296 -30.81 17.95 -34.64
N VAL D 297 -30.76 18.70 -33.54
CA VAL D 297 -31.41 18.31 -32.30
C VAL D 297 -32.65 19.12 -32.00
N ASP D 298 -32.99 20.10 -32.86
CA ASP D 298 -34.20 20.92 -32.74
C ASP D 298 -34.25 21.67 -31.42
N ILE D 299 -33.27 22.54 -31.22
CA ILE D 299 -33.32 23.58 -30.20
C ILE D 299 -33.04 24.92 -30.90
N GLU D 300 -34.09 25.55 -31.40
CA GLU D 300 -33.95 26.82 -32.09
C GLU D 300 -34.40 28.00 -31.23
N SER D 301 -35.33 27.76 -30.32
CA SER D 301 -35.82 28.81 -29.44
C SER D 301 -34.78 29.29 -28.44
N LEU D 302 -33.72 28.52 -28.23
CA LEU D 302 -32.69 28.88 -27.25
C LEU D 302 -31.42 29.41 -27.89
N THR D 303 -31.08 28.99 -29.10
CA THR D 303 -29.90 29.49 -29.78
C THR D 303 -30.25 30.27 -31.04
N GLY D 304 -31.00 29.67 -31.96
CA GLY D 304 -31.36 30.29 -33.23
C GLY D 304 -30.94 29.48 -34.44
N TYR D 305 -29.91 28.66 -34.29
CA TYR D 305 -29.46 27.79 -35.37
C TYR D 305 -30.12 26.42 -35.25
N ARG D 306 -30.20 25.72 -36.38
CA ARG D 306 -30.90 24.44 -36.43
C ARG D 306 -29.95 23.24 -36.39
N THR D 307 -28.92 23.24 -37.21
CA THR D 307 -27.99 22.12 -37.30
C THR D 307 -26.61 22.56 -36.84
N TYR D 308 -25.85 21.60 -36.31
CA TYR D 308 -24.53 21.85 -35.78
C TYR D 308 -23.57 20.79 -36.30
N ARG D 309 -22.29 21.12 -36.30
CA ARG D 309 -21.24 20.17 -36.66
C ARG D 309 -20.27 20.09 -35.50
N CYS D 310 -20.07 18.89 -34.97
CA CYS D 310 -19.31 18.69 -33.75
C CYS D 310 -17.97 18.03 -34.04
N ALA D 311 -17.21 17.79 -32.97
CA ALA D 311 -15.88 17.22 -33.08
C ALA D 311 -15.56 16.51 -31.77
N HIS D 312 -15.61 15.18 -31.79
CA HIS D 312 -15.31 14.38 -30.60
C HIS D 312 -13.82 14.06 -30.60
N PRO D 313 -13.03 14.69 -29.72
CA PRO D 313 -11.57 14.61 -29.85
C PRO D 313 -10.91 13.39 -29.23
N LEU D 314 -11.67 12.36 -28.87
CA LEU D 314 -11.09 11.13 -28.33
C LEU D 314 -11.42 9.91 -29.18
N ALA D 315 -11.98 10.12 -30.38
CA ALA D 315 -12.45 9.00 -31.19
C ALA D 315 -11.30 8.15 -31.69
N THR D 316 -10.18 8.77 -32.05
CA THR D 316 -9.03 8.01 -32.55
C THR D 316 -8.43 7.13 -31.46
N LEU D 317 -8.25 7.68 -30.26
CA LEU D 317 -7.69 6.89 -29.16
C LEU D 317 -8.66 5.80 -28.73
N PHE D 318 -9.96 6.09 -28.75
CA PHE D 318 -10.93 5.06 -28.41
C PHE D 318 -10.96 3.95 -29.45
N LYS D 319 -10.76 4.29 -30.72
CA LYS D 319 -10.66 3.27 -31.77
C LYS D 319 -9.41 2.42 -31.59
N ILE D 320 -8.31 3.05 -31.19
CA ILE D 320 -7.07 2.31 -30.90
C ILE D 320 -7.30 1.31 -29.78
N LEU D 321 -7.92 1.76 -28.68
CA LEU D 321 -8.17 0.88 -27.55
C LEU D 321 -9.15 -0.23 -27.92
N ALA D 322 -10.15 0.08 -28.75
CA ALA D 322 -11.11 -0.93 -29.17
C ALA D 322 -10.46 -2.00 -30.04
N SER D 323 -9.57 -1.59 -30.96
CA SER D 323 -8.86 -2.58 -31.78
C SER D 323 -7.93 -3.45 -30.93
N PHE D 324 -7.25 -2.84 -29.96
CA PHE D 324 -6.40 -3.59 -29.05
C PHE D 324 -7.22 -4.61 -28.25
N TYR D 325 -8.38 -4.18 -27.74
CA TYR D 325 -9.26 -5.07 -27.00
C TYR D 325 -9.77 -6.20 -27.88
N ILE D 326 -10.08 -5.90 -29.15
CA ILE D 326 -10.59 -6.92 -30.06
C ILE D 326 -9.54 -7.99 -30.31
N SER D 327 -8.30 -7.58 -30.58
CA SER D 327 -7.23 -8.56 -30.83
C SER D 327 -6.94 -9.39 -29.57
N LEU D 328 -6.97 -8.74 -28.40
CA LEU D 328 -6.75 -9.44 -27.15
C LEU D 328 -7.85 -10.47 -26.89
N VAL D 329 -9.10 -10.11 -27.20
CA VAL D 329 -10.22 -11.04 -27.07
C VAL D 329 -10.05 -12.23 -28.01
N ILE D 330 -9.59 -11.97 -29.24
CA ILE D 330 -9.37 -13.07 -30.20
C ILE D 330 -8.32 -14.05 -29.68
N PHE D 331 -7.24 -13.53 -29.11
CA PHE D 331 -6.21 -14.42 -28.56
C PHE D 331 -6.74 -15.24 -27.37
N TYR D 332 -7.51 -14.58 -26.49
CA TYR D 332 -8.18 -15.27 -25.39
C TYR D 332 -9.08 -16.38 -25.89
N GLY D 333 -9.84 -16.12 -26.95
CA GLY D 333 -10.75 -17.11 -27.47
C GLY D 333 -10.05 -18.27 -28.15
N LEU D 334 -8.91 -18.01 -28.79
CA LEU D 334 -8.14 -19.11 -29.36
C LEU D 334 -7.62 -20.02 -28.25
N ILE D 335 -7.20 -19.44 -27.13
CA ILE D 335 -6.79 -20.26 -25.98
C ILE D 335 -7.96 -21.09 -25.47
N CYS D 336 -9.14 -20.48 -25.36
CA CYS D 336 -10.31 -21.20 -24.87
C CYS D 336 -10.76 -22.31 -25.84
N MET D 337 -10.67 -22.06 -27.15
CA MET D 337 -11.00 -23.11 -28.10
C MET D 337 -9.99 -24.25 -28.03
N TYR D 338 -8.71 -23.94 -27.77
CA TYR D 338 -7.73 -25.01 -27.61
C TYR D 338 -8.05 -25.89 -26.42
N THR D 339 -8.36 -25.27 -25.26
CA THR D 339 -8.63 -26.11 -24.09
C THR D 339 -9.96 -26.85 -24.22
N LEU D 340 -10.93 -26.27 -24.93
CA LEU D 340 -12.18 -27.00 -25.19
C LEU D 340 -11.95 -28.20 -26.10
N TRP D 341 -11.12 -28.04 -27.14
CA TRP D 341 -10.80 -29.17 -28.01
C TRP D 341 -10.04 -30.24 -27.26
N TRP D 342 -9.11 -29.83 -26.38
CA TRP D 342 -8.36 -30.77 -25.57
C TRP D 342 -9.29 -31.57 -24.66
N MET D 343 -10.25 -30.88 -24.03
CA MET D 343 -11.17 -31.56 -23.12
C MET D 343 -12.11 -32.50 -23.87
N LEU D 344 -12.57 -32.12 -25.06
CA LEU D 344 -13.45 -33.01 -25.82
C LEU D 344 -12.69 -34.12 -26.53
N ARG D 345 -11.38 -34.01 -26.68
CA ARG D 345 -10.63 -35.03 -27.41
C ARG D 345 -9.96 -36.06 -26.50
N ARG D 346 -9.39 -35.63 -25.37
CA ARG D 346 -8.51 -36.54 -24.64
C ARG D 346 -9.23 -37.49 -23.70
N SER D 347 -10.56 -37.40 -23.58
CA SER D 347 -11.39 -38.30 -22.76
C SER D 347 -10.91 -38.31 -21.30
N LEU D 348 -11.05 -37.16 -20.65
CA LEU D 348 -10.43 -36.91 -19.35
C LEU D 348 -11.09 -37.63 -18.19
N LYS D 349 -12.20 -38.34 -18.41
CA LYS D 349 -12.94 -38.91 -17.29
C LYS D 349 -12.14 -40.02 -16.60
N LYS D 350 -11.64 -40.98 -17.37
CA LYS D 350 -10.84 -42.07 -16.85
C LYS D 350 -9.39 -41.91 -17.28
N TYR D 351 -8.49 -42.57 -16.55
CA TYR D 351 -7.06 -42.51 -16.85
C TYR D 351 -6.53 -43.90 -17.16
N SER D 352 -5.81 -44.02 -18.27
CA SER D 352 -5.12 -45.25 -18.64
C SER D 352 -3.74 -45.21 -18.01
N PHE D 353 -3.56 -45.95 -16.92
CA PHE D 353 -2.48 -45.67 -15.99
C PHE D 353 -1.24 -46.52 -16.31
N GLU D 354 -1.30 -47.36 -17.36
CA GLU D 354 -0.28 -48.38 -17.58
C GLU D 354 1.09 -47.79 -17.92
N SER D 355 1.13 -46.55 -18.45
CA SER D 355 2.38 -45.93 -18.88
C SER D 355 3.38 -45.79 -17.73
N ILE D 356 2.92 -45.90 -16.50
CA ILE D 356 3.81 -46.03 -15.34
C ILE D 356 4.11 -47.50 -15.04
N ARG D 357 3.16 -48.43 -15.22
CA ARG D 357 3.39 -49.78 -14.71
C ARG D 357 4.29 -50.63 -15.62
N GLU D 358 4.22 -50.48 -16.95
CA GLU D 358 5.25 -51.16 -17.74
C GLU D 358 6.63 -50.54 -17.53
N GLU D 359 6.70 -49.25 -17.16
CA GLU D 359 8.00 -48.66 -16.86
C GLU D 359 8.55 -49.13 -15.53
N SER D 360 7.70 -49.30 -14.52
CA SER D 360 8.13 -49.55 -13.15
C SER D 360 8.03 -51.02 -12.74
N SER D 361 7.49 -51.88 -13.60
CA SER D 361 7.32 -53.32 -13.34
C SER D 361 6.48 -53.57 -12.08
N TYR D 362 5.47 -52.73 -11.87
CA TYR D 362 4.48 -52.92 -10.81
C TYR D 362 3.21 -53.43 -11.48
N SER D 363 3.13 -54.75 -11.64
CA SER D 363 2.17 -55.39 -12.54
C SER D 363 0.73 -55.27 -12.08
N ASP D 364 0.48 -54.86 -10.85
CA ASP D 364 -0.87 -54.81 -10.29
C ASP D 364 -1.20 -53.37 -9.87
N ILE D 365 -2.07 -52.72 -10.66
CA ILE D 365 -2.49 -51.35 -10.38
C ILE D 365 -3.86 -51.14 -11.02
N PRO D 366 -4.78 -50.43 -10.38
CA PRO D 366 -6.10 -50.21 -10.97
C PRO D 366 -6.16 -48.93 -11.80
N ASP D 367 -7.27 -48.80 -12.53
CA ASP D 367 -7.55 -47.62 -13.33
C ASP D 367 -8.60 -46.77 -12.61
N VAL D 368 -8.28 -45.50 -12.39
CA VAL D 368 -9.19 -44.59 -11.73
C VAL D 368 -10.33 -44.22 -12.67
N LYS D 369 -11.55 -44.16 -12.15
CA LYS D 369 -12.73 -44.11 -13.01
C LYS D 369 -13.14 -42.68 -13.36
N ASN D 370 -13.44 -41.86 -12.35
CA ASN D 370 -13.91 -40.50 -12.64
C ASN D 370 -13.65 -39.57 -11.46
N ASP D 371 -13.53 -38.28 -11.77
CA ASP D 371 -13.42 -37.12 -10.87
C ASP D 371 -12.10 -37.10 -10.09
N PHE D 372 -11.32 -38.16 -10.17
CA PHE D 372 -9.99 -38.25 -9.60
C PHE D 372 -8.94 -38.47 -10.67
N ALA D 373 -9.31 -39.20 -11.73
CA ALA D 373 -8.50 -39.24 -12.94
C ALA D 373 -8.47 -37.88 -13.64
N PHE D 374 -9.53 -37.09 -13.50
CA PHE D 374 -9.50 -35.73 -14.02
C PHE D 374 -8.47 -34.88 -13.29
N MET D 375 -8.42 -34.99 -11.97
CA MET D 375 -7.39 -34.29 -11.20
C MET D 375 -6.00 -34.82 -11.51
N LEU D 376 -5.90 -36.12 -11.81
CA LEU D 376 -4.62 -36.69 -12.21
C LEU D 376 -4.16 -36.13 -13.55
N HIS D 377 -5.08 -35.97 -14.51
CA HIS D 377 -4.77 -35.26 -15.75
C HIS D 377 -4.35 -33.81 -15.49
N LEU D 378 -5.04 -33.16 -14.56
CA LEU D 378 -4.76 -31.76 -14.27
C LEU D 378 -3.36 -31.59 -13.69
N ILE D 379 -2.92 -32.50 -12.82
CA ILE D 379 -1.56 -32.44 -12.32
C ILE D 379 -0.55 -33.01 -13.31
N ASP D 380 -0.98 -33.87 -14.23
CA ASP D 380 -0.10 -34.35 -15.29
C ASP D 380 0.22 -33.25 -16.28
N GLN D 381 -0.71 -32.34 -16.50
CA GLN D 381 -0.42 -31.17 -17.33
C GLN D 381 0.63 -30.27 -16.70
N TYR D 382 0.71 -30.26 -15.37
CA TYR D 382 1.82 -29.60 -14.70
C TYR D 382 3.11 -30.38 -14.91
N ASP D 383 3.16 -31.62 -14.44
CA ASP D 383 4.31 -32.49 -14.65
C ASP D 383 3.89 -33.94 -14.39
N PRO D 384 4.44 -34.90 -15.13
CA PRO D 384 4.09 -36.31 -14.89
C PRO D 384 4.77 -36.91 -13.68
N LEU D 385 5.67 -36.18 -13.02
CA LEU D 385 6.41 -36.70 -11.87
C LEU D 385 5.47 -36.97 -10.69
N TYR D 386 4.48 -36.10 -10.49
CA TYR D 386 3.58 -36.27 -9.35
C TYR D 386 2.67 -37.47 -9.53
N SER D 387 2.25 -37.75 -10.76
CA SER D 387 1.52 -38.99 -11.02
C SER D 387 2.45 -40.19 -10.98
N LYS D 388 3.72 -40.00 -11.33
CA LYS D 388 4.71 -41.08 -11.26
C LYS D 388 4.91 -41.54 -9.82
N ARG D 389 4.99 -40.59 -8.89
CA ARG D 389 5.23 -40.94 -7.49
C ARG D 389 3.97 -41.39 -6.77
N PHE D 390 2.81 -41.27 -7.39
CA PHE D 390 1.55 -41.70 -6.77
C PHE D 390 1.26 -43.18 -6.98
N ALA D 391 1.98 -43.84 -7.89
CA ALA D 391 1.72 -45.25 -8.17
C ALA D 391 2.05 -46.14 -6.99
N VAL D 392 3.14 -45.83 -6.28
CA VAL D 392 3.57 -46.68 -5.17
C VAL D 392 2.65 -46.58 -3.96
N PHE D 393 1.79 -45.57 -3.91
CA PHE D 393 0.81 -45.46 -2.85
C PHE D 393 -0.55 -46.05 -3.24
N LEU D 394 -0.59 -46.90 -4.26
CA LEU D 394 -1.86 -47.42 -4.74
C LEU D 394 -1.80 -48.91 -5.12
N SER D 395 -0.69 -49.59 -4.84
CA SER D 395 -0.51 -50.97 -5.31
C SER D 395 -0.47 -51.92 -4.12
N GLU D 396 -1.31 -52.97 -4.18
CA GLU D 396 -1.39 -53.93 -3.08
C GLU D 396 -0.08 -54.67 -2.88
N VAL D 397 0.73 -54.81 -3.93
CA VAL D 397 2.09 -55.33 -3.73
C VAL D 397 2.92 -54.33 -2.92
N SER D 398 2.62 -53.04 -3.02
CA SER D 398 3.39 -52.07 -2.24
C SER D 398 2.97 -52.10 -0.76
N GLU D 399 1.65 -52.21 -0.47
CA GLU D 399 1.32 -52.46 0.94
C GLU D 399 1.85 -53.79 1.45
N ASN D 400 1.89 -54.83 0.61
CA ASN D 400 2.47 -56.11 1.04
C ASN D 400 3.96 -55.99 1.35
N LYS D 401 4.69 -55.24 0.51
CA LYS D 401 6.11 -55.00 0.76
C LYS D 401 6.32 -54.22 2.05
N LEU D 402 5.51 -53.18 2.28
CA LEU D 402 5.65 -52.42 3.52
C LEU D 402 5.28 -53.26 4.74
N ARG D 403 4.28 -54.14 4.59
CA ARG D 403 3.88 -55.02 5.68
C ARG D 403 4.99 -56.01 6.03
N GLN D 404 5.61 -56.59 5.00
CA GLN D 404 6.73 -57.50 5.25
C GLN D 404 7.93 -56.78 5.84
N LEU D 405 8.18 -55.55 5.39
CA LEU D 405 9.29 -54.75 5.93
C LEU D 405 9.06 -54.40 7.40
N ASN D 406 7.83 -54.02 7.75
CA ASN D 406 7.51 -53.74 9.15
C ASN D 406 7.54 -54.99 10.00
N LEU D 407 7.21 -56.15 9.39
CA LEU D 407 7.38 -57.42 10.10
C LEU D 407 8.85 -57.70 10.37
N ASN D 408 9.72 -57.40 9.41
CA ASN D 408 11.14 -57.62 9.57
C ASN D 408 11.85 -56.34 10.01
N PRO E 15 -8.13 -15.19 9.64
CA PRO E 15 -7.81 -16.56 10.06
C PRO E 15 -8.37 -17.61 9.11
N ALA E 16 -8.60 -18.81 9.62
CA ALA E 16 -9.14 -19.92 8.84
C ALA E 16 -10.66 -20.04 9.04
N TYR E 17 -11.31 -18.89 9.23
CA TYR E 17 -12.73 -18.86 9.53
C TYR E 17 -13.61 -19.00 8.30
N ARG E 18 -13.00 -19.22 7.13
CA ARG E 18 -13.74 -19.53 5.91
C ARG E 18 -14.46 -20.88 6.00
N ILE E 19 -14.11 -21.71 6.98
CA ILE E 19 -14.81 -22.96 7.24
C ILE E 19 -16.27 -22.70 7.61
N LEU E 20 -16.58 -21.52 8.18
CA LEU E 20 -17.91 -21.25 8.69
C LEU E 20 -18.84 -20.61 7.67
N LYS E 21 -18.34 -20.19 6.53
CA LYS E 21 -19.15 -19.45 5.58
C LYS E 21 -19.62 -20.36 4.46
N PRO E 22 -20.92 -20.59 4.29
CA PRO E 22 -21.41 -21.42 3.18
C PRO E 22 -21.32 -20.69 1.84
N TRP E 23 -21.85 -21.31 0.78
CA TRP E 23 -21.74 -20.72 -0.54
C TRP E 23 -22.58 -19.44 -0.66
N TRP E 24 -23.69 -19.36 0.07
CA TRP E 24 -24.50 -18.14 0.03
C TRP E 24 -23.87 -16.97 0.79
N ASP E 25 -22.88 -17.23 1.64
CA ASP E 25 -22.22 -16.18 2.40
C ASP E 25 -20.99 -15.62 1.69
N VAL E 26 -20.59 -16.19 0.56
CA VAL E 26 -19.47 -15.69 -0.22
C VAL E 26 -19.97 -14.88 -1.42
N PHE E 27 -21.02 -15.38 -2.07
CA PHE E 27 -21.72 -14.61 -3.10
C PHE E 27 -22.21 -13.28 -2.54
N THR E 28 -22.71 -13.31 -1.31
CA THR E 28 -23.14 -12.09 -0.63
C THR E 28 -21.99 -11.11 -0.45
N ASP E 29 -20.83 -11.60 -0.05
CA ASP E 29 -19.67 -10.72 0.14
C ASP E 29 -19.19 -10.12 -1.17
N TYR E 30 -19.18 -10.90 -2.25
CA TYR E 30 -18.74 -10.36 -3.52
C TYR E 30 -19.75 -9.37 -4.10
N ILE E 31 -21.04 -9.65 -3.95
CA ILE E 31 -22.06 -8.69 -4.38
C ILE E 31 -21.96 -7.41 -3.55
N SER E 32 -21.65 -7.53 -2.27
CA SER E 32 -21.46 -6.37 -1.42
C SER E 32 -20.26 -5.53 -1.87
N ILE E 33 -19.16 -6.18 -2.24
CA ILE E 33 -17.97 -5.40 -2.59
C ILE E 33 -18.15 -4.72 -3.95
N VAL E 34 -18.84 -5.37 -4.90
CA VAL E 34 -19.05 -4.68 -6.18
C VAL E 34 -20.09 -3.57 -6.01
N MET E 35 -21.03 -3.75 -5.09
CA MET E 35 -21.91 -2.65 -4.68
C MET E 35 -21.10 -1.48 -4.14
N LEU E 36 -20.09 -1.77 -3.32
CA LEU E 36 -19.27 -0.71 -2.74
C LEU E 36 -18.46 0.01 -3.82
N MET E 37 -17.92 -0.71 -4.81
CA MET E 37 -17.15 -0.02 -5.82
C MET E 37 -18.03 0.81 -6.76
N ILE E 38 -19.23 0.33 -7.10
CA ILE E 38 -20.08 1.21 -7.93
C ILE E 38 -20.58 2.40 -7.12
N ALA E 39 -20.78 2.21 -5.80
CA ALA E 39 -21.16 3.32 -4.94
C ALA E 39 -20.08 4.39 -4.90
N VAL E 40 -18.82 3.98 -4.73
CA VAL E 40 -17.76 4.98 -4.61
C VAL E 40 -17.46 5.59 -5.98
N PHE E 41 -17.67 4.85 -7.07
CA PHE E 41 -17.50 5.43 -8.40
C PHE E 41 -18.54 6.52 -8.67
N GLY E 42 -19.81 6.23 -8.36
CA GLY E 42 -20.84 7.26 -8.48
C GLY E 42 -20.59 8.44 -7.55
N GLY E 43 -20.09 8.16 -6.35
CA GLY E 43 -19.79 9.24 -5.42
C GLY E 43 -18.69 10.16 -5.91
N THR E 44 -17.59 9.59 -6.40
CA THR E 44 -16.50 10.46 -6.86
C THR E 44 -16.87 11.17 -8.14
N LEU E 45 -17.72 10.57 -8.99
CA LEU E 45 -18.18 11.27 -10.18
C LEU E 45 -19.08 12.46 -9.82
N GLN E 46 -20.00 12.26 -8.85
CA GLN E 46 -20.87 13.34 -8.43
C GLN E 46 -20.12 14.44 -7.70
N VAL E 47 -19.10 14.09 -6.92
CA VAL E 47 -18.25 15.12 -6.33
C VAL E 47 -17.45 15.86 -7.40
N THR E 48 -17.00 15.13 -8.43
CA THR E 48 -16.14 15.74 -9.42
C THR E 48 -16.88 16.76 -10.28
N GLN E 49 -18.00 16.37 -10.90
CA GLN E 49 -18.66 17.43 -11.66
C GLN E 49 -20.06 17.80 -11.17
N ASP E 50 -21.02 16.89 -11.39
CA ASP E 50 -22.46 17.09 -11.15
C ASP E 50 -22.97 18.50 -11.44
N LYS E 51 -22.61 19.06 -12.58
CA LYS E 51 -23.05 20.41 -12.92
C LYS E 51 -24.42 20.33 -13.60
N MET E 52 -24.98 21.50 -13.90
CA MET E 52 -26.20 21.55 -14.70
C MET E 52 -26.22 22.88 -15.43
N ILE E 53 -26.36 22.82 -16.75
CA ILE E 53 -26.31 24.01 -17.61
C ILE E 53 -27.73 24.50 -17.85
N CYS E 54 -27.97 25.79 -17.62
CA CYS E 54 -29.31 26.35 -17.75
C CYS E 54 -29.30 27.58 -18.65
N LEU E 55 -30.37 27.73 -19.42
CA LEU E 55 -30.60 28.85 -20.31
C LEU E 55 -32.00 29.41 -20.09
N PRO E 56 -32.17 30.72 -20.14
CA PRO E 56 -33.51 31.30 -20.03
C PRO E 56 -34.34 31.05 -21.28
N CYS E 57 -35.66 31.08 -21.09
CA CYS E 57 -36.61 30.93 -22.17
C CYS E 57 -37.29 32.28 -22.39
N LYS E 58 -37.20 32.80 -23.61
CA LYS E 58 -37.64 34.17 -23.88
C LYS E 58 -39.16 34.27 -23.87
N TRP E 59 -39.84 33.34 -24.53
CA TRP E 59 -41.29 33.37 -24.64
C TRP E 59 -41.87 32.31 -23.71
N VAL E 60 -42.79 32.73 -22.84
CA VAL E 60 -43.26 31.91 -21.74
C VAL E 60 -44.75 31.64 -21.91
N THR E 61 -45.15 30.39 -21.63
CA THR E 61 -46.54 29.98 -21.58
C THR E 61 -46.72 29.07 -20.39
N LYS E 62 -47.64 29.46 -19.49
CA LYS E 62 -47.90 28.82 -18.18
C LYS E 62 -46.62 28.39 -17.47
N ASP E 63 -45.67 29.35 -17.39
CA ASP E 63 -44.34 29.15 -16.82
C ASP E 63 -43.60 28.00 -17.50
N SER E 64 -43.68 27.95 -18.82
CA SER E 64 -42.95 26.98 -19.62
C SER E 64 -42.51 27.64 -20.93
N CYS E 65 -41.48 27.07 -21.54
CA CYS E 65 -40.94 27.63 -22.77
C CYS E 65 -41.90 27.40 -23.93
N ASN E 66 -42.12 28.45 -24.72
CA ASN E 66 -43.12 28.41 -25.78
C ASN E 66 -42.67 27.60 -26.98
N ASP E 67 -41.37 27.33 -27.11
CA ASP E 67 -40.77 26.60 -28.24
C ASP E 67 -41.09 27.29 -29.57
N SER E 68 -40.62 28.53 -29.69
CA SER E 68 -40.85 29.31 -30.91
C SER E 68 -39.52 29.67 -31.58
N THR E 92 -30.35 37.23 -43.75
CA THR E 92 -31.05 36.09 -44.33
C THR E 92 -30.77 34.83 -43.52
N GLY E 93 -29.48 34.56 -43.28
CA GLY E 93 -29.07 33.43 -42.48
C GLY E 93 -29.43 33.62 -41.03
N PRO E 94 -29.56 32.52 -40.28
CA PRO E 94 -29.91 32.63 -38.86
C PRO E 94 -28.78 33.24 -38.06
N THR E 95 -29.15 33.91 -36.97
CA THR E 95 -28.20 34.51 -36.05
C THR E 95 -28.54 34.09 -34.63
N GLY E 96 -27.56 34.21 -33.75
CA GLY E 96 -27.75 33.78 -32.38
C GLY E 96 -28.66 34.70 -31.60
N ILE E 97 -29.32 34.12 -30.60
CA ILE E 97 -30.19 34.87 -29.71
C ILE E 97 -29.34 35.46 -28.60
N LYS E 98 -29.51 36.75 -28.33
CA LYS E 98 -28.72 37.47 -27.34
C LYS E 98 -29.52 37.56 -26.05
N TYR E 99 -28.93 37.12 -24.95
CA TYR E 99 -29.58 37.16 -23.65
C TYR E 99 -29.02 38.25 -22.74
N ASP E 100 -27.89 38.86 -23.12
CA ASP E 100 -27.25 39.96 -22.38
C ASP E 100 -26.91 39.54 -20.95
N LEU E 101 -26.39 38.33 -20.79
CA LEU E 101 -26.02 37.80 -19.49
C LEU E 101 -24.53 37.52 -19.47
N ASP E 102 -23.85 38.02 -18.44
CA ASP E 102 -22.48 37.62 -18.22
C ASP E 102 -22.43 36.29 -17.47
N ARG E 103 -21.22 35.74 -17.38
CA ARG E 103 -21.03 34.35 -16.96
C ARG E 103 -21.42 34.14 -15.49
N HIS E 104 -21.30 35.17 -14.66
CA HIS E 104 -21.42 34.95 -13.23
C HIS E 104 -22.88 34.74 -12.82
N GLN E 105 -23.82 35.48 -13.41
CA GLN E 105 -25.20 35.19 -13.10
C GLN E 105 -25.69 33.92 -13.79
N TYR E 106 -25.04 33.49 -14.87
CA TYR E 106 -25.27 32.14 -15.37
C TYR E 106 -24.89 31.10 -14.32
N ASN E 107 -23.75 31.29 -13.66
CA ASN E 107 -23.35 30.37 -12.58
C ASN E 107 -24.34 30.43 -11.41
N TYR E 108 -24.80 31.64 -11.09
CA TYR E 108 -25.76 31.80 -9.99
C TYR E 108 -27.07 31.08 -10.29
N VAL E 109 -27.61 31.26 -11.50
CA VAL E 109 -28.88 30.62 -11.82
C VAL E 109 -28.68 29.12 -11.96
N ASP E 110 -27.49 28.67 -12.36
CA ASP E 110 -27.20 27.24 -12.36
C ASP E 110 -27.27 26.67 -10.96
N ALA E 111 -26.64 27.34 -10.00
CA ALA E 111 -26.66 26.88 -8.61
C ALA E 111 -28.06 26.88 -8.04
N VAL E 112 -28.84 27.93 -8.32
CA VAL E 112 -30.17 28.04 -7.76
C VAL E 112 -31.11 26.99 -8.33
N CYS E 113 -31.08 26.80 -9.67
CA CYS E 113 -31.93 25.78 -10.26
C CYS E 113 -31.47 24.38 -9.90
N TYR E 114 -30.18 24.19 -9.64
CA TYR E 114 -29.69 22.88 -9.24
C TYR E 114 -30.05 22.54 -7.81
N GLU E 115 -30.15 23.55 -6.94
CA GLU E 115 -30.48 23.25 -5.57
C GLU E 115 -31.99 23.15 -5.36
N ASN E 116 -32.76 24.09 -5.92
CA ASN E 116 -34.18 24.14 -5.58
C ASN E 116 -35.02 23.16 -6.41
N ARG E 117 -34.76 23.07 -7.71
CA ARG E 117 -35.69 22.37 -8.59
C ARG E 117 -35.10 21.11 -9.21
N LEU E 118 -34.41 20.32 -8.39
CA LEU E 118 -33.92 19.01 -8.82
C LEU E 118 -34.24 18.01 -7.72
N HIS E 119 -34.70 16.82 -8.12
CA HIS E 119 -35.06 15.80 -7.16
C HIS E 119 -33.84 15.32 -6.38
N TRP E 120 -34.03 15.04 -5.10
CA TRP E 120 -32.90 14.70 -4.23
C TRP E 120 -32.34 13.31 -4.54
N PHE E 121 -33.12 12.43 -5.15
CA PHE E 121 -32.59 11.12 -5.53
C PHE E 121 -31.59 11.22 -6.67
N ALA E 122 -31.63 12.30 -7.45
CA ALA E 122 -30.65 12.51 -8.50
C ALA E 122 -29.29 12.95 -7.96
N LYS E 123 -29.25 13.42 -6.71
CA LYS E 123 -28.03 14.00 -6.15
C LYS E 123 -27.39 13.14 -5.07
N TYR E 124 -28.17 12.40 -4.29
CA TYR E 124 -27.65 11.67 -3.14
C TYR E 124 -27.77 10.16 -3.28
N PHE E 125 -28.03 9.68 -4.50
CA PHE E 125 -28.07 8.24 -4.76
C PHE E 125 -26.76 7.52 -4.44
N PRO E 126 -25.56 8.02 -4.82
CA PRO E 126 -24.33 7.32 -4.40
C PRO E 126 -24.13 7.26 -2.89
N TYR E 127 -24.48 8.33 -2.17
CA TYR E 127 -24.34 8.30 -0.72
C TYR E 127 -25.33 7.32 -0.11
N LEU E 128 -26.54 7.25 -0.65
CA LEU E 128 -27.53 6.30 -0.17
C LEU E 128 -27.06 4.86 -0.38
N VAL E 129 -26.54 4.55 -1.56
CA VAL E 129 -26.15 3.17 -1.82
C VAL E 129 -24.88 2.82 -1.06
N LEU E 130 -24.00 3.79 -0.80
CA LEU E 130 -22.85 3.55 0.05
C LEU E 130 -23.28 3.24 1.48
N LEU E 131 -24.27 3.99 2.00
CA LEU E 131 -24.79 3.72 3.34
C LEU E 131 -25.41 2.32 3.42
N HIS E 132 -26.15 1.93 2.38
CA HIS E 132 -26.77 0.61 2.39
C HIS E 132 -25.72 -0.50 2.29
N THR E 133 -24.66 -0.28 1.51
CA THR E 133 -23.59 -1.28 1.44
C THR E 133 -22.87 -1.42 2.77
N LEU E 134 -22.60 -0.29 3.44
CA LEU E 134 -21.93 -0.34 4.74
C LEU E 134 -22.78 -1.03 5.79
N ILE E 135 -24.10 -0.75 5.80
CA ILE E 135 -24.93 -1.39 6.81
C ILE E 135 -25.10 -2.88 6.49
N PHE E 136 -25.09 -3.27 5.21
CA PHE E 136 -25.11 -4.69 4.87
C PHE E 136 -23.84 -5.38 5.34
N LEU E 137 -22.68 -4.75 5.15
CA LEU E 137 -21.42 -5.34 5.58
C LEU E 137 -21.35 -5.46 7.10
N ALA E 138 -21.81 -4.42 7.81
CA ALA E 138 -21.83 -4.46 9.27
C ALA E 138 -22.78 -5.54 9.78
N CYS E 139 -23.94 -5.69 9.12
CA CYS E 139 -24.86 -6.75 9.50
C CYS E 139 -24.28 -8.13 9.24
N SER E 140 -23.48 -8.27 8.18
CA SER E 140 -22.89 -9.57 7.88
C SER E 140 -21.75 -9.92 8.85
N ASN E 141 -20.97 -8.93 9.29
CA ASN E 141 -19.81 -9.20 10.13
C ASN E 141 -20.08 -9.01 11.62
N PHE E 142 -21.30 -8.60 12.01
CA PHE E 142 -21.65 -8.54 13.43
C PHE E 142 -21.71 -9.93 14.05
N TRP E 143 -21.95 -10.96 13.25
CA TRP E 143 -21.97 -12.34 13.74
C TRP E 143 -20.57 -12.78 14.18
N PHE E 144 -19.53 -12.22 13.57
CA PHE E 144 -18.17 -12.54 13.97
C PHE E 144 -17.66 -11.58 15.05
N LYS E 145 -17.92 -10.29 14.90
CA LYS E 145 -17.27 -9.32 15.78
C LYS E 145 -17.87 -9.28 17.19
N PHE E 146 -19.08 -9.78 17.38
CA PHE E 146 -19.66 -9.82 18.72
C PHE E 146 -18.94 -10.88 19.55
N PRO E 147 -18.42 -10.53 20.72
CA PRO E 147 -17.50 -11.45 21.41
C PRO E 147 -18.18 -12.66 22.05
N ARG E 148 -19.41 -12.49 22.55
CA ARG E 148 -20.10 -13.57 23.27
C ARG E 148 -20.34 -14.77 22.38
N THR E 149 -20.56 -14.56 21.09
CA THR E 149 -20.61 -15.67 20.14
C THR E 149 -19.27 -15.93 19.47
N SER E 150 -18.43 -14.88 19.35
CA SER E 150 -17.13 -15.03 18.72
C SER E 150 -16.30 -16.10 19.40
N SER E 151 -16.19 -15.99 20.74
CA SER E 151 -15.35 -16.91 21.52
C SER E 151 -15.81 -18.36 21.35
N LYS E 152 -17.12 -18.58 21.30
CA LYS E 152 -17.65 -19.90 20.98
C LYS E 152 -17.21 -20.35 19.60
N LEU E 153 -17.20 -19.44 18.61
CA LEU E 153 -16.75 -19.84 17.28
C LEU E 153 -15.26 -20.21 17.23
N GLU E 154 -14.35 -19.44 17.85
CA GLU E 154 -12.97 -19.91 17.71
C GLU E 154 -12.70 -21.14 18.56
N HIS E 155 -13.40 -21.30 19.69
CA HIS E 155 -13.22 -22.53 20.46
C HIS E 155 -13.74 -23.75 19.69
N PHE E 156 -14.88 -23.60 19.03
CA PHE E 156 -15.44 -24.67 18.21
C PHE E 156 -14.52 -25.01 17.04
N VAL E 157 -14.01 -24.00 16.34
CA VAL E 157 -13.15 -24.29 15.20
C VAL E 157 -11.81 -24.85 15.66
N SER E 158 -11.36 -24.48 16.86
CA SER E 158 -10.11 -25.04 17.39
C SER E 158 -10.26 -26.53 17.70
N ILE E 159 -11.36 -26.90 18.37
CA ILE E 159 -11.53 -28.33 18.65
C ILE E 159 -11.82 -29.11 17.36
N LEU E 160 -12.44 -28.48 16.35
CA LEU E 160 -12.66 -29.18 15.10
C LEU E 160 -11.36 -29.41 14.33
N LEU E 161 -10.49 -28.40 14.29
CA LEU E 161 -9.21 -28.61 13.61
C LEU E 161 -8.32 -29.58 14.39
N LYS E 162 -8.42 -29.58 15.72
CA LYS E 162 -7.67 -30.55 16.51
C LYS E 162 -8.21 -31.96 16.33
N CYS E 163 -9.52 -32.11 16.15
CA CYS E 163 -10.09 -33.42 15.87
C CYS E 163 -9.71 -33.90 14.48
N PHE E 164 -9.66 -32.99 13.50
CA PHE E 164 -9.24 -33.36 12.16
C PHE E 164 -7.76 -33.67 12.10
N ASP E 165 -6.96 -33.09 13.00
CA ASP E 165 -5.51 -33.25 13.01
C ASP E 165 -5.11 -34.54 13.71
N SER E 166 -6.03 -35.19 14.44
CA SER E 166 -5.67 -36.39 15.20
C SER E 166 -5.47 -37.58 14.26
N PRO E 167 -4.50 -38.45 14.54
CA PRO E 167 -4.27 -39.62 13.69
C PRO E 167 -4.97 -40.90 14.15
N TRP E 168 -5.80 -40.83 15.18
CA TRP E 168 -6.44 -42.03 15.71
C TRP E 168 -7.81 -42.28 15.07
N THR E 169 -8.34 -41.31 14.33
CA THR E 169 -9.62 -41.49 13.65
C THR E 169 -9.55 -42.58 12.59
N THR E 170 -8.42 -42.66 11.87
CA THR E 170 -8.23 -43.72 10.89
C THR E 170 -8.20 -45.10 11.55
N ARG E 171 -7.55 -45.20 12.72
CA ARG E 171 -7.57 -46.45 13.46
C ARG E 171 -8.97 -46.78 13.96
N ALA E 172 -9.73 -45.75 14.35
CA ALA E 172 -11.09 -45.98 14.85
C ALA E 172 -12.02 -46.46 13.75
N LEU E 173 -11.92 -45.88 12.56
CA LEU E 173 -12.82 -46.21 11.45
C LEU E 173 -12.24 -47.25 10.50
N SER E 174 -11.07 -47.80 10.80
CA SER E 174 -10.49 -48.84 9.96
C SER E 174 -11.20 -50.18 10.18
N ASP E 233 1.48 -45.46 20.26
CA ASP E 233 1.05 -46.78 20.70
C ASP E 233 0.17 -46.66 21.94
N LYS E 234 0.68 -45.99 22.97
CA LYS E 234 -0.07 -45.73 24.19
C LYS E 234 -0.08 -44.27 24.57
N LYS E 235 0.99 -43.53 24.24
CA LYS E 235 0.98 -42.08 24.44
C LYS E 235 -0.02 -41.40 23.52
N GLU E 236 -0.22 -41.95 22.32
CA GLU E 236 -1.33 -41.54 21.48
C GLU E 236 -2.67 -41.78 22.18
N GLY E 237 -2.76 -42.88 22.94
CA GLY E 237 -3.96 -43.12 23.72
C GLY E 237 -4.17 -42.07 24.80
N GLU E 238 -3.09 -41.66 25.48
CA GLU E 238 -3.21 -40.59 26.48
C GLU E 238 -3.62 -39.26 25.84
N GLN E 239 -3.02 -38.91 24.70
CA GLN E 239 -3.39 -37.68 24.00
C GLN E 239 -4.85 -37.73 23.56
N ALA E 240 -5.29 -38.88 23.04
CA ALA E 240 -6.67 -39.03 22.62
C ALA E 240 -7.63 -38.92 23.80
N LYS E 241 -7.27 -39.51 24.95
CA LYS E 241 -8.09 -39.39 26.16
C LYS E 241 -8.20 -37.94 26.62
N ALA E 242 -7.09 -37.20 26.56
CA ALA E 242 -7.13 -35.78 26.87
C ALA E 242 -8.07 -35.03 25.93
N LEU E 243 -8.06 -35.39 24.65
CA LEU E 243 -8.95 -34.69 23.72
C LEU E 243 -10.41 -35.13 23.89
N PHE E 244 -10.64 -36.37 24.36
CA PHE E 244 -11.99 -36.73 24.82
C PHE E 244 -12.44 -35.85 25.98
N GLU E 245 -11.55 -35.58 26.92
CA GLU E 245 -11.92 -34.72 28.05
C GLU E 245 -12.24 -33.30 27.56
N LYS E 246 -11.45 -32.81 26.59
CA LYS E 246 -11.71 -31.48 26.03
C LYS E 246 -13.05 -31.42 25.30
N VAL E 247 -13.35 -32.42 24.46
CA VAL E 247 -14.60 -32.37 23.71
C VAL E 247 -15.80 -32.62 24.63
N LYS E 248 -15.61 -33.37 25.71
CA LYS E 248 -16.68 -33.53 26.69
C LYS E 248 -16.94 -32.23 27.42
N LYS E 249 -15.88 -31.48 27.75
CA LYS E 249 -16.05 -30.16 28.34
C LYS E 249 -16.79 -29.22 27.40
N PHE E 250 -16.43 -29.26 26.11
CA PHE E 250 -17.12 -28.43 25.11
C PHE E 250 -18.60 -28.79 25.02
N ARG E 251 -18.91 -30.09 24.98
CA ARG E 251 -20.29 -30.55 24.87
C ARG E 251 -21.11 -30.17 26.09
N THR E 252 -20.51 -30.29 27.29
CA THR E 252 -21.24 -29.90 28.49
C THR E 252 -21.41 -28.38 28.60
N HIS E 253 -20.47 -27.61 28.04
CA HIS E 253 -20.56 -26.16 28.20
C HIS E 253 -21.50 -25.53 27.18
N VAL E 254 -21.21 -25.70 25.88
CA VAL E 254 -21.88 -24.88 24.87
C VAL E 254 -23.28 -25.32 24.52
N GLU E 255 -23.75 -26.45 25.08
CA GLU E 255 -25.02 -27.02 24.63
C GLU E 255 -26.22 -26.20 25.12
N GLU E 256 -26.11 -25.56 26.27
CA GLU E 256 -27.26 -24.92 26.88
C GLU E 256 -27.53 -23.51 26.35
N GLY E 257 -26.70 -23.00 25.44
CA GLY E 257 -26.93 -21.70 24.86
C GLY E 257 -27.92 -21.72 23.71
N ASP E 258 -28.27 -20.52 23.24
CA ASP E 258 -29.02 -20.40 22.00
C ASP E 258 -28.61 -19.16 21.20
N ILE E 259 -27.57 -18.45 21.63
CA ILE E 259 -27.33 -17.08 21.16
C ILE E 259 -26.87 -17.06 19.71
N VAL E 260 -26.08 -18.05 19.29
CA VAL E 260 -25.58 -18.08 17.91
C VAL E 260 -26.72 -18.30 16.93
N TYR E 261 -27.60 -19.25 17.23
CA TYR E 261 -28.78 -19.48 16.40
C TYR E 261 -29.70 -18.27 16.37
N ARG E 262 -29.89 -17.63 17.53
CA ARG E 262 -30.76 -16.45 17.60
C ARG E 262 -30.21 -15.30 16.77
N LEU E 263 -28.89 -15.04 16.87
CA LEU E 263 -28.31 -13.96 16.09
C LEU E 263 -28.30 -14.28 14.61
N TYR E 264 -28.04 -15.52 14.23
CA TYR E 264 -28.02 -15.83 12.81
C TYR E 264 -29.41 -15.84 12.20
N MET E 265 -30.46 -16.01 13.01
CA MET E 265 -31.80 -15.75 12.53
C MET E 265 -32.08 -14.26 12.39
N ARG E 266 -31.68 -13.48 13.42
CA ARG E 266 -31.98 -12.05 13.45
C ARG E 266 -31.25 -11.28 12.38
N GLN E 267 -30.08 -11.75 11.93
CA GLN E 267 -29.38 -11.08 10.85
C GLN E 267 -30.07 -11.28 9.52
N THR E 268 -30.46 -12.52 9.22
CA THR E 268 -31.10 -12.80 7.95
C THR E 268 -32.47 -12.14 7.85
N ILE E 269 -33.21 -12.07 8.95
CA ILE E 269 -34.54 -11.46 8.87
C ILE E 269 -34.44 -9.96 8.58
N ILE E 270 -33.44 -9.27 9.14
CA ILE E 270 -33.34 -7.85 8.86
C ILE E 270 -32.69 -7.60 7.49
N LYS E 271 -31.89 -8.54 6.99
CA LYS E 271 -31.41 -8.40 5.61
C LYS E 271 -32.56 -8.53 4.62
N VAL E 272 -33.50 -9.44 4.88
CA VAL E 272 -34.69 -9.55 4.04
C VAL E 272 -35.55 -8.29 4.15
N ILE E 273 -35.69 -7.75 5.37
CA ILE E 273 -36.45 -6.51 5.57
C ILE E 273 -35.83 -5.36 4.80
N LYS E 274 -34.49 -5.25 4.85
CA LYS E 274 -33.78 -4.20 4.11
C LYS E 274 -33.97 -4.37 2.61
N PHE E 275 -33.90 -5.59 2.11
CA PHE E 275 -34.27 -5.86 0.71
C PHE E 275 -35.66 -5.36 0.37
N ALA E 276 -36.64 -5.63 1.25
CA ALA E 276 -38.01 -5.18 0.98
C ALA E 276 -38.08 -3.67 0.89
N LEU E 277 -37.40 -2.97 1.80
CA LEU E 277 -37.42 -1.51 1.79
C LEU E 277 -36.73 -0.93 0.55
N ILE E 278 -35.57 -1.47 0.18
CA ILE E 278 -34.82 -0.95 -0.97
C ILE E 278 -35.60 -1.15 -2.26
N ILE E 279 -36.13 -2.36 -2.47
CA ILE E 279 -36.89 -2.60 -3.69
C ILE E 279 -38.20 -1.81 -3.67
N CYS E 280 -38.75 -1.53 -2.48
CA CYS E 280 -39.96 -0.74 -2.39
C CYS E 280 -39.72 0.69 -2.87
N TYR E 281 -38.63 1.33 -2.44
CA TYR E 281 -38.55 2.76 -2.72
C TYR E 281 -37.65 3.13 -3.89
N THR E 282 -36.59 2.35 -4.18
CA THR E 282 -35.63 2.75 -5.21
C THR E 282 -36.25 2.71 -6.60
N VAL E 283 -36.97 1.64 -6.93
CA VAL E 283 -37.60 1.56 -8.23
C VAL E 283 -38.78 2.52 -8.34
N TYR E 284 -39.33 2.96 -7.20
CA TYR E 284 -40.38 3.96 -7.25
C TYR E 284 -39.81 5.34 -7.57
N TYR E 285 -38.65 5.67 -7.02
CA TYR E 285 -38.06 6.98 -7.24
C TYR E 285 -37.07 7.02 -8.39
N VAL E 286 -36.83 5.91 -9.08
CA VAL E 286 -35.77 5.86 -10.08
C VAL E 286 -36.13 6.64 -11.34
N HIS E 287 -37.41 6.93 -11.58
CA HIS E 287 -37.77 7.62 -12.81
C HIS E 287 -37.74 9.14 -12.67
N ASN E 288 -37.36 9.66 -11.52
CA ASN E 288 -37.26 11.10 -11.32
C ASN E 288 -35.89 11.66 -11.67
N ILE E 289 -35.10 10.95 -12.47
CA ILE E 289 -33.86 11.46 -13.02
C ILE E 289 -34.02 11.56 -14.53
N LYS E 290 -33.61 12.70 -15.09
CA LYS E 290 -33.94 13.00 -16.48
C LYS E 290 -32.94 14.01 -17.02
N PHE E 291 -32.82 14.02 -18.35
CA PHE E 291 -31.88 14.91 -19.01
C PHE E 291 -32.40 16.35 -19.01
N ASP E 292 -33.69 16.55 -19.19
CA ASP E 292 -34.27 17.88 -19.34
C ASP E 292 -35.10 18.21 -18.10
N VAL E 293 -34.87 19.37 -17.53
CA VAL E 293 -35.60 19.82 -16.35
C VAL E 293 -35.92 21.30 -16.52
N ASP E 294 -37.13 21.68 -16.12
CA ASP E 294 -37.59 23.06 -16.18
C ASP E 294 -37.67 23.62 -14.77
N CYS E 295 -37.01 24.74 -14.52
CA CYS E 295 -37.07 25.41 -13.23
C CYS E 295 -37.67 26.79 -13.41
N THR E 296 -38.73 27.07 -12.67
CA THR E 296 -39.31 28.41 -12.55
C THR E 296 -39.14 28.81 -11.10
N VAL E 297 -38.02 29.50 -10.80
CA VAL E 297 -37.55 29.63 -9.43
C VAL E 297 -37.75 31.04 -8.89
N ASP E 298 -38.26 31.96 -9.71
CA ASP E 298 -38.62 33.33 -9.32
C ASP E 298 -37.41 34.09 -8.79
N ILE E 299 -36.45 34.31 -9.68
CA ILE E 299 -35.37 35.25 -9.45
C ILE E 299 -35.38 36.24 -10.63
N GLU E 300 -36.10 37.34 -10.45
CA GLU E 300 -36.28 38.32 -11.51
C GLU E 300 -35.53 39.61 -11.26
N SER E 301 -35.28 39.96 -10.00
CA SER E 301 -34.56 41.18 -9.68
C SER E 301 -33.05 40.99 -9.73
N LEU E 302 -32.59 39.83 -10.17
CA LEU E 302 -31.16 39.56 -10.27
C LEU E 302 -30.72 39.19 -11.67
N THR E 303 -31.56 38.49 -12.45
CA THR E 303 -31.23 38.14 -13.82
C THR E 303 -32.08 38.88 -14.82
N GLY E 304 -33.41 38.78 -14.70
CA GLY E 304 -34.29 39.45 -15.64
C GLY E 304 -35.33 38.53 -16.23
N TYR E 305 -34.99 37.25 -16.36
CA TYR E 305 -35.91 36.25 -16.88
C TYR E 305 -36.55 35.47 -15.74
N ARG E 306 -37.62 34.75 -16.06
CA ARG E 306 -38.41 34.06 -15.06
C ARG E 306 -38.32 32.55 -15.15
N THR E 307 -38.38 31.97 -16.34
CA THR E 307 -38.33 30.53 -16.53
C THR E 307 -37.07 30.15 -17.27
N TYR E 308 -36.56 28.96 -16.96
CA TYR E 308 -35.30 28.50 -17.51
C TYR E 308 -35.45 27.06 -17.98
N ARG E 309 -34.69 26.72 -19.02
CA ARG E 309 -34.59 25.35 -19.50
C ARG E 309 -33.19 24.85 -19.22
N CYS E 310 -33.07 23.67 -18.63
CA CYS E 310 -31.79 23.18 -18.17
C CYS E 310 -31.51 21.80 -18.74
N ALA E 311 -30.26 21.37 -18.57
CA ALA E 311 -29.83 20.06 -19.01
C ALA E 311 -28.90 19.47 -17.97
N HIS E 312 -29.24 18.28 -17.48
CA HIS E 312 -28.43 17.60 -16.50
C HIS E 312 -27.56 16.59 -17.21
N PRO E 313 -26.25 16.78 -17.31
CA PRO E 313 -25.42 15.93 -18.18
C PRO E 313 -25.02 14.61 -17.56
N LEU E 314 -25.52 14.23 -16.39
CA LEU E 314 -25.13 12.99 -15.73
C LEU E 314 -26.30 12.01 -15.59
N ALA E 315 -27.47 12.35 -16.14
CA ALA E 315 -28.68 11.59 -15.86
C ALA E 315 -28.65 10.20 -16.48
N THR E 316 -28.12 10.07 -17.70
CA THR E 316 -28.09 8.77 -18.36
C THR E 316 -27.15 7.80 -17.64
N LEU E 317 -25.96 8.28 -17.26
CA LEU E 317 -25.03 7.46 -16.52
C LEU E 317 -25.57 7.08 -15.15
N PHE E 318 -26.25 8.03 -14.49
CA PHE E 318 -26.85 7.72 -13.19
C PHE E 318 -27.98 6.71 -13.32
N LYS E 319 -28.75 6.75 -14.41
CA LYS E 319 -29.79 5.75 -14.62
C LYS E 319 -29.20 4.39 -14.89
N ILE E 320 -28.09 4.34 -15.64
CA ILE E 320 -27.39 3.06 -15.88
C ILE E 320 -26.92 2.47 -14.55
N LEU E 321 -26.29 3.30 -13.72
CA LEU E 321 -25.81 2.83 -12.42
C LEU E 321 -26.96 2.40 -11.51
N ALA E 322 -28.07 3.13 -11.56
CA ALA E 322 -29.23 2.78 -10.74
C ALA E 322 -29.82 1.44 -11.16
N SER E 323 -29.94 1.20 -12.47
CA SER E 323 -30.47 -0.08 -12.94
C SER E 323 -29.55 -1.24 -12.56
N PHE E 324 -28.23 -1.02 -12.69
CA PHE E 324 -27.27 -2.04 -12.28
C PHE E 324 -27.39 -2.34 -10.78
N TYR E 325 -27.55 -1.29 -9.97
CA TYR E 325 -27.69 -1.47 -8.53
C TYR E 325 -28.98 -2.21 -8.18
N ILE E 326 -30.07 -1.93 -8.89
CA ILE E 326 -31.33 -2.63 -8.62
C ILE E 326 -31.20 -4.12 -8.95
N SER E 327 -30.56 -4.45 -10.07
CA SER E 327 -30.35 -5.86 -10.40
C SER E 327 -29.47 -6.56 -9.36
N LEU E 328 -28.44 -5.87 -8.89
CA LEU E 328 -27.57 -6.44 -7.87
C LEU E 328 -28.31 -6.66 -6.56
N VAL E 329 -29.15 -5.70 -6.16
CA VAL E 329 -30.00 -5.85 -4.98
C VAL E 329 -30.93 -7.05 -5.15
N ILE E 330 -31.47 -7.23 -6.35
CA ILE E 330 -32.38 -8.34 -6.62
C ILE E 330 -31.68 -9.69 -6.41
N PHE E 331 -30.46 -9.82 -6.94
CA PHE E 331 -29.70 -11.06 -6.74
C PHE E 331 -29.41 -11.30 -5.25
N TYR E 332 -29.01 -10.24 -4.54
CA TYR E 332 -28.77 -10.31 -3.10
C TYR E 332 -30.01 -10.79 -2.36
N GLY E 333 -31.17 -10.26 -2.72
CA GLY E 333 -32.39 -10.61 -2.01
C GLY E 333 -32.88 -12.01 -2.29
N LEU E 334 -32.70 -12.49 -3.53
CA LEU E 334 -33.03 -13.88 -3.80
C LEU E 334 -32.13 -14.83 -3.00
N ILE E 335 -30.83 -14.50 -2.90
CA ILE E 335 -29.93 -15.34 -2.10
C ILE E 335 -30.35 -15.34 -0.63
N CYS E 336 -30.67 -14.15 -0.10
CA CYS E 336 -31.07 -14.04 1.30
C CYS E 336 -32.39 -14.74 1.58
N MET E 337 -33.35 -14.63 0.65
CA MET E 337 -34.62 -15.32 0.84
C MET E 337 -34.46 -16.83 0.78
N TYR E 338 -33.57 -17.33 -0.09
CA TYR E 338 -33.32 -18.77 -0.13
C TYR E 338 -32.72 -19.27 1.17
N THR E 339 -31.70 -18.57 1.69
CA THR E 339 -31.08 -19.07 2.92
C THR E 339 -32.00 -18.89 4.13
N LEU E 340 -32.86 -17.86 4.13
CA LEU E 340 -33.84 -17.73 5.20
C LEU E 340 -34.89 -18.85 5.14
N TRP E 341 -35.31 -19.23 3.93
CA TRP E 341 -36.25 -20.34 3.80
C TRP E 341 -35.63 -21.65 4.25
N TRP E 342 -34.36 -21.88 3.91
CA TRP E 342 -33.66 -23.08 4.36
C TRP E 342 -33.57 -23.12 5.88
N MET E 343 -33.22 -21.98 6.50
CA MET E 343 -33.12 -21.89 7.95
C MET E 343 -34.47 -22.12 8.63
N LEU E 344 -35.55 -21.57 8.08
CA LEU E 344 -36.85 -21.76 8.69
C LEU E 344 -37.40 -23.16 8.47
N ARG E 345 -37.01 -23.82 7.38
CA ARG E 345 -37.63 -25.09 7.05
C ARG E 345 -36.92 -26.29 7.67
N ARG E 346 -35.59 -26.33 7.64
CA ARG E 346 -34.90 -27.61 7.82
C ARG E 346 -34.76 -28.07 9.27
N SER E 347 -35.50 -27.48 10.22
CA SER E 347 -35.48 -27.85 11.64
C SER E 347 -34.04 -27.82 12.19
N LEU E 348 -33.47 -26.61 12.17
CA LEU E 348 -32.04 -26.41 12.27
C LEU E 348 -31.48 -26.64 13.67
N LYS E 349 -32.35 -26.72 14.70
CA LYS E 349 -31.86 -26.68 16.07
C LYS E 349 -31.22 -28.00 16.50
N LYS E 350 -31.76 -29.13 16.06
CA LYS E 350 -31.28 -30.43 16.50
C LYS E 350 -30.79 -31.25 15.30
N TYR E 351 -29.78 -32.08 15.54
CA TYR E 351 -29.17 -32.88 14.49
C TYR E 351 -29.70 -34.31 14.53
N SER E 352 -29.94 -34.87 13.36
CA SER E 352 -30.40 -36.25 13.20
C SER E 352 -29.18 -37.11 12.85
N PHE E 353 -28.45 -37.51 13.89
CA PHE E 353 -27.13 -38.10 13.70
C PHE E 353 -27.17 -39.59 13.39
N GLU E 354 -28.34 -40.22 13.51
CA GLU E 354 -28.44 -41.68 13.42
C GLU E 354 -28.18 -42.23 12.03
N SER E 355 -28.11 -41.39 11.00
CA SER E 355 -27.91 -41.86 9.64
C SER E 355 -26.49 -42.37 9.38
N ILE E 356 -25.56 -42.17 10.31
CA ILE E 356 -24.17 -42.51 10.07
C ILE E 356 -23.66 -43.60 11.02
N ARG E 357 -24.36 -43.81 12.14
CA ARG E 357 -23.90 -44.79 13.13
C ARG E 357 -24.05 -46.23 12.66
N GLU E 358 -24.99 -46.49 11.74
CA GLU E 358 -25.12 -47.83 11.19
C GLU E 358 -23.87 -48.25 10.42
N GLU E 359 -23.31 -47.33 9.63
CA GLU E 359 -22.11 -47.68 8.88
C GLU E 359 -20.84 -47.54 9.69
N SER E 360 -20.82 -46.64 10.69
CA SER E 360 -19.63 -46.50 11.51
C SER E 360 -19.60 -47.50 12.66
N SER E 361 -20.67 -48.29 12.85
CA SER E 361 -20.72 -49.41 13.78
C SER E 361 -20.55 -48.97 15.24
N TYR E 362 -20.86 -47.72 15.54
CA TYR E 362 -20.80 -47.17 16.90
C TYR E 362 -22.24 -46.75 17.23
N SER E 363 -23.02 -47.71 17.76
CA SER E 363 -24.44 -47.47 17.96
C SER E 363 -24.74 -46.59 19.15
N ASP E 364 -23.77 -46.37 20.03
CA ASP E 364 -23.97 -45.54 21.22
C ASP E 364 -23.50 -44.11 20.96
N ILE E 365 -24.28 -43.38 20.16
CA ILE E 365 -24.03 -41.98 19.88
C ILE E 365 -25.36 -41.23 20.00
N PRO E 366 -25.44 -40.14 20.74
CA PRO E 366 -26.72 -39.44 20.92
C PRO E 366 -26.95 -38.33 19.91
N ASP E 367 -28.16 -37.76 19.94
CA ASP E 367 -28.50 -36.62 19.09
C ASP E 367 -28.25 -35.32 19.84
N VAL E 368 -27.59 -34.39 19.17
CA VAL E 368 -27.22 -33.11 19.76
C VAL E 368 -28.45 -32.24 19.91
N LYS E 369 -28.62 -31.62 21.07
CA LYS E 369 -29.87 -30.94 21.40
C LYS E 369 -30.02 -29.62 20.65
N ASN E 370 -29.15 -28.64 20.93
CA ASN E 370 -29.32 -27.31 20.37
C ASN E 370 -28.03 -26.51 20.46
N ASP E 371 -27.88 -25.58 19.52
CA ASP E 371 -26.82 -24.56 19.42
C ASP E 371 -25.44 -25.15 19.12
N PHE E 372 -25.36 -26.48 19.08
CA PHE E 372 -24.19 -27.21 18.60
C PHE E 372 -24.51 -27.95 17.32
N ALA E 373 -25.75 -28.39 17.17
CA ALA E 373 -26.23 -28.92 15.90
C ALA E 373 -26.30 -27.86 14.83
N PHE E 374 -26.53 -26.60 15.22
CA PHE E 374 -26.45 -25.50 14.25
C PHE E 374 -25.05 -25.38 13.68
N MET E 375 -24.04 -25.42 14.54
CA MET E 375 -22.66 -25.37 14.07
C MET E 375 -22.32 -26.60 13.26
N LEU E 376 -22.89 -27.76 13.61
CA LEU E 376 -22.57 -28.98 12.88
C LEU E 376 -23.21 -28.96 11.49
N HIS E 377 -24.43 -28.43 11.37
CA HIS E 377 -25.01 -28.13 10.06
C HIS E 377 -24.17 -27.14 9.27
N LEU E 378 -23.68 -26.10 9.95
CA LEU E 378 -22.92 -25.07 9.25
C LEU E 378 -21.56 -25.57 8.77
N ILE E 379 -21.02 -26.61 9.40
CA ILE E 379 -19.81 -27.24 8.88
C ILE E 379 -20.14 -28.31 7.84
N ASP E 380 -21.27 -29.01 8.00
CA ASP E 380 -21.71 -29.99 7.02
C ASP E 380 -22.02 -29.34 5.68
N GLN E 381 -22.49 -28.09 5.71
CA GLN E 381 -22.68 -27.34 4.46
C GLN E 381 -21.36 -27.11 3.74
N TYR E 382 -20.29 -26.86 4.49
CA TYR E 382 -18.96 -26.80 3.88
C TYR E 382 -18.57 -28.15 3.30
N ASP E 383 -18.42 -29.16 4.16
CA ASP E 383 -18.13 -30.51 3.73
C ASP E 383 -18.54 -31.49 4.82
N PRO E 384 -18.94 -32.70 4.47
CA PRO E 384 -19.39 -33.66 5.49
C PRO E 384 -18.29 -34.45 6.16
N LEU E 385 -17.03 -34.26 5.79
CA LEU E 385 -15.96 -35.07 6.38
C LEU E 385 -15.68 -34.67 7.83
N TYR E 386 -15.81 -33.38 8.15
CA TYR E 386 -15.53 -32.93 9.50
C TYR E 386 -16.57 -33.43 10.49
N SER E 387 -17.83 -33.55 10.06
CA SER E 387 -18.83 -34.23 10.87
C SER E 387 -18.72 -35.74 10.78
N LYS E 388 -18.14 -36.26 9.68
CA LYS E 388 -17.91 -37.69 9.55
C LYS E 388 -16.94 -38.21 10.61
N ARG E 389 -15.83 -37.50 10.81
CA ARG E 389 -14.85 -37.92 11.81
C ARG E 389 -15.05 -37.26 13.16
N PHE E 390 -16.27 -36.79 13.45
CA PHE E 390 -16.62 -36.30 14.77
C PHE E 390 -17.39 -37.31 15.60
N ALA E 391 -17.87 -38.40 14.99
CA ALA E 391 -18.55 -39.45 15.73
C ALA E 391 -17.61 -40.21 16.65
N VAL E 392 -16.36 -40.41 16.21
CA VAL E 392 -15.42 -41.26 16.93
C VAL E 392 -14.93 -40.63 18.22
N PHE E 393 -15.11 -39.33 18.40
CA PHE E 393 -14.59 -38.64 19.58
C PHE E 393 -15.65 -38.39 20.65
N LEU E 394 -16.82 -39.02 20.55
CA LEU E 394 -17.83 -38.82 21.58
C LEU E 394 -18.55 -40.11 21.95
N SER E 395 -18.26 -41.23 21.28
CA SER E 395 -19.00 -42.47 21.48
C SER E 395 -18.41 -43.30 22.62
N GLU E 396 -19.31 -43.82 23.47
CA GLU E 396 -18.92 -44.59 24.64
C GLU E 396 -18.11 -45.84 24.28
N VAL E 397 -18.49 -46.53 23.21
CA VAL E 397 -17.69 -47.68 22.79
C VAL E 397 -16.32 -47.22 22.30
N SER E 398 -16.21 -45.98 21.81
CA SER E 398 -14.90 -45.48 21.40
C SER E 398 -13.99 -45.24 22.60
N GLU E 399 -14.52 -44.65 23.69
CA GLU E 399 -13.66 -44.55 24.88
C GLU E 399 -13.35 -45.93 25.47
N ASN E 400 -14.30 -46.87 25.37
CA ASN E 400 -14.01 -48.22 25.87
C ASN E 400 -12.93 -48.93 25.06
N LYS E 401 -12.97 -48.81 23.73
CA LYS E 401 -11.91 -49.41 22.92
C LYS E 401 -10.56 -48.75 23.17
N LEU E 402 -10.55 -47.42 23.36
CA LEU E 402 -9.31 -46.78 23.75
C LEU E 402 -8.83 -47.24 25.12
N ARG E 403 -9.76 -47.51 26.04
CA ARG E 403 -9.42 -47.98 27.38
C ARG E 403 -8.76 -49.36 27.33
N GLN E 404 -9.35 -50.29 26.57
CA GLN E 404 -8.73 -51.61 26.46
C GLN E 404 -7.44 -51.57 25.64
N LEU E 405 -7.33 -50.63 24.69
CA LEU E 405 -6.07 -50.48 23.97
C LEU E 405 -4.96 -49.97 24.89
N ASN E 406 -5.31 -49.07 25.80
CA ASN E 406 -4.33 -48.59 26.77
C ASN E 406 -3.98 -49.66 27.80
N LEU E 407 -4.97 -50.45 28.23
CA LEU E 407 -4.71 -51.49 29.23
C LEU E 407 -3.87 -52.61 28.65
N ASN E 408 -4.24 -53.12 27.48
CA ASN E 408 -3.53 -54.24 26.86
C ASN E 408 -2.26 -53.77 26.16
N PRO F 15 -0.47 -5.39 19.69
CA PRO F 15 0.30 -6.64 19.62
C PRO F 15 -0.48 -7.84 20.15
N ALA F 16 -0.85 -7.80 21.42
CA ALA F 16 -1.60 -8.88 22.07
C ALA F 16 -2.70 -8.33 22.96
N TYR F 17 -3.26 -7.18 22.60
CA TYR F 17 -4.32 -6.55 23.38
C TYR F 17 -5.71 -6.85 22.83
N ARG F 18 -5.83 -7.77 21.86
CA ARG F 18 -7.10 -7.99 21.18
C ARG F 18 -8.13 -8.62 22.11
N ILE F 19 -7.70 -9.33 23.14
CA ILE F 19 -8.63 -10.04 24.01
C ILE F 19 -9.18 -9.08 25.07
N LEU F 20 -8.43 -8.06 25.42
CA LEU F 20 -8.76 -7.17 26.53
C LEU F 20 -9.68 -6.02 26.13
N LYS F 21 -10.46 -6.16 25.06
CA LYS F 21 -11.39 -5.13 24.66
C LYS F 21 -12.82 -5.65 24.78
N PRO F 22 -13.67 -5.05 25.62
CA PRO F 22 -15.07 -5.48 25.68
C PRO F 22 -15.87 -5.07 24.45
N TRP F 23 -17.16 -5.40 24.41
CA TRP F 23 -17.95 -5.16 23.21
C TRP F 23 -18.23 -3.68 22.99
N TRP F 24 -18.24 -2.88 24.06
CA TRP F 24 -18.46 -1.45 23.88
C TRP F 24 -17.24 -0.72 23.33
N ASP F 25 -16.09 -1.38 23.24
CA ASP F 25 -14.91 -0.80 22.63
C ASP F 25 -14.69 -1.29 21.20
N VAL F 26 -15.67 -1.99 20.63
CA VAL F 26 -15.66 -2.35 19.21
C VAL F 26 -16.58 -1.44 18.43
N PHE F 27 -17.80 -1.23 18.95
CA PHE F 27 -18.69 -0.21 18.40
C PHE F 27 -18.05 1.16 18.46
N THR F 28 -17.31 1.43 19.54
CA THR F 28 -16.53 2.66 19.66
C THR F 28 -15.51 2.77 18.53
N ASP F 29 -14.82 1.67 18.21
CA ASP F 29 -13.81 1.70 17.16
C ASP F 29 -14.43 1.96 15.79
N TYR F 30 -15.54 1.29 15.48
CA TYR F 30 -16.16 1.48 14.17
C TYR F 30 -16.81 2.84 14.04
N ILE F 31 -17.43 3.35 15.11
CA ILE F 31 -17.96 4.70 15.11
C ILE F 31 -16.83 5.71 14.92
N SER F 32 -15.70 5.49 15.60
CA SER F 32 -14.58 6.41 15.50
C SER F 32 -13.87 6.35 14.16
N ILE F 33 -13.99 5.27 13.40
CA ILE F 33 -13.36 5.25 12.08
C ILE F 33 -14.33 5.84 11.05
N VAL F 34 -15.64 5.66 11.24
CA VAL F 34 -16.56 6.26 10.29
C VAL F 34 -16.66 7.77 10.51
N MET F 35 -16.44 8.24 11.75
CA MET F 35 -16.30 9.67 11.99
C MET F 35 -15.12 10.25 11.23
N LEU F 36 -13.99 9.54 11.25
CA LEU F 36 -12.81 9.99 10.54
C LEU F 36 -13.05 10.01 9.03
N MET F 37 -13.77 9.01 8.50
CA MET F 37 -13.98 8.99 7.06
C MET F 37 -14.94 10.09 6.61
N ILE F 38 -15.97 10.40 7.41
CA ILE F 38 -16.83 11.52 7.01
C ILE F 38 -16.11 12.85 7.23
N ALA F 39 -15.19 12.90 8.19
CA ALA F 39 -14.40 14.11 8.42
C ALA F 39 -13.49 14.39 7.23
N VAL F 40 -12.80 13.36 6.74
CA VAL F 40 -11.90 13.59 5.60
C VAL F 40 -12.71 13.82 4.32
N PHE F 41 -13.92 13.26 4.22
CA PHE F 41 -14.78 13.55 3.08
C PHE F 41 -15.20 15.02 3.06
N GLY F 42 -15.67 15.54 4.20
CA GLY F 42 -16.02 16.95 4.27
C GLY F 42 -14.82 17.86 4.08
N GLY F 43 -13.66 17.44 4.60
CA GLY F 43 -12.45 18.24 4.43
C GLY F 43 -12.01 18.33 2.98
N THR F 44 -12.03 17.20 2.26
CA THR F 44 -11.62 17.27 0.86
C THR F 44 -12.67 17.99 0.02
N LEU F 45 -13.94 17.96 0.42
CA LEU F 45 -14.94 18.79 -0.26
C LEU F 45 -14.64 20.28 -0.09
N GLN F 46 -14.37 20.69 1.15
CA GLN F 46 -14.15 22.11 1.43
C GLN F 46 -12.85 22.61 0.82
N VAL F 47 -11.83 21.75 0.77
CA VAL F 47 -10.61 22.12 0.05
C VAL F 47 -10.86 22.16 -1.45
N THR F 48 -11.72 21.26 -1.96
CA THR F 48 -11.93 21.17 -3.40
C THR F 48 -12.65 22.40 -3.93
N GLN F 49 -13.88 22.66 -3.50
CA GLN F 49 -14.56 23.86 -4.01
C GLN F 49 -14.88 24.88 -2.92
N ASP F 50 -15.82 24.59 -2.02
CA ASP F 50 -16.37 25.50 -1.00
C ASP F 50 -16.47 26.95 -1.46
N LYS F 51 -17.02 27.20 -2.64
CA LYS F 51 -17.03 28.55 -3.16
C LYS F 51 -18.35 29.24 -2.83
N MET F 52 -18.46 30.50 -3.22
CA MET F 52 -19.68 31.28 -3.03
C MET F 52 -19.90 32.12 -4.28
N ILE F 53 -21.15 32.20 -4.74
CA ILE F 53 -21.51 32.99 -5.91
C ILE F 53 -22.38 34.15 -5.45
N CYS F 54 -21.94 35.38 -5.72
CA CYS F 54 -22.63 36.56 -5.25
C CYS F 54 -22.91 37.52 -6.39
N LEU F 55 -24.08 38.13 -6.35
CA LEU F 55 -24.49 39.17 -7.29
C LEU F 55 -24.97 40.38 -6.51
N PRO F 56 -24.78 41.58 -7.05
CA PRO F 56 -25.27 42.78 -6.37
C PRO F 56 -26.76 42.99 -6.58
N CYS F 57 -27.37 43.71 -5.63
CA CYS F 57 -28.77 44.08 -5.71
C CYS F 57 -28.88 45.55 -6.10
N LYS F 58 -29.64 45.82 -7.16
CA LYS F 58 -29.72 47.18 -7.69
C LYS F 58 -30.57 48.08 -6.79
N TRP F 59 -31.69 47.56 -6.28
CA TRP F 59 -32.60 48.33 -5.46
C TRP F 59 -32.50 47.85 -4.02
N VAL F 60 -32.16 48.76 -3.11
CA VAL F 60 -31.94 48.43 -1.71
C VAL F 60 -32.91 49.23 -0.85
N THR F 61 -33.43 48.59 0.21
CA THR F 61 -34.29 49.23 1.20
C THR F 61 -33.83 48.75 2.57
N LYS F 62 -32.85 49.47 3.16
CA LYS F 62 -32.31 49.21 4.49
C LYS F 62 -31.76 47.79 4.61
N ASP F 63 -30.69 47.54 3.83
CA ASP F 63 -29.96 46.27 3.82
C ASP F 63 -30.86 45.10 3.41
N SER F 64 -31.78 45.35 2.48
CA SER F 64 -32.63 44.33 1.93
C SER F 64 -32.88 44.62 0.46
N CYS F 65 -32.77 43.59 -0.37
CA CYS F 65 -33.04 43.74 -1.79
C CYS F 65 -34.54 43.98 -2.00
N ASN F 66 -34.87 45.06 -2.70
CA ASN F 66 -36.24 45.55 -2.75
C ASN F 66 -37.15 44.66 -3.59
N ASP F 67 -36.59 43.73 -4.37
CA ASP F 67 -37.31 42.82 -5.25
C ASP F 67 -38.19 43.58 -6.25
N SER F 68 -37.51 44.38 -7.06
CA SER F 68 -38.17 45.16 -8.10
C SER F 68 -37.52 44.93 -9.46
N THR F 92 -40.63 44.27 -25.42
CA THR F 92 -41.81 43.63 -24.83
C THR F 92 -41.41 42.40 -24.04
N GLY F 93 -40.58 41.55 -24.63
CA GLY F 93 -40.10 40.36 -23.97
C GLY F 93 -39.10 40.67 -22.89
N PRO F 94 -38.83 39.68 -22.03
CA PRO F 94 -37.83 39.89 -20.97
C PRO F 94 -36.43 40.00 -21.53
N THR F 95 -35.60 40.78 -20.85
CA THR F 95 -34.21 40.99 -21.23
C THR F 95 -33.34 40.90 -19.98
N GLY F 96 -32.06 40.63 -20.21
CA GLY F 96 -31.12 40.51 -19.11
C GLY F 96 -30.83 41.86 -18.45
N ILE F 97 -30.22 41.77 -17.28
CA ILE F 97 -29.87 42.94 -16.48
C ILE F 97 -28.37 43.11 -16.52
N LYS F 98 -27.91 44.29 -16.90
CA LYS F 98 -26.49 44.57 -17.03
C LYS F 98 -25.96 45.20 -15.75
N TYR F 99 -24.85 44.67 -15.25
CA TYR F 99 -24.25 45.16 -14.02
C TYR F 99 -22.94 45.92 -14.23
N ASP F 100 -22.32 45.79 -15.40
CA ASP F 100 -21.03 46.41 -15.74
C ASP F 100 -19.94 45.97 -14.77
N LEU F 101 -19.77 44.65 -14.66
CA LEU F 101 -18.74 44.06 -13.82
C LEU F 101 -18.01 43.00 -14.63
N ASP F 102 -16.69 42.99 -14.53
CA ASP F 102 -15.93 41.92 -15.15
C ASP F 102 -15.84 40.74 -14.19
N ARG F 103 -15.22 39.65 -14.67
CA ARG F 103 -15.15 38.41 -13.90
C ARG F 103 -14.34 38.58 -12.61
N HIS F 104 -13.34 39.45 -12.63
CA HIS F 104 -12.39 39.47 -11.53
C HIS F 104 -12.90 40.30 -10.37
N GLN F 105 -13.72 41.32 -10.65
CA GLN F 105 -14.46 41.99 -9.59
C GLN F 105 -15.44 41.05 -8.93
N TYR F 106 -16.06 40.17 -9.72
CA TYR F 106 -16.93 39.13 -9.17
C TYR F 106 -16.15 38.22 -8.25
N ASN F 107 -14.94 37.84 -8.65
CA ASN F 107 -14.11 36.99 -7.79
C ASN F 107 -13.74 37.69 -6.50
N TYR F 108 -13.41 38.98 -6.58
CA TYR F 108 -13.06 39.73 -5.38
C TYR F 108 -14.22 39.82 -4.40
N VAL F 109 -15.40 40.18 -4.90
CA VAL F 109 -16.54 40.33 -4.00
C VAL F 109 -16.98 38.96 -3.48
N ASP F 110 -16.77 37.90 -4.27
CA ASP F 110 -17.06 36.56 -3.79
C ASP F 110 -16.16 36.19 -2.62
N ALA F 111 -14.87 36.47 -2.73
CA ALA F 111 -13.94 36.17 -1.62
C ALA F 111 -14.28 36.98 -0.38
N VAL F 112 -14.57 38.27 -0.56
CA VAL F 112 -14.82 39.13 0.60
C VAL F 112 -16.10 38.72 1.31
N CYS F 113 -17.17 38.46 0.54
CA CYS F 113 -18.42 38.03 1.18
C CYS F 113 -18.32 36.61 1.72
N TYR F 114 -17.43 35.79 1.15
CA TYR F 114 -17.20 34.46 1.70
C TYR F 114 -16.53 34.53 3.05
N GLU F 115 -15.64 35.50 3.25
CA GLU F 115 -15.01 35.56 4.56
C GLU F 115 -15.86 36.30 5.58
N ASN F 116 -16.25 37.55 5.27
CA ASN F 116 -16.74 38.44 6.32
C ASN F 116 -18.14 38.05 6.79
N ARG F 117 -19.07 37.78 5.89
CA ARG F 117 -20.46 37.57 6.25
C ARG F 117 -20.88 36.12 6.10
N LEU F 118 -19.97 35.19 6.39
CA LEU F 118 -20.28 33.78 6.44
C LEU F 118 -19.87 33.24 7.80
N HIS F 119 -20.71 32.40 8.38
CA HIS F 119 -20.46 31.88 9.72
C HIS F 119 -19.26 30.95 9.74
N TRP F 120 -18.56 30.92 10.88
CA TRP F 120 -17.35 30.12 11.00
C TRP F 120 -17.66 28.63 11.02
N PHE F 121 -18.84 28.25 11.51
CA PHE F 121 -19.20 26.84 11.55
C PHE F 121 -19.43 26.27 10.15
N ALA F 122 -19.80 27.11 9.18
CA ALA F 122 -19.98 26.64 7.81
C ALA F 122 -18.66 26.33 7.12
N LYS F 123 -17.55 26.84 7.63
CA LYS F 123 -16.27 26.75 6.95
C LYS F 123 -15.35 25.67 7.52
N TYR F 124 -15.30 25.51 8.84
CA TYR F 124 -14.29 24.67 9.46
C TYR F 124 -14.88 23.46 10.18
N PHE F 125 -16.16 23.17 9.98
CA PHE F 125 -16.81 22.00 10.58
C PHE F 125 -16.10 20.67 10.29
N PRO F 126 -15.61 20.37 9.07
CA PRO F 126 -14.80 19.16 8.91
C PRO F 126 -13.54 19.14 9.78
N TYR F 127 -12.89 20.29 9.95
CA TYR F 127 -11.70 20.33 10.79
C TYR F 127 -12.04 20.12 12.26
N LEU F 128 -13.17 20.68 12.71
CA LEU F 128 -13.63 20.42 14.08
C LEU F 128 -13.91 18.94 14.31
N VAL F 129 -14.64 18.30 13.39
CA VAL F 129 -14.97 16.90 13.63
C VAL F 129 -13.75 16.00 13.47
N LEU F 130 -12.80 16.38 12.61
CA LEU F 130 -11.55 15.62 12.52
C LEU F 130 -10.73 15.72 13.80
N LEU F 131 -10.64 16.94 14.36
CA LEU F 131 -9.93 17.11 15.63
C LEU F 131 -10.59 16.31 16.74
N HIS F 132 -11.93 16.35 16.82
CA HIS F 132 -12.61 15.61 17.87
C HIS F 132 -12.48 14.10 17.70
N THR F 133 -12.49 13.62 16.45
CA THR F 133 -12.27 12.20 16.20
C THR F 133 -10.87 11.78 16.65
N LEU F 134 -9.86 12.60 16.35
CA LEU F 134 -8.51 12.28 16.79
C LEU F 134 -8.38 12.31 18.31
N ILE F 135 -9.09 13.23 18.98
CA ILE F 135 -9.02 13.26 20.44
C ILE F 135 -9.71 12.03 21.03
N PHE F 136 -10.83 11.59 20.43
CA PHE F 136 -11.47 10.35 20.86
C PHE F 136 -10.54 9.15 20.69
N LEU F 137 -9.85 9.07 19.54
CA LEU F 137 -8.94 7.95 19.31
C LEU F 137 -7.76 7.95 20.27
N ALA F 138 -7.19 9.14 20.53
CA ALA F 138 -6.08 9.25 21.46
C ALA F 138 -6.52 8.91 22.88
N CYS F 139 -7.72 9.33 23.27
CA CYS F 139 -8.24 8.98 24.59
C CYS F 139 -8.52 7.48 24.70
N SER F 140 -8.91 6.84 23.59
CA SER F 140 -9.15 5.41 23.63
C SER F 140 -7.86 4.60 23.71
N ASN F 141 -6.81 5.04 23.02
CA ASN F 141 -5.58 4.23 22.93
C ASN F 141 -4.47 4.68 23.87
N PHE F 142 -4.64 5.78 24.61
CA PHE F 142 -3.61 6.19 25.55
C PHE F 142 -3.50 5.22 26.73
N TRP F 143 -4.62 4.57 27.07
CA TRP F 143 -4.61 3.55 28.11
C TRP F 143 -3.72 2.37 27.73
N PHE F 144 -3.77 1.94 26.47
CA PHE F 144 -2.88 0.88 26.01
C PHE F 144 -1.44 1.36 25.87
N LYS F 145 -1.25 2.54 25.27
CA LYS F 145 0.11 2.96 24.92
C LYS F 145 0.90 3.52 26.08
N PHE F 146 0.27 3.79 27.22
CA PHE F 146 1.01 4.22 28.40
C PHE F 146 1.80 3.04 28.93
N PRO F 147 3.13 3.17 29.09
CA PRO F 147 3.94 1.99 29.42
C PRO F 147 3.71 1.43 30.81
N ARG F 148 3.35 2.28 31.78
CA ARG F 148 3.18 1.82 33.16
C ARG F 148 2.07 0.79 33.29
N THR F 149 0.96 0.99 32.58
CA THR F 149 -0.09 -0.01 32.53
C THR F 149 0.07 -1.01 31.39
N SER F 150 0.83 -0.65 30.34
CA SER F 150 1.09 -1.58 29.26
C SER F 150 1.90 -2.78 29.74
N SER F 151 2.86 -2.53 30.63
CA SER F 151 3.65 -3.62 31.21
C SER F 151 2.77 -4.59 31.98
N LYS F 152 1.86 -4.06 32.81
CA LYS F 152 0.95 -4.91 33.58
C LYS F 152 0.02 -5.68 32.66
N LEU F 153 -0.48 -5.03 31.61
CA LEU F 153 -1.39 -5.71 30.68
C LEU F 153 -0.69 -6.85 29.95
N GLU F 154 0.54 -6.61 29.46
CA GLU F 154 1.28 -7.66 28.79
C GLU F 154 1.63 -8.80 29.74
N HIS F 155 2.02 -8.48 30.98
CA HIS F 155 2.36 -9.52 31.94
C HIS F 155 1.13 -10.38 32.28
N PHE F 156 -0.02 -9.72 32.49
CA PHE F 156 -1.25 -10.43 32.81
C PHE F 156 -1.71 -11.31 31.66
N VAL F 157 -1.66 -10.79 30.43
CA VAL F 157 -2.11 -11.58 29.30
C VAL F 157 -1.14 -12.72 29.01
N SER F 158 0.16 -12.53 29.32
CA SER F 158 1.12 -13.61 29.12
C SER F 158 0.89 -14.75 30.10
N ILE F 159 0.71 -14.44 31.38
CA ILE F 159 0.45 -15.51 32.33
C ILE F 159 -0.94 -16.09 32.13
N LEU F 160 -1.86 -15.31 31.56
CA LEU F 160 -3.17 -15.86 31.20
C LEU F 160 -3.07 -16.88 30.08
N LEU F 161 -2.25 -16.59 29.06
CA LEU F 161 -2.05 -17.57 27.99
C LEU F 161 -1.32 -18.81 28.49
N LYS F 162 -0.36 -18.63 29.41
CA LYS F 162 0.31 -19.79 29.98
C LYS F 162 -0.63 -20.63 30.85
N CYS F 163 -1.56 -19.97 31.56
CA CYS F 163 -2.56 -20.71 32.32
C CYS F 163 -3.53 -21.46 31.42
N PHE F 164 -3.95 -20.81 30.33
CA PHE F 164 -4.86 -21.45 29.37
C PHE F 164 -4.20 -22.62 28.66
N ASP F 165 -2.91 -22.52 28.38
CA ASP F 165 -2.20 -23.56 27.63
C ASP F 165 -1.62 -24.65 28.52
N SER F 166 -1.85 -24.60 29.83
CA SER F 166 -1.35 -25.63 30.72
C SER F 166 -2.29 -26.83 30.69
N PRO F 167 -1.81 -28.03 30.33
CA PRO F 167 -2.71 -29.17 30.23
C PRO F 167 -3.14 -29.76 31.56
N TRP F 168 -2.51 -29.34 32.66
CA TRP F 168 -2.84 -29.87 33.98
C TRP F 168 -4.18 -29.36 34.51
N THR F 169 -4.75 -28.34 33.87
CA THR F 169 -6.07 -27.85 34.27
C THR F 169 -7.15 -28.90 34.06
N THR F 170 -7.06 -29.66 32.96
CA THR F 170 -8.04 -30.70 32.69
C THR F 170 -8.02 -31.78 33.75
N ARG F 171 -6.82 -32.19 34.18
CA ARG F 171 -6.72 -33.18 35.25
C ARG F 171 -7.14 -32.59 36.59
N ALA F 172 -6.91 -31.29 36.80
CA ALA F 172 -7.31 -30.69 38.07
C ALA F 172 -8.82 -30.49 38.17
N LEU F 173 -9.49 -30.28 37.04
CA LEU F 173 -10.91 -29.94 37.05
C LEU F 173 -11.82 -31.13 36.76
N SER F 174 -11.37 -32.10 35.97
CA SER F 174 -12.20 -33.26 35.65
C SER F 174 -12.39 -34.17 36.86
N ASP F 233 3.14 -37.10 33.99
CA ASP F 233 2.94 -37.21 35.43
C ASP F 233 3.80 -36.21 36.20
N LYS F 234 5.12 -36.35 36.07
CA LYS F 234 6.06 -35.57 36.88
C LYS F 234 6.55 -34.32 36.15
N LYS F 235 7.03 -34.47 34.91
CA LYS F 235 7.62 -33.36 34.16
C LYS F 235 6.62 -32.22 34.02
N GLU F 236 5.38 -32.55 33.61
CA GLU F 236 4.28 -31.60 33.66
C GLU F 236 4.04 -31.10 35.08
N GLY F 237 4.43 -31.89 36.08
CA GLY F 237 4.45 -31.38 37.45
C GLY F 237 5.39 -30.21 37.64
N GLU F 238 6.60 -30.29 37.05
CA GLU F 238 7.50 -29.13 37.18
C GLU F 238 7.04 -27.92 36.36
N GLN F 239 6.50 -28.12 35.15
CA GLN F 239 5.95 -26.91 34.50
C GLN F 239 4.73 -26.36 35.25
N ALA F 240 3.91 -27.23 35.82
CA ALA F 240 2.75 -26.76 36.57
C ALA F 240 3.17 -26.00 37.84
N LYS F 241 4.21 -26.46 38.53
CA LYS F 241 4.66 -25.72 39.71
C LYS F 241 5.37 -24.43 39.30
N ALA F 242 6.03 -24.41 38.13
CA ALA F 242 6.54 -23.15 37.61
C ALA F 242 5.42 -22.15 37.41
N LEU F 243 4.31 -22.60 36.80
CA LEU F 243 3.11 -21.79 36.69
C LEU F 243 2.59 -21.34 38.06
N PHE F 244 2.58 -22.26 39.04
CA PHE F 244 1.99 -21.97 40.35
C PHE F 244 2.75 -20.85 41.07
N GLU F 245 4.07 -21.00 41.21
CA GLU F 245 4.81 -19.91 41.87
C GLU F 245 4.95 -18.65 41.02
N LYS F 246 4.90 -18.70 39.68
CA LYS F 246 4.92 -17.40 39.03
C LYS F 246 3.56 -16.71 39.06
N VAL F 247 2.46 -17.47 39.14
CA VAL F 247 1.16 -16.86 39.40
C VAL F 247 1.12 -16.27 40.81
N LYS F 248 1.74 -16.95 41.77
CA LYS F 248 1.87 -16.39 43.12
C LYS F 248 2.69 -15.10 43.11
N LYS F 249 3.77 -15.07 42.33
CA LYS F 249 4.58 -13.87 42.20
C LYS F 249 3.81 -12.73 41.57
N PHE F 250 3.01 -13.03 40.54
CA PHE F 250 2.18 -12.00 39.91
C PHE F 250 1.12 -11.46 40.87
N ARG F 251 0.50 -12.35 41.65
CA ARG F 251 -0.50 -11.93 42.62
C ARG F 251 0.12 -11.06 43.70
N THR F 252 1.34 -11.38 44.13
CA THR F 252 2.05 -10.50 45.05
C THR F 252 2.40 -9.16 44.38
N HIS F 253 2.70 -9.19 43.09
CA HIS F 253 3.20 -8.01 42.40
C HIS F 253 2.10 -6.98 42.12
N VAL F 254 0.91 -7.42 41.70
CA VAL F 254 -0.08 -6.49 41.15
C VAL F 254 -1.23 -6.21 42.10
N GLU F 255 -1.26 -6.82 43.29
CA GLU F 255 -2.42 -6.68 44.16
C GLU F 255 -2.52 -5.27 44.73
N GLU F 256 -1.40 -4.67 45.12
CA GLU F 256 -1.44 -3.42 45.87
C GLU F 256 -1.69 -2.20 44.98
N GLY F 257 -1.70 -2.36 43.66
CA GLY F 257 -1.85 -1.22 42.79
C GLY F 257 -3.24 -0.63 42.80
N ASP F 258 -3.34 0.60 42.26
CA ASP F 258 -4.65 1.22 42.04
C ASP F 258 -4.67 2.06 40.77
N ILE F 259 -3.86 1.71 39.78
CA ILE F 259 -3.60 2.62 38.66
C ILE F 259 -4.52 2.38 37.48
N VAL F 260 -4.75 1.12 37.10
CA VAL F 260 -5.49 0.82 35.87
C VAL F 260 -6.96 1.18 36.03
N TYR F 261 -7.53 0.89 37.20
CA TYR F 261 -8.93 1.25 37.45
C TYR F 261 -9.11 2.76 37.44
N ARG F 262 -8.16 3.50 38.01
CA ARG F 262 -8.23 4.95 37.99
C ARG F 262 -8.12 5.51 36.58
N LEU F 263 -7.24 4.92 35.76
CA LEU F 263 -7.12 5.33 34.37
C LEU F 263 -8.41 5.07 33.60
N TYR F 264 -9.03 3.91 33.82
CA TYR F 264 -10.26 3.60 33.13
C TYR F 264 -11.44 4.43 33.62
N MET F 265 -11.40 4.89 34.87
CA MET F 265 -12.32 5.92 35.35
C MET F 265 -12.16 7.22 34.59
N ARG F 266 -10.93 7.75 34.59
CA ARG F 266 -10.70 9.09 34.03
C ARG F 266 -10.93 9.13 32.54
N GLN F 267 -10.58 8.05 31.83
CA GLN F 267 -10.78 7.99 30.38
C GLN F 267 -12.25 8.10 30.01
N THR F 268 -13.09 7.26 30.63
CA THR F 268 -14.51 7.30 30.31
C THR F 268 -15.18 8.58 30.82
N ILE F 269 -14.70 9.13 31.93
CA ILE F 269 -15.26 10.38 32.44
C ILE F 269 -15.01 11.52 31.45
N ILE F 270 -13.77 11.65 30.97
CA ILE F 270 -13.51 12.74 30.03
C ILE F 270 -14.16 12.48 28.68
N LYS F 271 -14.35 11.20 28.31
CA LYS F 271 -15.08 10.90 27.08
C LYS F 271 -16.54 11.35 27.19
N VAL F 272 -17.18 11.08 28.33
CA VAL F 272 -18.58 11.48 28.51
C VAL F 272 -18.71 13.01 28.55
N ILE F 273 -17.78 13.67 29.24
CA ILE F 273 -17.82 15.14 29.31
C ILE F 273 -17.61 15.77 27.93
N LYS F 274 -16.68 15.22 27.15
CA LYS F 274 -16.44 15.76 25.80
C LYS F 274 -17.64 15.52 24.89
N PHE F 275 -18.28 14.35 25.01
CA PHE F 275 -19.52 14.09 24.27
C PHE F 275 -20.61 15.10 24.62
N ALA F 276 -20.76 15.40 25.92
CA ALA F 276 -21.74 16.37 26.35
C ALA F 276 -21.46 17.76 25.79
N LEU F 277 -20.18 18.15 25.75
CA LEU F 277 -19.82 19.45 25.20
C LEU F 277 -20.07 19.52 23.69
N ILE F 278 -19.75 18.44 22.98
CA ILE F 278 -19.97 18.41 21.52
C ILE F 278 -21.44 18.55 21.21
N ILE F 279 -22.30 17.81 21.93
CA ILE F 279 -23.73 17.94 21.70
C ILE F 279 -24.25 19.28 22.17
N CYS F 280 -23.60 19.88 23.19
CA CYS F 280 -24.01 21.20 23.64
C CYS F 280 -23.83 22.26 22.56
N TYR F 281 -22.72 22.22 21.83
CA TYR F 281 -22.48 23.30 20.88
C TYR F 281 -22.96 22.99 19.46
N THR F 282 -22.92 21.73 19.03
CA THR F 282 -23.14 21.41 17.62
C THR F 282 -24.59 21.64 17.21
N VAL F 283 -25.54 21.15 18.01
CA VAL F 283 -26.94 21.32 17.64
C VAL F 283 -27.37 22.77 17.78
N TYR F 284 -26.68 23.55 18.60
CA TYR F 284 -27.00 24.97 18.69
C TYR F 284 -26.49 25.73 17.48
N TYR F 285 -25.31 25.37 16.98
CA TYR F 285 -24.72 26.09 15.86
C TYR F 285 -24.98 25.47 14.50
N VAL F 286 -25.75 24.38 14.43
CA VAL F 286 -25.96 23.71 13.14
C VAL F 286 -26.93 24.48 12.25
N HIS F 287 -27.76 25.35 12.81
CA HIS F 287 -28.76 26.05 12.02
C HIS F 287 -28.19 27.24 11.26
N ASN F 288 -26.91 27.55 11.44
CA ASN F 288 -26.31 28.71 10.79
C ASN F 288 -25.79 28.43 9.38
N ILE F 289 -25.96 27.22 8.87
CA ILE F 289 -25.58 26.90 7.49
C ILE F 289 -26.84 26.96 6.62
N LYS F 290 -26.75 27.67 5.51
CA LYS F 290 -27.94 27.98 4.72
C LYS F 290 -27.52 28.33 3.30
N PHE F 291 -28.40 28.04 2.36
CA PHE F 291 -28.10 28.24 0.95
C PHE F 291 -28.00 29.72 0.59
N ASP F 292 -28.80 30.56 1.23
CA ASP F 292 -28.85 31.98 0.93
C ASP F 292 -28.21 32.78 2.05
N VAL F 293 -27.39 33.77 1.68
CA VAL F 293 -26.77 34.64 2.65
C VAL F 293 -26.58 36.01 2.02
N ASP F 294 -26.83 37.06 2.78
CA ASP F 294 -26.76 38.43 2.31
C ASP F 294 -25.60 39.13 2.99
N CYS F 295 -24.68 39.66 2.20
CA CYS F 295 -23.56 40.41 2.74
C CYS F 295 -23.75 41.89 2.45
N THR F 296 -23.33 42.72 3.41
CA THR F 296 -23.36 44.17 3.27
C THR F 296 -22.01 44.65 3.79
N VAL F 297 -21.06 44.81 2.87
CA VAL F 297 -19.65 44.92 3.22
C VAL F 297 -19.17 46.37 3.21
N ASP F 298 -19.80 47.25 2.43
CA ASP F 298 -19.38 48.63 2.19
C ASP F 298 -17.97 48.68 1.60
N ILE F 299 -17.88 48.15 0.39
CA ILE F 299 -16.75 48.38 -0.50
C ILE F 299 -17.31 48.99 -1.79
N GLU F 300 -17.37 50.31 -1.82
CA GLU F 300 -17.92 50.99 -2.98
C GLU F 300 -16.85 51.38 -3.99
N SER F 301 -15.66 51.74 -3.51
CA SER F 301 -14.63 52.28 -4.39
C SER F 301 -14.03 51.23 -5.32
N LEU F 302 -14.34 49.95 -5.13
CA LEU F 302 -13.81 48.91 -5.99
C LEU F 302 -14.84 48.32 -6.94
N THR F 303 -16.10 48.23 -6.53
CA THR F 303 -17.16 47.71 -7.38
C THR F 303 -18.21 48.76 -7.72
N GLY F 304 -18.75 49.43 -6.72
CA GLY F 304 -19.77 50.44 -6.95
C GLY F 304 -21.05 50.18 -6.20
N TYR F 305 -21.45 48.92 -6.11
CA TYR F 305 -22.63 48.54 -5.35
C TYR F 305 -22.29 48.39 -3.88
N ARG F 306 -23.31 48.16 -3.07
CA ARG F 306 -23.13 48.12 -1.62
C ARG F 306 -23.60 46.82 -0.98
N THR F 307 -24.73 46.27 -1.41
CA THR F 307 -25.26 45.04 -0.86
C THR F 307 -25.30 43.98 -1.94
N TYR F 308 -25.06 42.73 -1.56
CA TYR F 308 -24.94 41.65 -2.51
C TYR F 308 -25.77 40.47 -2.04
N ARG F 309 -26.23 39.66 -3.00
CA ARG F 309 -27.01 38.46 -2.73
C ARG F 309 -26.14 37.27 -3.11
N CYS F 310 -25.79 36.45 -2.12
CA CYS F 310 -24.88 35.34 -2.32
C CYS F 310 -25.65 34.02 -2.32
N ALA F 311 -24.92 32.93 -2.60
CA ALA F 311 -25.53 31.60 -2.67
C ALA F 311 -24.44 30.58 -2.36
N HIS F 312 -24.47 30.04 -1.14
CA HIS F 312 -23.54 28.99 -0.76
C HIS F 312 -24.12 27.65 -1.19
N PRO F 313 -23.52 26.96 -2.17
CA PRO F 313 -24.17 25.78 -2.75
C PRO F 313 -23.95 24.48 -1.99
N LEU F 314 -22.95 24.43 -1.12
CA LEU F 314 -22.66 23.20 -0.39
C LEU F 314 -23.43 23.10 0.92
N ALA F 315 -24.36 24.02 1.17
CA ALA F 315 -25.02 24.10 2.47
C ALA F 315 -25.89 22.87 2.75
N THR F 316 -26.62 22.40 1.75
CA THR F 316 -27.49 21.25 1.95
C THR F 316 -26.69 19.98 2.27
N LEU F 317 -25.61 19.75 1.53
CA LEU F 317 -24.80 18.57 1.77
C LEU F 317 -24.05 18.66 3.10
N PHE F 318 -23.64 19.87 3.48
CA PHE F 318 -23.03 20.05 4.79
C PHE F 318 -24.03 19.84 5.90
N LYS F 319 -25.30 20.22 5.69
CA LYS F 319 -26.32 19.95 6.70
C LYS F 319 -26.60 18.45 6.82
N ILE F 320 -26.58 17.74 5.69
CA ILE F 320 -26.73 16.28 5.72
C ILE F 320 -25.61 15.65 6.53
N LEU F 321 -24.37 16.05 6.26
CA LEU F 321 -23.21 15.51 6.97
C LEU F 321 -23.27 15.85 8.46
N ALA F 322 -23.67 17.08 8.79
CA ALA F 322 -23.74 17.49 10.18
C ALA F 322 -24.82 16.71 10.94
N SER F 323 -25.98 16.51 10.33
CA SER F 323 -27.04 15.74 10.99
C SER F 323 -26.63 14.29 11.20
N PHE F 324 -25.96 13.70 10.20
CA PHE F 324 -25.45 12.35 10.36
C PHE F 324 -24.45 12.26 11.50
N TYR F 325 -23.54 13.25 11.58
CA TYR F 325 -22.55 13.28 12.65
C TYR F 325 -23.20 13.41 14.01
N ILE F 326 -24.22 14.27 14.13
CA ILE F 326 -24.89 14.46 15.41
C ILE F 326 -25.59 13.17 15.87
N SER F 327 -26.33 12.52 14.97
CA SER F 327 -27.01 11.29 15.34
C SER F 327 -26.02 10.19 15.74
N LEU F 328 -24.92 10.10 15.00
CA LEU F 328 -23.93 9.07 15.26
C LEU F 328 -23.20 9.32 16.59
N VAL F 329 -22.95 10.59 16.93
CA VAL F 329 -22.31 10.84 18.22
C VAL F 329 -23.31 10.74 19.38
N ILE F 330 -24.61 10.90 19.14
CA ILE F 330 -25.60 10.48 20.14
C ILE F 330 -25.49 8.98 20.43
N PHE F 331 -25.35 8.17 19.36
CA PHE F 331 -25.18 6.74 19.56
C PHE F 331 -23.93 6.42 20.37
N TYR F 332 -22.82 7.10 20.04
CA TYR F 332 -21.58 6.95 20.81
C TYR F 332 -21.73 7.36 22.27
N GLY F 333 -22.42 8.48 22.50
CA GLY F 333 -22.60 8.95 23.87
C GLY F 333 -23.46 8.04 24.71
N LEU F 334 -24.52 7.47 24.12
CA LEU F 334 -25.31 6.48 24.84
C LEU F 334 -24.49 5.23 25.18
N ILE F 335 -23.63 4.79 24.25
CA ILE F 335 -22.78 3.64 24.54
C ILE F 335 -21.84 3.94 25.71
N CYS F 336 -21.21 5.11 25.70
CA CYS F 336 -20.30 5.47 26.79
C CYS F 336 -21.04 5.67 28.10
N MET F 337 -22.26 6.20 28.05
CA MET F 337 -23.05 6.35 29.27
C MET F 337 -23.41 5.01 29.86
N TYR F 338 -23.76 4.03 29.00
CA TYR F 338 -24.07 2.70 29.50
C TYR F 338 -22.85 2.04 30.13
N THR F 339 -21.68 2.16 29.50
CA THR F 339 -20.51 1.50 30.09
C THR F 339 -20.05 2.21 31.37
N LEU F 340 -20.24 3.52 31.47
CA LEU F 340 -19.94 4.21 32.72
C LEU F 340 -20.89 3.78 33.83
N TRP F 341 -22.18 3.65 33.51
CA TRP F 341 -23.15 3.19 34.50
C TRP F 341 -22.84 1.78 34.96
N TRP F 342 -22.47 0.89 34.02
CA TRP F 342 -22.12 -0.48 34.39
C TRP F 342 -20.91 -0.51 35.31
N MET F 343 -19.86 0.25 34.99
CA MET F 343 -18.64 0.16 35.76
C MET F 343 -18.77 0.85 37.12
N LEU F 344 -19.66 1.85 37.23
CA LEU F 344 -19.95 2.42 38.53
C LEU F 344 -21.02 1.66 39.31
N ARG F 345 -21.73 0.73 38.68
CA ARG F 345 -22.76 -0.02 39.37
C ARG F 345 -22.26 -1.36 39.91
N ARG F 346 -21.48 -2.10 39.13
CA ARG F 346 -21.08 -3.43 39.56
C ARG F 346 -20.04 -3.42 40.68
N SER F 347 -19.47 -2.26 41.01
CA SER F 347 -18.45 -2.11 42.05
C SER F 347 -17.24 -3.01 41.77
N LEU F 348 -16.57 -2.72 40.66
CA LEU F 348 -15.50 -3.56 40.12
C LEU F 348 -14.20 -3.49 40.89
N LYS F 349 -14.17 -2.83 42.05
CA LYS F 349 -12.94 -2.76 42.84
C LYS F 349 -12.54 -4.14 43.34
N LYS F 350 -13.48 -4.90 43.88
CA LYS F 350 -13.21 -6.21 44.45
C LYS F 350 -14.00 -7.28 43.70
N TYR F 351 -13.53 -8.53 43.79
CA TYR F 351 -14.14 -9.65 43.10
C TYR F 351 -14.51 -10.73 44.11
N SER F 352 -15.78 -11.13 44.11
CA SER F 352 -16.18 -12.37 44.76
C SER F 352 -15.93 -13.55 43.82
N PHE F 353 -15.79 -14.73 44.41
CA PHE F 353 -15.38 -15.89 43.63
C PHE F 353 -16.22 -17.12 44.02
N GLU F 354 -17.46 -16.89 44.46
CA GLU F 354 -18.27 -17.96 45.03
C GLU F 354 -18.77 -18.93 43.97
N SER F 355 -19.19 -18.42 42.80
CA SER F 355 -19.82 -19.26 41.78
C SER F 355 -18.83 -20.22 41.13
N ILE F 356 -17.54 -19.97 41.25
CA ILE F 356 -16.53 -20.88 40.70
C ILE F 356 -16.22 -22.00 41.68
N ARG F 357 -16.04 -21.64 42.96
CA ARG F 357 -15.74 -22.65 43.97
C ARG F 357 -16.94 -23.54 44.25
N GLU F 358 -18.15 -23.03 44.03
CA GLU F 358 -19.36 -23.84 44.24
C GLU F 358 -19.43 -25.01 43.26
N GLU F 359 -18.98 -24.81 42.03
CA GLU F 359 -18.96 -25.87 41.04
C GLU F 359 -17.69 -26.71 41.09
N SER F 360 -16.53 -26.09 41.36
CA SER F 360 -15.29 -26.84 41.37
C SER F 360 -15.08 -27.65 42.65
N SER F 361 -15.80 -27.31 43.72
CA SER F 361 -15.65 -27.94 45.04
C SER F 361 -14.21 -27.84 45.56
N TYR F 362 -13.64 -26.64 45.42
CA TYR F 362 -12.36 -26.27 46.02
C TYR F 362 -12.70 -25.23 47.09
N SER F 363 -12.81 -25.68 48.34
CA SER F 363 -13.31 -24.83 49.42
C SER F 363 -12.32 -23.75 49.85
N ASP F 364 -11.07 -23.81 49.40
CA ASP F 364 -10.04 -22.88 49.81
C ASP F 364 -9.68 -21.97 48.63
N ILE F 365 -10.39 -20.86 48.51
CA ILE F 365 -10.06 -19.86 47.49
C ILE F 365 -10.23 -18.48 48.12
N PRO F 366 -9.32 -17.54 47.84
CA PRO F 366 -9.49 -16.19 48.38
C PRO F 366 -10.21 -15.25 47.43
N ASP F 367 -10.43 -14.02 47.87
CA ASP F 367 -11.04 -12.97 47.05
C ASP F 367 -9.98 -11.91 46.73
N VAL F 368 -9.89 -11.54 45.45
CA VAL F 368 -8.91 -10.55 45.02
C VAL F 368 -9.33 -9.17 45.51
N LYS F 369 -8.36 -8.37 45.96
CA LYS F 369 -8.69 -7.10 46.61
C LYS F 369 -8.98 -6.00 45.60
N ASN F 370 -7.97 -5.59 44.82
CA ASN F 370 -8.14 -4.47 43.89
C ASN F 370 -7.03 -4.45 42.85
N ASP F 371 -7.35 -3.87 41.69
CA ASP F 371 -6.52 -3.63 40.50
C ASP F 371 -6.12 -4.92 39.78
N PHE F 372 -6.42 -6.07 40.36
CA PHE F 372 -6.43 -7.35 39.68
C PHE F 372 -7.84 -7.91 39.59
N ALA F 373 -8.69 -7.56 40.56
CA ALA F 373 -10.10 -7.89 40.50
C ALA F 373 -10.79 -7.20 39.32
N PHE F 374 -10.48 -5.92 39.11
CA PHE F 374 -11.08 -5.19 37.99
C PHE F 374 -10.62 -5.75 36.64
N MET F 375 -9.33 -6.09 36.55
CA MET F 375 -8.80 -6.65 35.31
C MET F 375 -9.42 -8.02 35.02
N LEU F 376 -9.61 -8.82 36.07
CA LEU F 376 -10.24 -10.12 35.85
C LEU F 376 -11.75 -9.96 35.62
N HIS F 377 -12.35 -8.90 36.15
CA HIS F 377 -13.71 -8.54 35.75
C HIS F 377 -13.80 -8.26 34.26
N LEU F 378 -12.81 -7.55 33.73
CA LEU F 378 -12.80 -7.24 32.30
C LEU F 378 -12.66 -8.51 31.46
N ILE F 379 -11.77 -9.42 31.86
CA ILE F 379 -11.66 -10.67 31.10
C ILE F 379 -12.89 -11.55 31.31
N ASP F 380 -13.59 -11.42 32.45
CA ASP F 380 -14.84 -12.13 32.65
C ASP F 380 -15.94 -11.58 31.74
N GLN F 381 -15.96 -10.26 31.54
CA GLN F 381 -16.90 -9.67 30.58
C GLN F 381 -16.55 -10.07 29.15
N TYR F 382 -15.28 -10.36 28.88
CA TYR F 382 -14.96 -11.02 27.63
C TYR F 382 -15.62 -12.39 27.55
N ASP F 383 -15.32 -13.27 28.51
CA ASP F 383 -16.00 -14.55 28.62
C ASP F 383 -15.77 -15.11 30.02
N PRO F 384 -16.65 -15.99 30.51
CA PRO F 384 -16.44 -16.58 31.84
C PRO F 384 -15.51 -17.77 31.87
N LEU F 385 -15.20 -18.39 30.73
CA LEU F 385 -14.41 -19.62 30.72
C LEU F 385 -12.93 -19.36 30.99
N TYR F 386 -12.41 -18.23 30.49
CA TYR F 386 -11.02 -17.85 30.78
C TYR F 386 -10.82 -17.58 32.28
N SER F 387 -11.83 -17.03 32.95
CA SER F 387 -11.78 -16.90 34.40
C SER F 387 -12.03 -18.23 35.10
N LYS F 388 -12.78 -19.13 34.46
CA LYS F 388 -13.01 -20.46 35.02
C LYS F 388 -11.70 -21.25 35.12
N ARG F 389 -10.91 -21.26 34.05
CA ARG F 389 -9.66 -22.01 34.05
C ARG F 389 -8.56 -21.32 34.85
N PHE F 390 -8.76 -20.09 35.30
CA PHE F 390 -7.81 -19.42 36.18
C PHE F 390 -8.00 -19.78 37.65
N ALA F 391 -9.01 -20.59 37.97
CA ALA F 391 -9.32 -20.92 39.35
C ALA F 391 -8.34 -21.90 39.96
N VAL F 392 -7.89 -22.90 39.20
CA VAL F 392 -7.13 -24.01 39.78
C VAL F 392 -5.72 -23.59 40.18
N PHE F 393 -5.21 -22.49 39.67
CA PHE F 393 -3.86 -22.04 39.98
C PHE F 393 -3.82 -21.11 41.18
N LEU F 394 -4.81 -21.19 42.07
CA LEU F 394 -4.82 -20.37 43.26
C LEU F 394 -5.16 -21.16 44.52
N SER F 395 -5.60 -22.42 44.40
CA SER F 395 -6.02 -23.21 45.55
C SER F 395 -4.84 -24.01 46.10
N GLU F 396 -4.61 -23.89 47.40
CA GLU F 396 -3.51 -24.63 48.00
C GLU F 396 -3.78 -26.12 48.07
N VAL F 397 -5.04 -26.56 48.07
CA VAL F 397 -5.30 -27.99 47.97
C VAL F 397 -4.93 -28.50 46.57
N SER F 398 -5.09 -27.66 45.54
CA SER F 398 -4.58 -27.99 44.22
C SER F 398 -3.05 -28.06 44.23
N GLU F 399 -2.42 -27.17 45.00
CA GLU F 399 -0.96 -27.25 45.17
C GLU F 399 -0.55 -28.55 45.86
N ASN F 400 -1.30 -28.97 46.88
CA ASN F 400 -1.00 -30.24 47.55
C ASN F 400 -1.17 -31.43 46.62
N LYS F 401 -2.22 -31.42 45.79
CA LYS F 401 -2.41 -32.49 44.82
C LYS F 401 -1.26 -32.51 43.80
N LEU F 402 -0.81 -31.33 43.35
CA LEU F 402 0.30 -31.28 42.41
C LEU F 402 1.59 -31.80 43.03
N ARG F 403 1.89 -31.40 44.27
CA ARG F 403 3.13 -31.85 44.88
C ARG F 403 3.07 -33.33 45.26
N GLN F 404 1.87 -33.85 45.56
CA GLN F 404 1.73 -35.28 45.80
C GLN F 404 1.96 -36.08 44.53
N LEU F 405 1.39 -35.63 43.42
CA LEU F 405 1.65 -36.28 42.13
C LEU F 405 3.10 -36.12 41.69
N ASN F 406 3.77 -35.06 42.12
CA ASN F 406 5.20 -34.91 41.81
C ASN F 406 6.05 -35.85 42.65
N LEU F 407 5.75 -35.99 43.93
CA LEU F 407 6.55 -36.86 44.79
C LEU F 407 6.31 -38.33 44.49
N ASN F 408 5.07 -38.72 44.19
CA ASN F 408 4.77 -40.12 43.89
C ASN F 408 3.98 -40.24 42.59
#